data_1EBW
# 
_entry.id   1EBW 
# 
_audit_conform.dict_name       mmcif_pdbx.dic 
_audit_conform.dict_version    5.385 
_audit_conform.dict_location   http://mmcif.pdb.org/dictionaries/ascii/mmcif_pdbx.dic 
# 
loop_
_database_2.database_id 
_database_2.database_code 
_database_2.pdbx_database_accession 
_database_2.pdbx_DOI 
PDB   1EBW         pdb_00001ebw 10.2210/pdb1ebw/pdb 
RCSB  RCSB010440   ?            ?                   
WWPDB D_1000010440 ?            ?                   
# 
loop_
_pdbx_audit_revision_history.ordinal 
_pdbx_audit_revision_history.data_content_type 
_pdbx_audit_revision_history.major_revision 
_pdbx_audit_revision_history.minor_revision 
_pdbx_audit_revision_history.revision_date 
1 'Structure model' 1 0 2002-06-26 
2 'Structure model' 1 1 2008-04-27 
3 'Structure model' 1 2 2011-07-13 
4 'Structure model' 1 3 2024-02-07 
# 
_pdbx_audit_revision_details.ordinal             1 
_pdbx_audit_revision_details.revision_ordinal    1 
_pdbx_audit_revision_details.data_content_type   'Structure model' 
_pdbx_audit_revision_details.provider            repository 
_pdbx_audit_revision_details.type                'Initial release' 
_pdbx_audit_revision_details.description         ? 
_pdbx_audit_revision_details.details             ? 
# 
loop_
_pdbx_audit_revision_group.ordinal 
_pdbx_audit_revision_group.revision_ordinal 
_pdbx_audit_revision_group.data_content_type 
_pdbx_audit_revision_group.group 
1 2 'Structure model' 'Version format compliance' 
2 3 'Structure model' 'Version format compliance' 
3 4 'Structure model' 'Data collection'           
4 4 'Structure model' 'Database references'       
5 4 'Structure model' 'Derived calculations'      
# 
loop_
_pdbx_audit_revision_category.ordinal 
_pdbx_audit_revision_category.revision_ordinal 
_pdbx_audit_revision_category.data_content_type 
_pdbx_audit_revision_category.category 
1 4 'Structure model' chem_comp_atom 
2 4 'Structure model' chem_comp_bond 
3 4 'Structure model' database_2     
4 4 'Structure model' struct_site    
# 
loop_
_pdbx_audit_revision_item.ordinal 
_pdbx_audit_revision_item.revision_ordinal 
_pdbx_audit_revision_item.data_content_type 
_pdbx_audit_revision_item.item 
1 4 'Structure model' '_database_2.pdbx_DOI'                
2 4 'Structure model' '_database_2.pdbx_database_accession' 
3 4 'Structure model' '_struct_site.pdbx_auth_asym_id'      
4 4 'Structure model' '_struct_site.pdbx_auth_comp_id'      
5 4 'Structure model' '_struct_site.pdbx_auth_seq_id'       
# 
_pdbx_database_status.status_code                     REL 
_pdbx_database_status.entry_id                        1EBW 
_pdbx_database_status.recvd_initial_deposition_date   2000-01-25 
_pdbx_database_status.deposit_site                    RCSB 
_pdbx_database_status.process_site                    RCSB 
_pdbx_database_status.status_code_sf                  REL 
_pdbx_database_status.status_code_mr                  ? 
_pdbx_database_status.SG_entry                        ? 
_pdbx_database_status.pdb_format_compatible           Y 
_pdbx_database_status.status_code_cs                  ? 
_pdbx_database_status.status_code_nmr_data            ? 
_pdbx_database_status.methods_development_category    ? 
# 
loop_
_pdbx_database_related.db_name 
_pdbx_database_related.db_id 
_pdbx_database_related.details 
_pdbx_database_related.content_type 
PDB 1AJV 
;1AJV contains the same protein  
complexed with the cyclic  
sulfamide inhibitor aha006
;
unspecified 
PDB 1AJX 
;1AJX contains the same protein  
complexed with the cyclic  
urea inhibitor aha001
;
unspecified 
PDB 1D4I 
;1D4I contains the same protein  
complexed with the inhibitor  
bea425
;
unspecified 
PDB 1D4H 
;1D4H contains the same protein  
complexed with the inhibitor  
bea435
;
unspecified 
PDB 1D4J 
;1D4J contains the same protein  
complexed with the inhibitor  
msl370
;
unspecified 
PDB 1EBY 'HIV-1 protease in complex with the inhibitor bea369'                                     unspecified 
PDB 1EBZ 'HIV-1 protease in complex with the inhibitor bea388'                                     unspecified 
PDB 1EC0 'HIV-1 protease in complex with the inhibitor bea403'                                     unspecified 
PDB 1EC1 'HIV-1 protease in complex with the inhibitor bea409'                                     unspecified 
PDB 1EC2 'HIV-1 protease in complex with the inhibitor bea428'                                     unspecified 
PDB 1EC3 'HIV-1 protease in complex with the inhibitor msa367'                                     unspecified 
# 
_audit_author.name           'Unge, T.' 
_audit_author.pdbx_ordinal   1 
# 
_citation.id                        primary 
_citation.title                     'Optimization of P1-P3 groups in symmetric and asymmetric HIV-1 protease inhibitors' 
_citation.journal_abbrev            Eur.J.Biochem. 
_citation.journal_volume            270 
_citation.page_first                1746 
_citation.page_last                 1758 
_citation.year                      2003 
_citation.journal_id_ASTM           EJBCAI 
_citation.country                   IX 
_citation.journal_id_ISSN           0014-2956 
_citation.journal_id_CSD            0262 
_citation.book_publisher            ? 
_citation.pdbx_database_id_PubMed   12694187 
_citation.pdbx_database_id_DOI      10.1046/j.1432-1033.2003.03533.x 
# 
loop_
_citation_author.citation_id 
_citation_author.name 
_citation_author.ordinal 
_citation_author.identifier_ORCID 
primary 'Andersson, H.O.'  1  ? 
primary 'Fridborg, K.'     2  ? 
primary 'Lowgren, S.'      3  ? 
primary 'Alterman, M.'     4  ? 
primary 'Muhlman, A.'      5  ? 
primary 'Bjorsne, M.'      6  ? 
primary 'Garg, N.'         7  ? 
primary 'Kvarnstrom, I.'   8  ? 
primary 'Schaal, W.'       9  ? 
primary 'Classon, B.'      10 ? 
primary 'Karlen, A.'       11 ? 
primary 'Danielsson, U.H.' 12 ? 
primary 'Ahlsen, G.'       13 ? 
primary 'Nillroth, U.'     14 ? 
primary 'Vrang, L.'        15 ? 
primary 'Oberg, B.'        16 ? 
primary 'Samuelsson, B.'   17 ? 
primary 'Hallberg, A.'     18 ? 
primary 'Unge, T.'         19 ? 
# 
loop_
_entity.id 
_entity.type 
_entity.src_method 
_entity.pdbx_description 
_entity.formula_weight 
_entity.pdbx_number_of_molecules 
_entity.pdbx_ec 
_entity.pdbx_mutation 
_entity.pdbx_fragment 
_entity.details 
1 polymer     man 'HIV-1 PROTEASE'                                               10803.756 2   3.4.23.16 ? 'FRAGMENT 69-167' ? 
2 non-polymer syn 'N,N-[2,5-O-[DIBENZYL]-GLUCARYL]-DI-[ISOLEUCYL-AMIDO-METHANE]' 642.783   1   ?         ? ?                 ? 
3 water       nat water                                                          18.015    121 ?         ? ?                 ? 
# 
_entity_poly.entity_id                      1 
_entity_poly.type                           'polypeptide(L)' 
_entity_poly.nstd_linkage                   no 
_entity_poly.nstd_monomer                   no 
_entity_poly.pdbx_seq_one_letter_code       
;PQITLWQRPLVTIKIGGQLKEALLDTGADDTVLEEMSLPGRWKPKMIGGIGGFIKVRQYDQILIEICGHKAIGTVLVGPT
PVNIIGRNLLTQIGCTLNF
;
_entity_poly.pdbx_seq_one_letter_code_can   
;PQITLWQRPLVTIKIGGQLKEALLDTGADDTVLEEMSLPGRWKPKMIGGIGGFIKVRQYDQILIEICGHKAIGTVLVGPT
PVNIIGRNLLTQIGCTLNF
;
_entity_poly.pdbx_strand_id                 A,B 
_entity_poly.pdbx_target_identifier         ? 
# 
loop_
_pdbx_entity_nonpoly.entity_id 
_pdbx_entity_nonpoly.name 
_pdbx_entity_nonpoly.comp_id 
2 'N,N-[2,5-O-[DIBENZYL]-GLUCARYL]-DI-[ISOLEUCYL-AMIDO-METHANE]' BEI 
3 water                                                          HOH 
# 
loop_
_entity_poly_seq.entity_id 
_entity_poly_seq.num 
_entity_poly_seq.mon_id 
_entity_poly_seq.hetero 
1 1  PRO n 
1 2  GLN n 
1 3  ILE n 
1 4  THR n 
1 5  LEU n 
1 6  TRP n 
1 7  GLN n 
1 8  ARG n 
1 9  PRO n 
1 10 LEU n 
1 11 VAL n 
1 12 THR n 
1 13 ILE n 
1 14 LYS n 
1 15 ILE n 
1 16 GLY n 
1 17 GLY n 
1 18 GLN n 
1 19 LEU n 
1 20 LYS n 
1 21 GLU n 
1 22 ALA n 
1 23 LEU n 
1 24 LEU n 
1 25 ASP n 
1 26 THR n 
1 27 GLY n 
1 28 ALA n 
1 29 ASP n 
1 30 ASP n 
1 31 THR n 
1 32 VAL n 
1 33 LEU n 
1 34 GLU n 
1 35 GLU n 
1 36 MET n 
1 37 SER n 
1 38 LEU n 
1 39 PRO n 
1 40 GLY n 
1 41 ARG n 
1 42 TRP n 
1 43 LYS n 
1 44 PRO n 
1 45 LYS n 
1 46 MET n 
1 47 ILE n 
1 48 GLY n 
1 49 GLY n 
1 50 ILE n 
1 51 GLY n 
1 52 GLY n 
1 53 PHE n 
1 54 ILE n 
1 55 LYS n 
1 56 VAL n 
1 57 ARG n 
1 58 GLN n 
1 59 TYR n 
1 60 ASP n 
1 61 GLN n 
1 62 ILE n 
1 63 LEU n 
1 64 ILE n 
1 65 GLU n 
1 66 ILE n 
1 67 CYS n 
1 68 GLY n 
1 69 HIS n 
1 70 LYS n 
1 71 ALA n 
1 72 ILE n 
1 73 GLY n 
1 74 THR n 
1 75 VAL n 
1 76 LEU n 
1 77 VAL n 
1 78 GLY n 
1 79 PRO n 
1 80 THR n 
1 81 PRO n 
1 82 VAL n 
1 83 ASN n 
1 84 ILE n 
1 85 ILE n 
1 86 GLY n 
1 87 ARG n 
1 88 ASN n 
1 89 LEU n 
1 90 LEU n 
1 91 THR n 
1 92 GLN n 
1 93 ILE n 
1 94 GLY n 
1 95 CYS n 
1 96 THR n 
1 97 LEU n 
1 98 ASN n 
1 99 PHE n 
# 
_entity_src_gen.entity_id                          1 
_entity_src_gen.pdbx_src_id                        1 
_entity_src_gen.pdbx_alt_source_flag               sample 
_entity_src_gen.pdbx_seq_type                      ? 
_entity_src_gen.pdbx_beg_seq_num                   ? 
_entity_src_gen.pdbx_end_seq_num                   ? 
_entity_src_gen.gene_src_common_name               ? 
_entity_src_gen.gene_src_genus                     Lentivirus 
_entity_src_gen.pdbx_gene_src_gene                 ? 
_entity_src_gen.gene_src_species                   ? 
_entity_src_gen.gene_src_strain                    ? 
_entity_src_gen.gene_src_tissue                    ? 
_entity_src_gen.gene_src_tissue_fraction           ? 
_entity_src_gen.gene_src_details                   ? 
_entity_src_gen.pdbx_gene_src_fragment             ? 
_entity_src_gen.pdbx_gene_src_scientific_name      'Human immunodeficiency virus 1' 
_entity_src_gen.pdbx_gene_src_ncbi_taxonomy_id     11676 
_entity_src_gen.pdbx_gene_src_variant              ? 
_entity_src_gen.pdbx_gene_src_cell_line            ? 
_entity_src_gen.pdbx_gene_src_atcc                 ? 
_entity_src_gen.pdbx_gene_src_organ                ? 
_entity_src_gen.pdbx_gene_src_organelle            ? 
_entity_src_gen.pdbx_gene_src_cell                 ? 
_entity_src_gen.pdbx_gene_src_cellular_location    ? 
_entity_src_gen.host_org_common_name               ? 
_entity_src_gen.pdbx_host_org_scientific_name      'Escherichia coli' 
_entity_src_gen.pdbx_host_org_ncbi_taxonomy_id     562 
_entity_src_gen.host_org_genus                     Escherichia 
_entity_src_gen.pdbx_host_org_gene                 ? 
_entity_src_gen.pdbx_host_org_organ                ? 
_entity_src_gen.host_org_species                   ? 
_entity_src_gen.pdbx_host_org_tissue               ? 
_entity_src_gen.pdbx_host_org_tissue_fraction      ? 
_entity_src_gen.pdbx_host_org_strain               ? 
_entity_src_gen.pdbx_host_org_variant              ? 
_entity_src_gen.pdbx_host_org_cell_line            ? 
_entity_src_gen.pdbx_host_org_atcc                 ? 
_entity_src_gen.pdbx_host_org_culture_collection   ? 
_entity_src_gen.pdbx_host_org_cell                 ? 
_entity_src_gen.pdbx_host_org_organelle            ? 
_entity_src_gen.pdbx_host_org_cellular_location    ? 
_entity_src_gen.pdbx_host_org_vector_type          ? 
_entity_src_gen.pdbx_host_org_vector               ? 
_entity_src_gen.host_org_details                   ? 
_entity_src_gen.expression_system_id               ? 
_entity_src_gen.plasmid_name                       PET11C 
_entity_src_gen.plasmid_details                    ? 
_entity_src_gen.pdbx_description                   ? 
# 
loop_
_chem_comp.id 
_chem_comp.type 
_chem_comp.mon_nstd_flag 
_chem_comp.name 
_chem_comp.pdbx_synonyms 
_chem_comp.formula 
_chem_comp.formula_weight 
ALA 'L-peptide linking' y ALANINE                                                        ?                  'C3 H7 N O2'     
89.093  
ARG 'L-peptide linking' y ARGININE                                                       ?                  'C6 H15 N4 O2 1' 
175.209 
ASN 'L-peptide linking' y ASPARAGINE                                                     ?                  'C4 H8 N2 O3'    
132.118 
ASP 'L-peptide linking' y 'ASPARTIC ACID'                                                ?                  'C4 H7 N O4'     
133.103 
BEI non-polymer         . 'N,N-[2,5-O-[DIBENZYL]-GLUCARYL]-DI-[ISOLEUCYL-AMIDO-METHANE]' 'INHIBITOR BEA322' 'C34 H50 N4 O8'  
642.783 
CYS 'L-peptide linking' y CYSTEINE                                                       ?                  'C3 H7 N O2 S'   
121.158 
GLN 'L-peptide linking' y GLUTAMINE                                                      ?                  'C5 H10 N2 O3'   
146.144 
GLU 'L-peptide linking' y 'GLUTAMIC ACID'                                                ?                  'C5 H9 N O4'     
147.129 
GLY 'peptide linking'   y GLYCINE                                                        ?                  'C2 H5 N O2'     
75.067  
HIS 'L-peptide linking' y HISTIDINE                                                      ?                  'C6 H10 N3 O2 1' 
156.162 
HOH non-polymer         . WATER                                                          ?                  'H2 O'           
18.015  
ILE 'L-peptide linking' y ISOLEUCINE                                                     ?                  'C6 H13 N O2'    
131.173 
LEU 'L-peptide linking' y LEUCINE                                                        ?                  'C6 H13 N O2'    
131.173 
LYS 'L-peptide linking' y LYSINE                                                         ?                  'C6 H15 N2 O2 1' 
147.195 
MET 'L-peptide linking' y METHIONINE                                                     ?                  'C5 H11 N O2 S'  
149.211 
PHE 'L-peptide linking' y PHENYLALANINE                                                  ?                  'C9 H11 N O2'    
165.189 
PRO 'L-peptide linking' y PROLINE                                                        ?                  'C5 H9 N O2'     
115.130 
SER 'L-peptide linking' y SERINE                                                         ?                  'C3 H7 N O3'     
105.093 
THR 'L-peptide linking' y THREONINE                                                      ?                  'C4 H9 N O3'     
119.119 
TRP 'L-peptide linking' y TRYPTOPHAN                                                     ?                  'C11 H12 N2 O2'  
204.225 
TYR 'L-peptide linking' y TYROSINE                                                       ?                  'C9 H11 N O3'    
181.189 
VAL 'L-peptide linking' y VALINE                                                         ?                  'C5 H11 N O2'    
117.146 
# 
loop_
_pdbx_poly_seq_scheme.asym_id 
_pdbx_poly_seq_scheme.entity_id 
_pdbx_poly_seq_scheme.seq_id 
_pdbx_poly_seq_scheme.mon_id 
_pdbx_poly_seq_scheme.ndb_seq_num 
_pdbx_poly_seq_scheme.pdb_seq_num 
_pdbx_poly_seq_scheme.auth_seq_num 
_pdbx_poly_seq_scheme.pdb_mon_id 
_pdbx_poly_seq_scheme.auth_mon_id 
_pdbx_poly_seq_scheme.pdb_strand_id 
_pdbx_poly_seq_scheme.pdb_ins_code 
_pdbx_poly_seq_scheme.hetero 
A 1 1  PRO 1  1   1   PRO PRO A . n 
A 1 2  GLN 2  2   2   GLN GLN A . n 
A 1 3  ILE 3  3   3   ILE ILE A . n 
A 1 4  THR 4  4   4   THR THR A . n 
A 1 5  LEU 5  5   5   LEU LEU A . n 
A 1 6  TRP 6  6   6   TRP TRP A . n 
A 1 7  GLN 7  7   7   GLN GLN A . n 
A 1 8  ARG 8  8   8   ARG ARG A . n 
A 1 9  PRO 9  9   9   PRO PRO A . n 
A 1 10 LEU 10 10  10  LEU LEU A . n 
A 1 11 VAL 11 11  11  VAL VAL A . n 
A 1 12 THR 12 12  12  THR THR A . n 
A 1 13 ILE 13 13  13  ILE ILE A . n 
A 1 14 LYS 14 14  14  LYS LYS A . n 
A 1 15 ILE 15 15  15  ILE ILE A . n 
A 1 16 GLY 16 16  16  GLY GLY A . n 
A 1 17 GLY 17 17  17  GLY GLY A . n 
A 1 18 GLN 18 18  18  GLN GLN A . n 
A 1 19 LEU 19 19  19  LEU LEU A . n 
A 1 20 LYS 20 20  20  LYS LYS A . n 
A 1 21 GLU 21 21  21  GLU GLU A . n 
A 1 22 ALA 22 22  22  ALA ALA A . n 
A 1 23 LEU 23 23  23  LEU LEU A . n 
A 1 24 LEU 24 24  24  LEU LEU A . n 
A 1 25 ASP 25 25  25  ASP ASP A . n 
A 1 26 THR 26 26  26  THR THR A . n 
A 1 27 GLY 27 27  27  GLY GLY A . n 
A 1 28 ALA 28 28  28  ALA ALA A . n 
A 1 29 ASP 29 29  29  ASP ASP A . n 
A 1 30 ASP 30 30  30  ASP ASP A . n 
A 1 31 THR 31 31  31  THR THR A . n 
A 1 32 VAL 32 32  32  VAL VAL A . n 
A 1 33 LEU 33 33  33  LEU LEU A . n 
A 1 34 GLU 34 34  34  GLU GLU A . n 
A 1 35 GLU 35 35  35  GLU GLU A . n 
A 1 36 MET 36 36  36  MET MET A . n 
A 1 37 SER 37 37  37  SER SER A . n 
A 1 38 LEU 38 38  38  LEU LEU A . n 
A 1 39 PRO 39 39  39  PRO PRO A . n 
A 1 40 GLY 40 40  40  GLY GLY A . n 
A 1 41 ARG 41 41  41  ARG ALA A . n 
A 1 42 TRP 42 42  42  TRP TRP A . n 
A 1 43 LYS 43 43  43  LYS LYS A . n 
A 1 44 PRO 44 44  44  PRO PRO A . n 
A 1 45 LYS 45 45  45  LYS LYS A . n 
A 1 46 MET 46 46  46  MET MET A . n 
A 1 47 ILE 47 47  47  ILE ILE A . n 
A 1 48 GLY 48 48  48  GLY GLY A . n 
A 1 49 GLY 49 49  49  GLY GLY A . n 
A 1 50 ILE 50 50  50  ILE ILE A . n 
A 1 51 GLY 51 51  51  GLY GLY A . n 
A 1 52 GLY 52 52  52  GLY GLY A . n 
A 1 53 PHE 53 53  53  PHE PHE A . n 
A 1 54 ILE 54 54  54  ILE ILE A . n 
A 1 55 LYS 55 55  55  LYS LYS A . n 
A 1 56 VAL 56 56  56  VAL VAL A . n 
A 1 57 ARG 57 57  57  ARG ARG A . n 
A 1 58 GLN 58 58  58  GLN GLN A . n 
A 1 59 TYR 59 59  59  TYR TYR A . n 
A 1 60 ASP 60 60  60  ASP ASP A . n 
A 1 61 GLN 61 61  61  GLN GLN A . n 
A 1 62 ILE 62 62  62  ILE ILE A . n 
A 1 63 LEU 63 63  63  LEU LEU A . n 
A 1 64 ILE 64 64  64  ILE ILE A . n 
A 1 65 GLU 65 65  65  GLU GLU A . n 
A 1 66 ILE 66 66  66  ILE ILE A . n 
A 1 67 CYS 67 67  67  CYS CYS A . n 
A 1 68 GLY 68 68  68  GLY GLY A . n 
A 1 69 HIS 69 69  69  HIS HIS A . n 
A 1 70 LYS 70 70  70  LYS LYS A . n 
A 1 71 ALA 71 71  71  ALA ALA A . n 
A 1 72 ILE 72 72  72  ILE ILE A . n 
A 1 73 GLY 73 73  73  GLY GLY A . n 
A 1 74 THR 74 74  74  THR THR A . n 
A 1 75 VAL 75 75  75  VAL VAL A . n 
A 1 76 LEU 76 76  76  LEU LEU A . n 
A 1 77 VAL 77 77  77  VAL VAL A . n 
A 1 78 GLY 78 78  78  GLY GLY A . n 
A 1 79 PRO 79 79  79  PRO PRO A . n 
A 1 80 THR 80 80  80  THR THR A . n 
A 1 81 PRO 81 81  81  PRO PRO A . n 
A 1 82 VAL 82 82  82  VAL VAL A . n 
A 1 83 ASN 83 83  83  ASN ASN A . n 
A 1 84 ILE 84 84  84  ILE ILE A . n 
A 1 85 ILE 85 85  85  ILE ILE A . n 
A 1 86 GLY 86 86  86  GLY GLY A . n 
A 1 87 ARG 87 87  87  ARG ARG A . n 
A 1 88 ASN 88 88  88  ASN ASN A . n 
A 1 89 LEU 89 89  89  LEU LEU A . n 
A 1 90 LEU 90 90  90  LEU LEU A . n 
A 1 91 THR 91 91  91  THR THR A . n 
A 1 92 GLN 92 92  92  GLN GLN A . n 
A 1 93 ILE 93 93  93  ILE ILE A . n 
A 1 94 GLY 94 94  94  GLY GLY A . n 
A 1 95 CYS 95 95  95  CYS CYS A . n 
A 1 96 THR 96 96  96  THR THR A . n 
A 1 97 LEU 97 97  97  LEU LEU A . n 
A 1 98 ASN 98 98  98  ASN ASN A . n 
A 1 99 PHE 99 99  99  PHE PHE A . n 
B 1 1  PRO 1  101 101 PRO PRO B . n 
B 1 2  GLN 2  102 102 GLN GLN B . n 
B 1 3  ILE 3  103 103 ILE ILE B . n 
B 1 4  THR 4  104 104 THR THR B . n 
B 1 5  LEU 5  105 105 LEU LEU B . n 
B 1 6  TRP 6  106 106 TRP TRP B . n 
B 1 7  GLN 7  107 107 GLN GLN B . n 
B 1 8  ARG 8  108 108 ARG ARG B . n 
B 1 9  PRO 9  109 109 PRO PRO B . n 
B 1 10 LEU 10 110 110 LEU LEU B . n 
B 1 11 VAL 11 111 111 VAL VAL B . n 
B 1 12 THR 12 112 112 THR THR B . n 
B 1 13 ILE 13 113 113 ILE ILE B . n 
B 1 14 LYS 14 114 114 LYS LYS B . n 
B 1 15 ILE 15 115 115 ILE ILE B . n 
B 1 16 GLY 16 116 116 GLY GLY B . n 
B 1 17 GLY 17 117 117 GLY GLY B . n 
B 1 18 GLN 18 118 118 GLN GLN B . n 
B 1 19 LEU 19 119 119 LEU LEU B . n 
B 1 20 LYS 20 120 120 LYS LYS B . n 
B 1 21 GLU 21 121 121 GLU GLU B . n 
B 1 22 ALA 22 122 122 ALA ALA B . n 
B 1 23 LEU 23 123 123 LEU LEU B . n 
B 1 24 LEU 24 124 124 LEU LEU B . n 
B 1 25 ASP 25 125 125 ASP ASP B . n 
B 1 26 THR 26 126 126 THR THR B . n 
B 1 27 GLY 27 127 127 GLY GLY B . n 
B 1 28 ALA 28 128 128 ALA ALA B . n 
B 1 29 ASP 29 129 129 ASP ASP B . n 
B 1 30 ASP 30 130 130 ASP ASP B . n 
B 1 31 THR 31 131 131 THR THR B . n 
B 1 32 VAL 32 132 132 VAL VAL B . n 
B 1 33 LEU 33 133 133 LEU LEU B . n 
B 1 34 GLU 34 134 134 GLU GLU B . n 
B 1 35 GLU 35 135 135 GLU GLU B . n 
B 1 36 MET 36 136 136 MET MET B . n 
B 1 37 SER 37 137 137 SER SER B . n 
B 1 38 LEU 38 138 138 LEU LEU B . n 
B 1 39 PRO 39 139 139 PRO PRO B . n 
B 1 40 GLY 40 140 140 GLY GLY B . n 
B 1 41 ARG 41 141 141 ARG ARG B . n 
B 1 42 TRP 42 142 142 TRP TRP B . n 
B 1 43 LYS 43 143 143 LYS LYS B . n 
B 1 44 PRO 44 144 144 PRO PRO B . n 
B 1 45 LYS 45 145 145 LYS LYS B . n 
B 1 46 MET 46 146 146 MET MET B . n 
B 1 47 ILE 47 147 147 ILE ILE B . n 
B 1 48 GLY 48 148 148 GLY GLY B . n 
B 1 49 GLY 49 149 149 GLY GLY B . n 
B 1 50 ILE 50 150 150 ILE ILE B . n 
B 1 51 GLY 51 151 151 GLY GLY B . n 
B 1 52 GLY 52 152 152 GLY GLY B . n 
B 1 53 PHE 53 153 153 PHE PHE B . n 
B 1 54 ILE 54 154 154 ILE ILE B . n 
B 1 55 LYS 55 155 155 LYS LYS B . n 
B 1 56 VAL 56 156 156 VAL VAL B . n 
B 1 57 ARG 57 157 157 ARG ARG B . n 
B 1 58 GLN 58 158 158 GLN GLN B . n 
B 1 59 TYR 59 159 159 TYR TYR B . n 
B 1 60 ASP 60 160 160 ASP ASP B . n 
B 1 61 GLN 61 161 161 GLN GLN B . n 
B 1 62 ILE 62 162 162 ILE ILE B . n 
B 1 63 LEU 63 163 163 LEU LEU B . n 
B 1 64 ILE 64 164 164 ILE ILE B . n 
B 1 65 GLU 65 165 165 GLU GLU B . n 
B 1 66 ILE 66 166 166 ILE ILE B . n 
B 1 67 CYS 67 167 167 CYS CYS B . n 
B 1 68 GLY 68 168 168 GLY GLY B . n 
B 1 69 HIS 69 169 169 HIS HIS B . n 
B 1 70 LYS 70 170 170 LYS LYS B . n 
B 1 71 ALA 71 171 171 ALA ALA B . n 
B 1 72 ILE 72 172 172 ILE ILE B . n 
B 1 73 GLY 73 173 173 GLY GLY B . n 
B 1 74 THR 74 174 174 THR THR B . n 
B 1 75 VAL 75 175 175 VAL VAL B . n 
B 1 76 LEU 76 176 176 LEU LEU B . n 
B 1 77 VAL 77 177 177 VAL VAL B . n 
B 1 78 GLY 78 178 178 GLY GLY B . n 
B 1 79 PRO 79 179 179 PRO PRO B . n 
B 1 80 THR 80 180 180 THR THR B . n 
B 1 81 PRO 81 181 181 PRO PRO B . n 
B 1 82 VAL 82 182 182 VAL VAL B . n 
B 1 83 ASN 83 183 183 ASN ASN B . n 
B 1 84 ILE 84 184 184 ILE ILE B . n 
B 1 85 ILE 85 185 185 ILE ILE B . n 
B 1 86 GLY 86 186 186 GLY GLY B . n 
B 1 87 ARG 87 187 187 ARG ARG B . n 
B 1 88 ASN 88 188 188 ASN ASN B . n 
B 1 89 LEU 89 189 189 LEU LEU B . n 
B 1 90 LEU 90 190 190 LEU LEU B . n 
B 1 91 THR 91 191 191 THR THR B . n 
B 1 92 GLN 92 192 192 GLN GLN B . n 
B 1 93 ILE 93 193 193 ILE ILE B . n 
B 1 94 GLY 94 194 194 GLY GLY B . n 
B 1 95 CYS 95 195 195 CYS CYS B . n 
B 1 96 THR 96 196 196 THR THR B . n 
B 1 97 LEU 97 197 197 LEU LEU B . n 
B 1 98 ASN 98 198 198 ASN ASN B . n 
B 1 99 PHE 99 199 199 PHE PHE B . n 
# 
loop_
_pdbx_nonpoly_scheme.asym_id 
_pdbx_nonpoly_scheme.entity_id 
_pdbx_nonpoly_scheme.mon_id 
_pdbx_nonpoly_scheme.ndb_seq_num 
_pdbx_nonpoly_scheme.pdb_seq_num 
_pdbx_nonpoly_scheme.auth_seq_num 
_pdbx_nonpoly_scheme.pdb_mon_id 
_pdbx_nonpoly_scheme.auth_mon_id 
_pdbx_nonpoly_scheme.pdb_strand_id 
_pdbx_nonpoly_scheme.pdb_ins_code 
C 2 BEI 1  501 501 BEI BEA A . 
D 3 HOH 1  302 302 HOH HOH A . 
D 3 HOH 2  303 303 HOH HOH A . 
D 3 HOH 3  309 309 HOH HOH A . 
D 3 HOH 4  310 310 HOH HOH A . 
D 3 HOH 5  311 311 HOH HOH A . 
D 3 HOH 6  312 312 HOH HOH A . 
D 3 HOH 7  313 313 HOH HOH A . 
D 3 HOH 8  314 314 HOH HOH A . 
D 3 HOH 9  315 315 HOH HOH A . 
D 3 HOH 10 316 316 HOH HOH A . 
D 3 HOH 11 317 317 HOH HOH A . 
D 3 HOH 12 318 318 HOH HOH A . 
D 3 HOH 13 319 319 HOH HOH A . 
D 3 HOH 14 322 322 HOH HOH A . 
D 3 HOH 15 324 324 HOH HOH A . 
D 3 HOH 16 329 329 HOH HOH A . 
D 3 HOH 17 331 331 HOH HOH A . 
D 3 HOH 18 333 333 HOH HOH A . 
D 3 HOH 19 334 334 HOH HOH A . 
D 3 HOH 20 335 335 HOH HOH A . 
D 3 HOH 21 338 338 HOH HOH A . 
D 3 HOH 22 340 340 HOH HOH A . 
D 3 HOH 23 341 341 HOH HOH A . 
D 3 HOH 24 345 345 HOH HOH A . 
D 3 HOH 25 346 346 HOH HOH A . 
D 3 HOH 26 351 351 HOH HOH A . 
D 3 HOH 27 352 352 HOH HOH A . 
D 3 HOH 28 353 353 HOH HOH A . 
D 3 HOH 29 357 357 HOH HOH A . 
D 3 HOH 30 359 359 HOH HOH A . 
D 3 HOH 31 360 360 HOH HOH A . 
D 3 HOH 32 361 361 HOH HOH A . 
D 3 HOH 33 366 366 HOH HOH A . 
D 3 HOH 34 376 376 HOH HOH A . 
D 3 HOH 35 377 377 HOH HOH A . 
D 3 HOH 36 378 378 HOH HOH A . 
D 3 HOH 37 379 379 HOH HOH A . 
D 3 HOH 38 382 382 HOH HOH A . 
D 3 HOH 39 387 387 HOH HOH A . 
D 3 HOH 40 392 392 HOH HOH A . 
D 3 HOH 41 394 394 HOH HOH A . 
D 3 HOH 42 396 396 HOH HOH A . 
D 3 HOH 43 397 397 HOH HOH A . 
D 3 HOH 44 399 399 HOH HOH A . 
D 3 HOH 45 401 401 HOH HOH A . 
D 3 HOH 46 403 403 HOH HOH A . 
D 3 HOH 47 404 404 HOH HOH A . 
D 3 HOH 48 406 406 HOH HOH A . 
D 3 HOH 49 407 407 HOH HOH A . 
D 3 HOH 50 408 408 HOH HOH A . 
D 3 HOH 51 409 409 HOH HOH A . 
D 3 HOH 52 410 410 HOH HOH A . 
D 3 HOH 53 411 411 HOH HOH A . 
D 3 HOH 54 414 414 HOH HOH A . 
D 3 HOH 55 415 415 HOH HOH A . 
D 3 HOH 56 420 420 HOH HOH A . 
D 3 HOH 57 421 421 HOH HOH A . 
E 3 HOH 1  301 301 HOH HOH B . 
E 3 HOH 2  304 304 HOH HOH B . 
E 3 HOH 3  305 305 HOH HOH B . 
E 3 HOH 4  306 306 HOH HOH B . 
E 3 HOH 5  307 307 HOH HOH B . 
E 3 HOH 6  308 308 HOH HOH B . 
E 3 HOH 7  320 320 HOH HOH B . 
E 3 HOH 8  321 321 HOH HOH B . 
E 3 HOH 9  323 323 HOH HOH B . 
E 3 HOH 10 325 325 HOH HOH B . 
E 3 HOH 11 326 326 HOH HOH B . 
E 3 HOH 12 327 327 HOH HOH B . 
E 3 HOH 13 328 328 HOH HOH B . 
E 3 HOH 14 330 330 HOH HOH B . 
E 3 HOH 15 332 332 HOH HOH B . 
E 3 HOH 16 336 336 HOH HOH B . 
E 3 HOH 17 337 337 HOH HOH B . 
E 3 HOH 18 339 339 HOH HOH B . 
E 3 HOH 19 342 342 HOH HOH B . 
E 3 HOH 20 343 343 HOH HOH B . 
E 3 HOH 21 344 344 HOH HOH B . 
E 3 HOH 22 347 347 HOH HOH B . 
E 3 HOH 23 348 348 HOH HOH B . 
E 3 HOH 24 349 349 HOH HOH B . 
E 3 HOH 25 350 350 HOH HOH B . 
E 3 HOH 26 354 354 HOH HOH B . 
E 3 HOH 27 355 355 HOH HOH B . 
E 3 HOH 28 356 356 HOH HOH B . 
E 3 HOH 29 358 358 HOH HOH B . 
E 3 HOH 30 362 362 HOH HOH B . 
E 3 HOH 31 363 363 HOH HOH B . 
E 3 HOH 32 364 364 HOH HOH B . 
E 3 HOH 33 365 365 HOH HOH B . 
E 3 HOH 34 367 367 HOH HOH B . 
E 3 HOH 35 368 368 HOH HOH B . 
E 3 HOH 36 369 369 HOH HOH B . 
E 3 HOH 37 370 370 HOH HOH B . 
E 3 HOH 38 371 371 HOH HOH B . 
E 3 HOH 39 372 372 HOH HOH B . 
E 3 HOH 40 373 373 HOH HOH B . 
E 3 HOH 41 374 374 HOH HOH B . 
E 3 HOH 42 375 375 HOH HOH B . 
E 3 HOH 43 380 380 HOH HOH B . 
E 3 HOH 44 381 381 HOH HOH B . 
E 3 HOH 45 383 383 HOH HOH B . 
E 3 HOH 46 384 384 HOH HOH B . 
E 3 HOH 47 385 385 HOH HOH B . 
E 3 HOH 48 386 386 HOH HOH B . 
E 3 HOH 49 388 388 HOH HOH B . 
E 3 HOH 50 389 389 HOH HOH B . 
E 3 HOH 51 390 390 HOH HOH B . 
E 3 HOH 52 391 391 HOH HOH B . 
E 3 HOH 53 393 393 HOH HOH B . 
E 3 HOH 54 395 395 HOH HOH B . 
E 3 HOH 55 398 398 HOH HOH B . 
E 3 HOH 56 400 400 HOH HOH B . 
E 3 HOH 57 402 402 HOH HOH B . 
E 3 HOH 58 405 405 HOH HOH B . 
E 3 HOH 59 412 412 HOH HOH B . 
E 3 HOH 60 413 413 HOH HOH B . 
E 3 HOH 61 416 416 HOH HOH B . 
E 3 HOH 62 417 417 HOH HOH B . 
E 3 HOH 63 418 418 HOH HOH B . 
E 3 HOH 64 419 419 HOH HOH B . 
# 
loop_
_pdbx_unobs_or_zero_occ_atoms.id 
_pdbx_unobs_or_zero_occ_atoms.PDB_model_num 
_pdbx_unobs_or_zero_occ_atoms.polymer_flag 
_pdbx_unobs_or_zero_occ_atoms.occupancy_flag 
_pdbx_unobs_or_zero_occ_atoms.auth_asym_id 
_pdbx_unobs_or_zero_occ_atoms.auth_comp_id 
_pdbx_unobs_or_zero_occ_atoms.auth_seq_id 
_pdbx_unobs_or_zero_occ_atoms.PDB_ins_code 
_pdbx_unobs_or_zero_occ_atoms.auth_atom_id 
_pdbx_unobs_or_zero_occ_atoms.label_alt_id 
_pdbx_unobs_or_zero_occ_atoms.label_asym_id 
_pdbx_unobs_or_zero_occ_atoms.label_comp_id 
_pdbx_unobs_or_zero_occ_atoms.label_seq_id 
_pdbx_unobs_or_zero_occ_atoms.label_atom_id 
1 1 Y 1 A ARG 41 ? CG  ? A ARG 41 CG  
2 1 Y 1 A ARG 41 ? CD  ? A ARG 41 CD  
3 1 Y 1 A ARG 41 ? NE  ? A ARG 41 NE  
4 1 Y 1 A ARG 41 ? CZ  ? A ARG 41 CZ  
5 1 Y 1 A ARG 41 ? NH1 ? A ARG 41 NH1 
6 1 Y 1 A ARG 41 ? NH2 ? A ARG 41 NH2 
# 
loop_
_software.name 
_software.classification 
_software.version 
_software.citation_id 
_software.pdbx_ordinal 
DENZO     'data reduction' .   ? 1 
SCALEPACK 'data scaling'   .   ? 2 
X-PLOR    'model building' .   ? 3 
CNS       refinement       0.9 ? 4 
X-PLOR    phasing          .   ? 5 
# 
_cell.entry_id           1EBW 
_cell.length_a           59.040 
_cell.length_b           86.830 
_cell.length_c           46.980 
_cell.angle_alpha        90.00 
_cell.angle_beta         90.00 
_cell.angle_gamma        90.00 
_cell.Z_PDB              8 
_cell.pdbx_unique_axis   ? 
# 
_symmetry.entry_id                         1EBW 
_symmetry.space_group_name_H-M             'P 21 21 2' 
_symmetry.pdbx_full_space_group_name_H-M   ? 
_symmetry.cell_setting                     ? 
_symmetry.Int_Tables_number                18 
_symmetry.space_group_name_Hall            ? 
# 
_exptl.entry_id          1EBW 
_exptl.method            'X-RAY DIFFRACTION' 
_exptl.crystals_number   2 
# 
_exptl_crystal.id                    1 
_exptl_crystal.density_meas          ? 
_exptl_crystal.density_Matthews      2.79 
_exptl_crystal.density_percent_sol   55.86 
_exptl_crystal.description           ? 
_exptl_crystal.F_000                 ? 
_exptl_crystal.preparation           ? 
# 
_exptl_crystal_grow.crystal_id      1 
_exptl_crystal_grow.method          'VAPOR DIFFUSION, HANGING DROP' 
_exptl_crystal_grow.temp            277 
_exptl_crystal_grow.temp_details    ? 
_exptl_crystal_grow.pH              5.5 
_exptl_crystal_grow.pdbx_details    
;0.4 M Sodium chloride,   
0.05 M MES,   
0.02 % (W/V) sodium azide, pH 5.5, VAPOR DIFFUSION, HANGING DROP, temperature 277K
;
_exptl_crystal_grow.pdbx_pH_range   . 
# 
_diffrn.id                     1 
_diffrn.ambient_temp           277 
_diffrn.ambient_temp_details   ? 
_diffrn.crystal_id             1 
# 
_diffrn_detector.diffrn_id              1 
_diffrn_detector.detector               'IMAGE PLATE' 
_diffrn_detector.type                   MARRESEARCH 
_diffrn_detector.pdbx_collection_date   1996-04-04 
_diffrn_detector.details                ? 
# 
_diffrn_radiation.diffrn_id                        1 
_diffrn_radiation.wavelength_id                    1 
_diffrn_radiation.pdbx_monochromatic_or_laue_m_l   M 
_diffrn_radiation.monochromator                    ? 
_diffrn_radiation.pdbx_diffrn_protocol             'SINGLE WAVELENGTH' 
_diffrn_radiation.pdbx_scattering_type             x-ray 
# 
_diffrn_radiation_wavelength.id           1 
_diffrn_radiation_wavelength.wavelength   0.92 
_diffrn_radiation_wavelength.wt           1.0 
# 
_diffrn_source.diffrn_id                   1 
_diffrn_source.source                      SYNCHROTRON 
_diffrn_source.type                        'SRS BEAMLINE PX9.6' 
_diffrn_source.pdbx_synchrotron_site       SRS 
_diffrn_source.pdbx_synchrotron_beamline   PX9.6 
_diffrn_source.pdbx_wavelength             0.92 
_diffrn_source.pdbx_wavelength_list        ? 
# 
_reflns.entry_id                     1EBW 
_reflns.observed_criterion_sigma_I   1. 
_reflns.observed_criterion_sigma_F   1. 
_reflns.d_resolution_low             24.64 
_reflns.d_resolution_high            1.81 
_reflns.number_obs                   16594 
_reflns.number_all                   22825 
_reflns.percent_possible_obs         72.8 
_reflns.pdbx_Rmerge_I_obs            0.069 
_reflns.pdbx_Rsym_value              ? 
_reflns.pdbx_netI_over_sigmaI        12.7 
_reflns.B_iso_Wilson_estimate        10.5 
_reflns.pdbx_redundancy              2.7 
_reflns.R_free_details               ? 
_reflns.limit_h_max                  ? 
_reflns.limit_h_min                  ? 
_reflns.limit_k_max                  ? 
_reflns.limit_k_min                  ? 
_reflns.limit_l_max                  ? 
_reflns.limit_l_min                  ? 
_reflns.observed_criterion_F_max     ? 
_reflns.observed_criterion_F_min     ? 
_reflns.pdbx_chi_squared             ? 
_reflns.pdbx_scaling_rejects         ? 
_reflns.pdbx_diffrn_id               1 
_reflns.pdbx_ordinal                 1 
# 
_reflns_shell.d_res_high             1.81 
_reflns_shell.d_res_low              1.92 
_reflns_shell.percent_possible_all   37.7 
_reflns_shell.Rmerge_I_obs           0.186 
_reflns_shell.pdbx_Rsym_value        ? 
_reflns_shell.meanI_over_sigI_obs    ? 
_reflns_shell.pdbx_redundancy        3.9 
_reflns_shell.percent_possible_obs   ? 
_reflns_shell.number_unique_all      1324 
_reflns_shell.number_measured_all    ? 
_reflns_shell.number_measured_obs    ? 
_reflns_shell.number_unique_obs      ? 
_reflns_shell.pdbx_chi_squared       ? 
_reflns_shell.pdbx_diffrn_id         ? 
_reflns_shell.pdbx_ordinal           1 
# 
_refine.entry_id                                 1EBW 
_refine.ls_number_reflns_obs                     16594 
_refine.ls_number_reflns_all                     22825 
_refine.pdbx_ls_sigma_I                          0. 
_refine.pdbx_ls_sigma_F                          0. 
_refine.pdbx_data_cutoff_high_absF               1329075.08 
_refine.pdbx_data_cutoff_low_absF                0.00 
_refine.ls_d_res_low                             24.64 
_refine.ls_d_res_high                            1.81 
_refine.ls_percent_reflns_obs                    72.8 
_refine.ls_R_factor_obs                          ? 
_refine.ls_R_factor_all                          ? 
_refine.ls_R_factor_R_work                       0.191 
_refine.ls_R_factor_R_free                       0.219 
_refine.ls_R_factor_R_free_error                 0.007 
_refine.ls_R_factor_R_free_error_details         ? 
_refine.ls_percent_reflns_R_free                 5.2 
_refine.ls_number_reflns_R_free                  866 
_refine.ls_number_parameters                     ? 
_refine.ls_number_restraints                     ? 
_refine.occupancy_min                            ? 
_refine.occupancy_max                            ? 
_refine.B_iso_mean                               20.5 
_refine.aniso_B[1][1]                            1.43 
_refine.aniso_B[2][2]                            -2.32 
_refine.aniso_B[3][3]                            0.89 
_refine.aniso_B[1][2]                            0.00 
_refine.aniso_B[1][3]                            0.00 
_refine.aniso_B[2][3]                            0.00 
_refine.solvent_model_details                    'FLAT MODEL' 
_refine.solvent_model_param_ksol                 0.355 
_refine.solvent_model_param_bsol                 44.29 
_refine.pdbx_ls_cross_valid_method               THROUGHOUT 
_refine.details                                  
;Refined with    
CNS program system
;
_refine.pdbx_starting_model                      ? 
_refine.pdbx_method_to_determine_struct          ? 
_refine.pdbx_isotropic_thermal_model             RESTRAINED 
_refine.pdbx_stereochemistry_target_values       'Engh & Huber' 
_refine.pdbx_stereochem_target_val_spec_case     ? 
_refine.pdbx_R_Free_selection_details            RANDOM 
_refine.pdbx_overall_ESU_R_Free                  ? 
_refine.overall_SU_B                             ? 
_refine.ls_redundancy_reflns_obs                 ? 
_refine.overall_SU_ML                            ? 
_refine.pdbx_overall_ESU_R                       ? 
_refine.pdbx_data_cutoff_high_rms_absF           ? 
_refine.B_iso_min                                ? 
_refine.B_iso_max                                ? 
_refine.correlation_coeff_Fo_to_Fc               ? 
_refine.correlation_coeff_Fo_to_Fc_free          ? 
_refine.pdbx_solvent_vdw_probe_radii             ? 
_refine.pdbx_solvent_ion_probe_radii             ? 
_refine.pdbx_solvent_shrinkage_radii             ? 
_refine.overall_SU_R_Cruickshank_DPI             ? 
_refine.overall_SU_R_free                        ? 
_refine.ls_wR_factor_R_free                      ? 
_refine.ls_wR_factor_R_work                      ? 
_refine.overall_FOM_free_R_set                   ? 
_refine.overall_FOM_work_R_set                   ? 
_refine.pdbx_refine_id                           'X-RAY DIFFRACTION' 
_refine.pdbx_diffrn_id                           1 
_refine.pdbx_TLS_residual_ADP_flag               ? 
_refine.pdbx_overall_phase_error                 ? 
_refine.pdbx_overall_SU_R_free_Cruickshank_DPI   ? 
_refine.pdbx_overall_SU_R_Blow_DPI               ? 
_refine.pdbx_overall_SU_R_free_Blow_DPI          ? 
# 
_refine_analyze.entry_id                        1EBW 
_refine_analyze.Luzzati_coordinate_error_obs    0.20 
_refine_analyze.Luzzati_sigma_a_obs             0.13 
_refine_analyze.Luzzati_d_res_low_obs           5.00 
_refine_analyze.Luzzati_coordinate_error_free   0.23 
_refine_analyze.Luzzati_sigma_a_free            0.13 
_refine_analyze.Luzzati_d_res_low_free          ? 
_refine_analyze.number_disordered_residues      ? 
_refine_analyze.occupancy_sum_hydrogen          ? 
_refine_analyze.occupancy_sum_non_hydrogen      ? 
_refine_analyze.pdbx_Luzzati_d_res_high_obs     ? 
_refine_analyze.pdbx_refine_id                  'X-RAY DIFFRACTION' 
# 
_refine_hist.pdbx_refine_id                   'X-RAY DIFFRACTION' 
_refine_hist.cycle_id                         LAST 
_refine_hist.pdbx_number_atoms_protein        1510 
_refine_hist.pdbx_number_atoms_nucleic_acid   0 
_refine_hist.pdbx_number_atoms_ligand         46 
_refine_hist.number_atoms_solvent             121 
_refine_hist.number_atoms_total               1677 
_refine_hist.d_res_high                       1.81 
_refine_hist.d_res_low                        24.64 
# 
loop_
_refine_ls_restr.type 
_refine_ls_restr.dev_ideal 
_refine_ls_restr.dev_ideal_target 
_refine_ls_restr.weight 
_refine_ls_restr.number 
_refine_ls_restr.pdbx_refine_id 
_refine_ls_restr.pdbx_restraint_function 
c_bond_d           0.006 ?    ? ? 'X-RAY DIFFRACTION' ? 
c_angle_deg        1.2   ?    ? ? 'X-RAY DIFFRACTION' ? 
c_dihedral_angle_d 25.6  ?    ? ? 'X-RAY DIFFRACTION' ? 
c_improper_angle_d 0.77  ?    ? ? 'X-RAY DIFFRACTION' ? 
c_mcbond_it        0.71  1.50 ? ? 'X-RAY DIFFRACTION' ? 
c_mcangle_it       1.18  2.00 ? ? 'X-RAY DIFFRACTION' ? 
c_scbond_it        6.97  2.00 ? ? 'X-RAY DIFFRACTION' ? 
c_scangle_it       3.70  2.50 ? ? 'X-RAY DIFFRACTION' ? 
# 
_refine_ls_shell.pdbx_total_number_of_bins_used   6 
_refine_ls_shell.d_res_high                       1.81 
_refine_ls_shell.d_res_low                        1.92 
_refine_ls_shell.number_reflns_R_work             1324 
_refine_ls_shell.R_factor_R_work                  0.23 
_refine_ls_shell.percent_reflns_obs               37.7 
_refine_ls_shell.R_factor_R_free                  0.243 
_refine_ls_shell.R_factor_R_free_error            0.028 
_refine_ls_shell.percent_reflns_R_free            5.2 
_refine_ls_shell.number_reflns_R_free             73 
_refine_ls_shell.redundancy_reflns_obs            ? 
_refine_ls_shell.number_reflns_all                ? 
_refine_ls_shell.number_reflns_obs                ? 
_refine_ls_shell.pdbx_refine_id                   'X-RAY DIFFRACTION' 
_refine_ls_shell.R_factor_all                     ? 
# 
loop_
_pdbx_xplor_file.serial_no 
_pdbx_xplor_file.param_file 
_pdbx_xplor_file.topol_file 
_pdbx_xplor_file.pdbx_refine_id 
1 PROTEIN_REP.PA PROTEIN.TOP 'X-RAY DIFFRACTION' 
2 WATER_REP.PARA BEA322.TOP  'X-RAY DIFFRACTION' 
3 BEA322.PAR     ?           'X-RAY DIFFRACTION' 
# 
_struct.entry_id                  1EBW 
_struct.title                     'HIV-1 protease in complex with the inhibitor BEA322' 
_struct.pdbx_model_details        ? 
_struct.pdbx_CASP_flag            ? 
_struct.pdbx_model_type_details   ? 
# 
_struct_keywords.entry_id        1EBW 
_struct_keywords.pdbx_keywords   'HYDROLASE/HYDROLASE INHIBITOR' 
_struct_keywords.text            'Dimer, protein-inhibitor complex, HYDROLASE-HYDROLASE INHIBITOR COMPLEX' 
# 
loop_
_struct_asym.id 
_struct_asym.pdbx_blank_PDB_chainid_flag 
_struct_asym.pdbx_modified 
_struct_asym.entity_id 
_struct_asym.details 
A N N 1 ? 
B N N 1 ? 
C N N 2 ? 
D N N 3 ? 
E N N 3 ? 
# 
_struct_ref.id                         1 
_struct_ref.db_name                    UNP 
_struct_ref.db_code                    POL_HV1B1 
_struct_ref.entity_id                  1 
_struct_ref.pdbx_db_accession          P03366 
_struct_ref.pdbx_align_begin           69 
_struct_ref.pdbx_seq_one_letter_code   
;PQITLWQRPLVTIKIGGQLKEALLDTGADDTVLEEMSLPGRWKPKMIGGIGGFIKVRQYDQILIEICGHKAIGTVLVGPT
PVNIIGRNLLTQIGCTLNF
;
_struct_ref.pdbx_db_isoform            ? 
# 
loop_
_struct_ref_seq.align_id 
_struct_ref_seq.ref_id 
_struct_ref_seq.pdbx_PDB_id_code 
_struct_ref_seq.pdbx_strand_id 
_struct_ref_seq.seq_align_beg 
_struct_ref_seq.pdbx_seq_align_beg_ins_code 
_struct_ref_seq.seq_align_end 
_struct_ref_seq.pdbx_seq_align_end_ins_code 
_struct_ref_seq.pdbx_db_accession 
_struct_ref_seq.db_align_beg 
_struct_ref_seq.pdbx_db_align_beg_ins_code 
_struct_ref_seq.db_align_end 
_struct_ref_seq.pdbx_db_align_end_ins_code 
_struct_ref_seq.pdbx_auth_seq_align_beg 
_struct_ref_seq.pdbx_auth_seq_align_end 
1 1 1EBW A 1 ? 99 ? P03366 69 ? 167 ? 1   99  
2 1 1EBW B 1 ? 99 ? P03366 69 ? 167 ? 101 199 
# 
_pdbx_struct_assembly.id                   1 
_pdbx_struct_assembly.details              author_and_software_defined_assembly 
_pdbx_struct_assembly.method_details       PISA 
_pdbx_struct_assembly.oligomeric_details   dimeric 
_pdbx_struct_assembly.oligomeric_count     2 
# 
loop_
_pdbx_struct_assembly_prop.biol_id 
_pdbx_struct_assembly_prop.type 
_pdbx_struct_assembly_prop.value 
_pdbx_struct_assembly_prop.details 
1 'ABSA (A^2)' 5110 ? 
1 MORE         -33  ? 
1 'SSA (A^2)'  9170 ? 
# 
_pdbx_struct_assembly_gen.assembly_id       1 
_pdbx_struct_assembly_gen.oper_expression   1 
_pdbx_struct_assembly_gen.asym_id_list      A,B,C,D,E 
# 
_pdbx_struct_oper_list.id                   1 
_pdbx_struct_oper_list.type                 'identity operation' 
_pdbx_struct_oper_list.name                 1_555 
_pdbx_struct_oper_list.symmetry_operation   x,y,z 
_pdbx_struct_oper_list.matrix[1][1]         1.0000000000 
_pdbx_struct_oper_list.matrix[1][2]         0.0000000000 
_pdbx_struct_oper_list.matrix[1][3]         0.0000000000 
_pdbx_struct_oper_list.vector[1]            0.0000000000 
_pdbx_struct_oper_list.matrix[2][1]         0.0000000000 
_pdbx_struct_oper_list.matrix[2][2]         1.0000000000 
_pdbx_struct_oper_list.matrix[2][3]         0.0000000000 
_pdbx_struct_oper_list.vector[2]            0.0000000000 
_pdbx_struct_oper_list.matrix[3][1]         0.0000000000 
_pdbx_struct_oper_list.matrix[3][2]         0.0000000000 
_pdbx_struct_oper_list.matrix[3][3]         1.0000000000 
_pdbx_struct_oper_list.vector[3]            0.0000000000 
# 
_struct_biol.id                    1 
_struct_biol.details               
;The biological assembly  
is a dimer
;
_struct_biol.pdbx_parent_biol_id   ? 
# 
loop_
_struct_conf.conf_type_id 
_struct_conf.id 
_struct_conf.pdbx_PDB_helix_id 
_struct_conf.beg_label_comp_id 
_struct_conf.beg_label_asym_id 
_struct_conf.beg_label_seq_id 
_struct_conf.pdbx_beg_PDB_ins_code 
_struct_conf.end_label_comp_id 
_struct_conf.end_label_asym_id 
_struct_conf.end_label_seq_id 
_struct_conf.pdbx_end_PDB_ins_code 
_struct_conf.beg_auth_comp_id 
_struct_conf.beg_auth_asym_id 
_struct_conf.beg_auth_seq_id 
_struct_conf.end_auth_comp_id 
_struct_conf.end_auth_asym_id 
_struct_conf.end_auth_seq_id 
_struct_conf.pdbx_PDB_helix_class 
_struct_conf.details 
_struct_conf.pdbx_PDB_helix_length 
HELX_P HELX_P1 1 GLY A 86 ? THR A 91 ? GLY A 86  THR A 91  1 ? 6 
HELX_P HELX_P2 2 GLN A 92 ? GLY A 94 ? GLN A 92  GLY A 94  5 ? 3 
HELX_P HELX_P3 3 GLY B 86 ? THR B 91 ? GLY B 186 THR B 191 1 ? 6 
# 
_struct_conf_type.id          HELX_P 
_struct_conf_type.criteria    ? 
_struct_conf_type.reference   ? 
# 
loop_
_struct_sheet.id 
_struct_sheet.type 
_struct_sheet.number_strands 
_struct_sheet.details 
A ? 4 ? 
B ? 8 ? 
C ? 8 ? 
# 
loop_
_struct_sheet_order.sheet_id 
_struct_sheet_order.range_id_1 
_struct_sheet_order.range_id_2 
_struct_sheet_order.offset 
_struct_sheet_order.sense 
A 1 2 ? anti-parallel 
A 2 3 ? anti-parallel 
A 3 4 ? anti-parallel 
B 1 2 ? anti-parallel 
B 2 3 ? anti-parallel 
B 3 4 ? anti-parallel 
B 4 5 ? parallel      
B 5 6 ? anti-parallel 
B 6 7 ? parallel      
B 7 8 ? anti-parallel 
C 1 2 ? anti-parallel 
C 2 3 ? anti-parallel 
C 3 4 ? anti-parallel 
C 4 5 ? parallel      
C 5 6 ? anti-parallel 
C 6 7 ? parallel      
C 7 8 ? anti-parallel 
# 
loop_
_struct_sheet_range.sheet_id 
_struct_sheet_range.id 
_struct_sheet_range.beg_label_comp_id 
_struct_sheet_range.beg_label_asym_id 
_struct_sheet_range.beg_label_seq_id 
_struct_sheet_range.pdbx_beg_PDB_ins_code 
_struct_sheet_range.end_label_comp_id 
_struct_sheet_range.end_label_asym_id 
_struct_sheet_range.end_label_seq_id 
_struct_sheet_range.pdbx_end_PDB_ins_code 
_struct_sheet_range.beg_auth_comp_id 
_struct_sheet_range.beg_auth_asym_id 
_struct_sheet_range.beg_auth_seq_id 
_struct_sheet_range.end_auth_comp_id 
_struct_sheet_range.end_auth_asym_id 
_struct_sheet_range.end_auth_seq_id 
A 1 GLN A 2  ? ILE A 3  ? GLN A 2   ILE A 3   
A 2 THR B 96 ? ASN B 98 ? THR B 196 ASN B 198 
A 3 THR A 96 ? ASN A 98 ? THR A 96  ASN A 98  
A 4 GLN B 2  ? ILE B 3  ? GLN B 102 ILE B 103 
B 1 LYS A 43 ? GLY A 49 ? LYS A 43  GLY A 49  
B 2 GLY A 52 ? ILE A 66 ? GLY A 52  ILE A 66  
B 3 LEU A 10 ? ILE A 15 ? LEU A 10  ILE A 15  
B 4 GLN A 18 ? LEU A 24 ? GLN A 18  LEU A 24  
B 5 ILE A 84 ? ILE A 85 ? ILE A 84  ILE A 85  
B 6 VAL A 32 ? LEU A 33 ? VAL A 32  LEU A 33  
B 7 HIS A 69 ? VAL A 77 ? HIS A 69  VAL A 77  
B 8 GLY A 52 ? ILE A 66 ? GLY A 52  ILE A 66  
C 1 LYS B 43 ? GLY B 49 ? LYS B 143 GLY B 149 
C 2 GLY B 52 ? ILE B 66 ? GLY B 152 ILE B 166 
C 3 LEU B 10 ? ILE B 15 ? LEU B 110 ILE B 115 
C 4 GLN B 18 ? LEU B 24 ? GLN B 118 LEU B 124 
C 5 ILE B 84 ? ILE B 85 ? ILE B 184 ILE B 185 
C 6 VAL B 32 ? LEU B 33 ? VAL B 132 LEU B 133 
C 7 HIS B 69 ? VAL B 77 ? HIS B 169 VAL B 177 
C 8 GLY B 52 ? ILE B 66 ? GLY B 152 ILE B 166 
# 
loop_
_pdbx_struct_sheet_hbond.sheet_id 
_pdbx_struct_sheet_hbond.range_id_1 
_pdbx_struct_sheet_hbond.range_id_2 
_pdbx_struct_sheet_hbond.range_1_label_atom_id 
_pdbx_struct_sheet_hbond.range_1_label_comp_id 
_pdbx_struct_sheet_hbond.range_1_label_asym_id 
_pdbx_struct_sheet_hbond.range_1_label_seq_id 
_pdbx_struct_sheet_hbond.range_1_PDB_ins_code 
_pdbx_struct_sheet_hbond.range_1_auth_atom_id 
_pdbx_struct_sheet_hbond.range_1_auth_comp_id 
_pdbx_struct_sheet_hbond.range_1_auth_asym_id 
_pdbx_struct_sheet_hbond.range_1_auth_seq_id 
_pdbx_struct_sheet_hbond.range_2_label_atom_id 
_pdbx_struct_sheet_hbond.range_2_label_comp_id 
_pdbx_struct_sheet_hbond.range_2_label_asym_id 
_pdbx_struct_sheet_hbond.range_2_label_seq_id 
_pdbx_struct_sheet_hbond.range_2_PDB_ins_code 
_pdbx_struct_sheet_hbond.range_2_auth_atom_id 
_pdbx_struct_sheet_hbond.range_2_auth_comp_id 
_pdbx_struct_sheet_hbond.range_2_auth_asym_id 
_pdbx_struct_sheet_hbond.range_2_auth_seq_id 
A 1 2 N ILE A 3  ? N ILE A 3   O LEU B 97 ? O LEU B 197 
A 2 3 O ASN B 98 ? O ASN B 198 N THR A 96 ? N THR A 96  
A 3 4 O LEU A 97 ? O LEU A 97  N ILE B 3  ? N ILE B 103 
B 1 2 N GLY A 49 ? N GLY A 49  O GLY A 52 ? O GLY A 52  
B 2 3 N GLU A 65 ? N GLU A 65  O LYS A 14 ? O LYS A 14  
B 3 4 N ILE A 15 ? N ILE A 15  O GLN A 18 ? O GLN A 18  
B 4 5 O LEU A 23 ? O LEU A 23  N ILE A 85 ? N ILE A 85  
B 5 6 N ILE A 84 ? N ILE A 84  O VAL A 32 ? O VAL A 32  
B 6 7 N LEU A 33 ? N LEU A 33  O LEU A 76 ? O LEU A 76  
B 7 8 O VAL A 77 ? O VAL A 77  N ARG A 57 ? N ARG A 57  
C 1 2 N GLY B 49 ? N GLY B 149 O GLY B 52 ? O GLY B 152 
C 2 3 N GLU B 65 ? N GLU B 165 O LYS B 14 ? O LYS B 114 
C 3 4 N ILE B 15 ? N ILE B 115 O GLN B 18 ? O GLN B 118 
C 4 5 O LEU B 23 ? O LEU B 123 N ILE B 85 ? N ILE B 185 
C 5 6 N ILE B 84 ? N ILE B 184 O VAL B 32 ? O VAL B 132 
C 6 7 N LEU B 33 ? N LEU B 133 O LEU B 76 ? O LEU B 176 
C 7 8 O VAL B 77 ? O VAL B 177 N ARG B 57 ? N ARG B 157 
# 
_struct_site.id                   AC1 
_struct_site.pdbx_evidence_code   Software 
_struct_site.pdbx_auth_asym_id    A 
_struct_site.pdbx_auth_comp_id    BEI 
_struct_site.pdbx_auth_seq_id     501 
_struct_site.pdbx_auth_ins_code   ? 
_struct_site.pdbx_num_residues    26 
_struct_site.details              'BINDING SITE FOR RESIDUE BEI A 501' 
# 
loop_
_struct_site_gen.id 
_struct_site_gen.site_id 
_struct_site_gen.pdbx_num_res 
_struct_site_gen.label_comp_id 
_struct_site_gen.label_asym_id 
_struct_site_gen.label_seq_id 
_struct_site_gen.pdbx_auth_ins_code 
_struct_site_gen.auth_comp_id 
_struct_site_gen.auth_asym_id 
_struct_site_gen.auth_seq_id 
_struct_site_gen.label_atom_id 
_struct_site_gen.label_alt_id 
_struct_site_gen.symmetry 
_struct_site_gen.details 
1  AC1 26 ARG A 8  ? ARG A 8   . ? 1_555 ? 
2  AC1 26 ASP A 25 ? ASP A 25  . ? 1_555 ? 
3  AC1 26 GLY A 27 ? GLY A 27  . ? 1_555 ? 
4  AC1 26 ALA A 28 ? ALA A 28  . ? 1_555 ? 
5  AC1 26 ASP A 29 ? ASP A 29  . ? 1_555 ? 
6  AC1 26 VAL A 32 ? VAL A 32  . ? 1_555 ? 
7  AC1 26 GLY A 48 ? GLY A 48  . ? 1_555 ? 
8  AC1 26 GLY A 49 ? GLY A 49  . ? 1_555 ? 
9  AC1 26 ILE A 50 ? ILE A 50  . ? 1_555 ? 
10 AC1 26 PRO A 81 ? PRO A 81  . ? 1_555 ? 
11 AC1 26 VAL A 82 ? VAL A 82  . ? 1_555 ? 
12 AC1 26 ILE A 84 ? ILE A 84  . ? 1_555 ? 
13 AC1 26 HOH D .  ? HOH A 319 . ? 1_555 ? 
14 AC1 26 ARG B 8  ? ARG B 108 . ? 1_555 ? 
15 AC1 26 ASP B 25 ? ASP B 125 . ? 1_555 ? 
16 AC1 26 GLY B 27 ? GLY B 127 . ? 1_555 ? 
17 AC1 26 ALA B 28 ? ALA B 128 . ? 1_555 ? 
18 AC1 26 ASP B 29 ? ASP B 129 . ? 1_555 ? 
19 AC1 26 VAL B 32 ? VAL B 132 . ? 1_555 ? 
20 AC1 26 GLY B 48 ? GLY B 148 . ? 1_555 ? 
21 AC1 26 GLY B 49 ? GLY B 149 . ? 1_555 ? 
22 AC1 26 ILE B 50 ? ILE B 150 . ? 1_555 ? 
23 AC1 26 PRO B 81 ? PRO B 181 . ? 1_555 ? 
24 AC1 26 VAL B 82 ? VAL B 182 . ? 1_555 ? 
25 AC1 26 ILE B 84 ? ILE B 184 . ? 1_555 ? 
26 AC1 26 HOH E .  ? HOH B 323 . ? 1_555 ? 
# 
_pdbx_validate_torsion.id              1 
_pdbx_validate_torsion.PDB_model_num   1 
_pdbx_validate_torsion.auth_comp_id    GLU 
_pdbx_validate_torsion.auth_asym_id    B 
_pdbx_validate_torsion.auth_seq_id     135 
_pdbx_validate_torsion.PDB_ins_code    ? 
_pdbx_validate_torsion.label_alt_id    ? 
_pdbx_validate_torsion.phi             -39.23 
_pdbx_validate_torsion.psi             125.88 
# 
loop_
_chem_comp_atom.comp_id 
_chem_comp_atom.atom_id 
_chem_comp_atom.type_symbol 
_chem_comp_atom.pdbx_aromatic_flag 
_chem_comp_atom.pdbx_stereo_config 
_chem_comp_atom.pdbx_ordinal 
ALA N    N N N 1   
ALA CA   C N S 2   
ALA C    C N N 3   
ALA O    O N N 4   
ALA CB   C N N 5   
ALA OXT  O N N 6   
ALA H    H N N 7   
ALA H2   H N N 8   
ALA HA   H N N 9   
ALA HB1  H N N 10  
ALA HB2  H N N 11  
ALA HB3  H N N 12  
ALA HXT  H N N 13  
ARG N    N N N 14  
ARG CA   C N S 15  
ARG C    C N N 16  
ARG O    O N N 17  
ARG CB   C N N 18  
ARG CG   C N N 19  
ARG CD   C N N 20  
ARG NE   N N N 21  
ARG CZ   C N N 22  
ARG NH1  N N N 23  
ARG NH2  N N N 24  
ARG OXT  O N N 25  
ARG H    H N N 26  
ARG H2   H N N 27  
ARG HA   H N N 28  
ARG HB2  H N N 29  
ARG HB3  H N N 30  
ARG HG2  H N N 31  
ARG HG3  H N N 32  
ARG HD2  H N N 33  
ARG HD3  H N N 34  
ARG HE   H N N 35  
ARG HH11 H N N 36  
ARG HH12 H N N 37  
ARG HH21 H N N 38  
ARG HH22 H N N 39  
ARG HXT  H N N 40  
ASN N    N N N 41  
ASN CA   C N S 42  
ASN C    C N N 43  
ASN O    O N N 44  
ASN CB   C N N 45  
ASN CG   C N N 46  
ASN OD1  O N N 47  
ASN ND2  N N N 48  
ASN OXT  O N N 49  
ASN H    H N N 50  
ASN H2   H N N 51  
ASN HA   H N N 52  
ASN HB2  H N N 53  
ASN HB3  H N N 54  
ASN HD21 H N N 55  
ASN HD22 H N N 56  
ASN HXT  H N N 57  
ASP N    N N N 58  
ASP CA   C N S 59  
ASP C    C N N 60  
ASP O    O N N 61  
ASP CB   C N N 62  
ASP CG   C N N 63  
ASP OD1  O N N 64  
ASP OD2  O N N 65  
ASP OXT  O N N 66  
ASP H    H N N 67  
ASP H2   H N N 68  
ASP HA   H N N 69  
ASP HB2  H N N 70  
ASP HB3  H N N 71  
ASP HD2  H N N 72  
ASP HXT  H N N 73  
BEI C34  C Y N 74  
BEI C35  C Y N 75  
BEI C36  C Y N 76  
BEI C37  C Y N 77  
BEI C38  C Y N 78  
BEI C39  C Y N 79  
BEI C40  C Y N 80  
BEI C41  C Y N 81  
BEI C42  C Y N 82  
BEI C43  C Y N 83  
BEI C44  C Y N 84  
BEI C45  C Y N 85  
BEI C30  C N N 86  
BEI O29  O N N 87  
BEI C5   C N R 88  
BEI C4   C N R 89  
BEI C3   C N R 90  
BEI C2   C N R 91  
BEI C1   C N N 92  
BEI O17  O N N 93  
BEI N18  N N N 94  
BEI C19  C N S 95  
BEI C20  C N S 96  
BEI C21  C N N 97  
BEI C22  C N N 98  
BEI C46  C N N 99  
BEI C23  C N N 100 
BEI O24  O N N 101 
BEI N25  N N N 102 
BEI C26  C N N 103 
BEI O32  O N N 104 
BEI C33  C N N 105 
BEI O27  O N N 106 
BEI O28  O N N 107 
BEI C6   C N N 108 
BEI O7   O N N 109 
BEI N8   N N N 110 
BEI C9   C N S 111 
BEI C10  C N S 112 
BEI C11  C N N 113 
BEI C12  C N N 114 
BEI C47  C N N 115 
BEI C13  C N N 116 
BEI O14  O N N 117 
BEI N15  N N N 118 
BEI C16  C N N 119 
BEI H35  H N N 120 
BEI H36  H N N 121 
BEI H37  H N N 122 
BEI H38  H N N 123 
BEI H39  H N N 124 
BEI H41  H N N 125 
BEI H42  H N N 126 
BEI H43  H N N 127 
BEI H44  H N N 128 
BEI H45  H N N 129 
BEI H301 H N N 130 
BEI H302 H N N 131 
BEI H5   H N N 132 
BEI H4   H N N 133 
BEI H3   H N N 134 
BEI H2   H N N 135 
BEI H18  H N N 136 
BEI H19  H N N 137 
BEI H20  H N N 138 
BEI H211 H N N 139 
BEI H212 H N N 140 
BEI H213 H N N 141 
BEI H221 H N N 142 
BEI H222 H N N 143 
BEI H461 H N N 144 
BEI H462 H N N 145 
BEI H463 H N N 146 
BEI H25  H N N 147 
BEI H261 H N N 148 
BEI H262 H N N 149 
BEI H263 H N N 150 
BEI H331 H N N 151 
BEI H332 H N N 152 
BEI H27  H N N 153 
BEI H28  H N N 154 
BEI H8   H N N 155 
BEI H9   H N N 156 
BEI H10  H N N 157 
BEI H111 H N N 158 
BEI H112 H N N 159 
BEI H113 H N N 160 
BEI H121 H N N 161 
BEI H122 H N N 162 
BEI H471 H N N 163 
BEI H472 H N N 164 
BEI H473 H N N 165 
BEI H15  H N N 166 
BEI H161 H N N 167 
BEI H162 H N N 168 
BEI H163 H N N 169 
CYS N    N N N 170 
CYS CA   C N R 171 
CYS C    C N N 172 
CYS O    O N N 173 
CYS CB   C N N 174 
CYS SG   S N N 175 
CYS OXT  O N N 176 
CYS H    H N N 177 
CYS H2   H N N 178 
CYS HA   H N N 179 
CYS HB2  H N N 180 
CYS HB3  H N N 181 
CYS HG   H N N 182 
CYS HXT  H N N 183 
GLN N    N N N 184 
GLN CA   C N S 185 
GLN C    C N N 186 
GLN O    O N N 187 
GLN CB   C N N 188 
GLN CG   C N N 189 
GLN CD   C N N 190 
GLN OE1  O N N 191 
GLN NE2  N N N 192 
GLN OXT  O N N 193 
GLN H    H N N 194 
GLN H2   H N N 195 
GLN HA   H N N 196 
GLN HB2  H N N 197 
GLN HB3  H N N 198 
GLN HG2  H N N 199 
GLN HG3  H N N 200 
GLN HE21 H N N 201 
GLN HE22 H N N 202 
GLN HXT  H N N 203 
GLU N    N N N 204 
GLU CA   C N S 205 
GLU C    C N N 206 
GLU O    O N N 207 
GLU CB   C N N 208 
GLU CG   C N N 209 
GLU CD   C N N 210 
GLU OE1  O N N 211 
GLU OE2  O N N 212 
GLU OXT  O N N 213 
GLU H    H N N 214 
GLU H2   H N N 215 
GLU HA   H N N 216 
GLU HB2  H N N 217 
GLU HB3  H N N 218 
GLU HG2  H N N 219 
GLU HG3  H N N 220 
GLU HE2  H N N 221 
GLU HXT  H N N 222 
GLY N    N N N 223 
GLY CA   C N N 224 
GLY C    C N N 225 
GLY O    O N N 226 
GLY OXT  O N N 227 
GLY H    H N N 228 
GLY H2   H N N 229 
GLY HA2  H N N 230 
GLY HA3  H N N 231 
GLY HXT  H N N 232 
HIS N    N N N 233 
HIS CA   C N S 234 
HIS C    C N N 235 
HIS O    O N N 236 
HIS CB   C N N 237 
HIS CG   C Y N 238 
HIS ND1  N Y N 239 
HIS CD2  C Y N 240 
HIS CE1  C Y N 241 
HIS NE2  N Y N 242 
HIS OXT  O N N 243 
HIS H    H N N 244 
HIS H2   H N N 245 
HIS HA   H N N 246 
HIS HB2  H N N 247 
HIS HB3  H N N 248 
HIS HD1  H N N 249 
HIS HD2  H N N 250 
HIS HE1  H N N 251 
HIS HE2  H N N 252 
HIS HXT  H N N 253 
HOH O    O N N 254 
HOH H1   H N N 255 
HOH H2   H N N 256 
ILE N    N N N 257 
ILE CA   C N S 258 
ILE C    C N N 259 
ILE O    O N N 260 
ILE CB   C N S 261 
ILE CG1  C N N 262 
ILE CG2  C N N 263 
ILE CD1  C N N 264 
ILE OXT  O N N 265 
ILE H    H N N 266 
ILE H2   H N N 267 
ILE HA   H N N 268 
ILE HB   H N N 269 
ILE HG12 H N N 270 
ILE HG13 H N N 271 
ILE HG21 H N N 272 
ILE HG22 H N N 273 
ILE HG23 H N N 274 
ILE HD11 H N N 275 
ILE HD12 H N N 276 
ILE HD13 H N N 277 
ILE HXT  H N N 278 
LEU N    N N N 279 
LEU CA   C N S 280 
LEU C    C N N 281 
LEU O    O N N 282 
LEU CB   C N N 283 
LEU CG   C N N 284 
LEU CD1  C N N 285 
LEU CD2  C N N 286 
LEU OXT  O N N 287 
LEU H    H N N 288 
LEU H2   H N N 289 
LEU HA   H N N 290 
LEU HB2  H N N 291 
LEU HB3  H N N 292 
LEU HG   H N N 293 
LEU HD11 H N N 294 
LEU HD12 H N N 295 
LEU HD13 H N N 296 
LEU HD21 H N N 297 
LEU HD22 H N N 298 
LEU HD23 H N N 299 
LEU HXT  H N N 300 
LYS N    N N N 301 
LYS CA   C N S 302 
LYS C    C N N 303 
LYS O    O N N 304 
LYS CB   C N N 305 
LYS CG   C N N 306 
LYS CD   C N N 307 
LYS CE   C N N 308 
LYS NZ   N N N 309 
LYS OXT  O N N 310 
LYS H    H N N 311 
LYS H2   H N N 312 
LYS HA   H N N 313 
LYS HB2  H N N 314 
LYS HB3  H N N 315 
LYS HG2  H N N 316 
LYS HG3  H N N 317 
LYS HD2  H N N 318 
LYS HD3  H N N 319 
LYS HE2  H N N 320 
LYS HE3  H N N 321 
LYS HZ1  H N N 322 
LYS HZ2  H N N 323 
LYS HZ3  H N N 324 
LYS HXT  H N N 325 
MET N    N N N 326 
MET CA   C N S 327 
MET C    C N N 328 
MET O    O N N 329 
MET CB   C N N 330 
MET CG   C N N 331 
MET SD   S N N 332 
MET CE   C N N 333 
MET OXT  O N N 334 
MET H    H N N 335 
MET H2   H N N 336 
MET HA   H N N 337 
MET HB2  H N N 338 
MET HB3  H N N 339 
MET HG2  H N N 340 
MET HG3  H N N 341 
MET HE1  H N N 342 
MET HE2  H N N 343 
MET HE3  H N N 344 
MET HXT  H N N 345 
PHE N    N N N 346 
PHE CA   C N S 347 
PHE C    C N N 348 
PHE O    O N N 349 
PHE CB   C N N 350 
PHE CG   C Y N 351 
PHE CD1  C Y N 352 
PHE CD2  C Y N 353 
PHE CE1  C Y N 354 
PHE CE2  C Y N 355 
PHE CZ   C Y N 356 
PHE OXT  O N N 357 
PHE H    H N N 358 
PHE H2   H N N 359 
PHE HA   H N N 360 
PHE HB2  H N N 361 
PHE HB3  H N N 362 
PHE HD1  H N N 363 
PHE HD2  H N N 364 
PHE HE1  H N N 365 
PHE HE2  H N N 366 
PHE HZ   H N N 367 
PHE HXT  H N N 368 
PRO N    N N N 369 
PRO CA   C N S 370 
PRO C    C N N 371 
PRO O    O N N 372 
PRO CB   C N N 373 
PRO CG   C N N 374 
PRO CD   C N N 375 
PRO OXT  O N N 376 
PRO H    H N N 377 
PRO HA   H N N 378 
PRO HB2  H N N 379 
PRO HB3  H N N 380 
PRO HG2  H N N 381 
PRO HG3  H N N 382 
PRO HD2  H N N 383 
PRO HD3  H N N 384 
PRO HXT  H N N 385 
SER N    N N N 386 
SER CA   C N S 387 
SER C    C N N 388 
SER O    O N N 389 
SER CB   C N N 390 
SER OG   O N N 391 
SER OXT  O N N 392 
SER H    H N N 393 
SER H2   H N N 394 
SER HA   H N N 395 
SER HB2  H N N 396 
SER HB3  H N N 397 
SER HG   H N N 398 
SER HXT  H N N 399 
THR N    N N N 400 
THR CA   C N S 401 
THR C    C N N 402 
THR O    O N N 403 
THR CB   C N R 404 
THR OG1  O N N 405 
THR CG2  C N N 406 
THR OXT  O N N 407 
THR H    H N N 408 
THR H2   H N N 409 
THR HA   H N N 410 
THR HB   H N N 411 
THR HG1  H N N 412 
THR HG21 H N N 413 
THR HG22 H N N 414 
THR HG23 H N N 415 
THR HXT  H N N 416 
TRP N    N N N 417 
TRP CA   C N S 418 
TRP C    C N N 419 
TRP O    O N N 420 
TRP CB   C N N 421 
TRP CG   C Y N 422 
TRP CD1  C Y N 423 
TRP CD2  C Y N 424 
TRP NE1  N Y N 425 
TRP CE2  C Y N 426 
TRP CE3  C Y N 427 
TRP CZ2  C Y N 428 
TRP CZ3  C Y N 429 
TRP CH2  C Y N 430 
TRP OXT  O N N 431 
TRP H    H N N 432 
TRP H2   H N N 433 
TRP HA   H N N 434 
TRP HB2  H N N 435 
TRP HB3  H N N 436 
TRP HD1  H N N 437 
TRP HE1  H N N 438 
TRP HE3  H N N 439 
TRP HZ2  H N N 440 
TRP HZ3  H N N 441 
TRP HH2  H N N 442 
TRP HXT  H N N 443 
TYR N    N N N 444 
TYR CA   C N S 445 
TYR C    C N N 446 
TYR O    O N N 447 
TYR CB   C N N 448 
TYR CG   C Y N 449 
TYR CD1  C Y N 450 
TYR CD2  C Y N 451 
TYR CE1  C Y N 452 
TYR CE2  C Y N 453 
TYR CZ   C Y N 454 
TYR OH   O N N 455 
TYR OXT  O N N 456 
TYR H    H N N 457 
TYR H2   H N N 458 
TYR HA   H N N 459 
TYR HB2  H N N 460 
TYR HB3  H N N 461 
TYR HD1  H N N 462 
TYR HD2  H N N 463 
TYR HE1  H N N 464 
TYR HE2  H N N 465 
TYR HH   H N N 466 
TYR HXT  H N N 467 
VAL N    N N N 468 
VAL CA   C N S 469 
VAL C    C N N 470 
VAL O    O N N 471 
VAL CB   C N N 472 
VAL CG1  C N N 473 
VAL CG2  C N N 474 
VAL OXT  O N N 475 
VAL H    H N N 476 
VAL H2   H N N 477 
VAL HA   H N N 478 
VAL HB   H N N 479 
VAL HG11 H N N 480 
VAL HG12 H N N 481 
VAL HG13 H N N 482 
VAL HG21 H N N 483 
VAL HG22 H N N 484 
VAL HG23 H N N 485 
VAL HXT  H N N 486 
# 
loop_
_chem_comp_bond.comp_id 
_chem_comp_bond.atom_id_1 
_chem_comp_bond.atom_id_2 
_chem_comp_bond.value_order 
_chem_comp_bond.pdbx_aromatic_flag 
_chem_comp_bond.pdbx_stereo_config 
_chem_comp_bond.pdbx_ordinal 
ALA N   CA   sing N N 1   
ALA N   H    sing N N 2   
ALA N   H2   sing N N 3   
ALA CA  C    sing N N 4   
ALA CA  CB   sing N N 5   
ALA CA  HA   sing N N 6   
ALA C   O    doub N N 7   
ALA C   OXT  sing N N 8   
ALA CB  HB1  sing N N 9   
ALA CB  HB2  sing N N 10  
ALA CB  HB3  sing N N 11  
ALA OXT HXT  sing N N 12  
ARG N   CA   sing N N 13  
ARG N   H    sing N N 14  
ARG N   H2   sing N N 15  
ARG CA  C    sing N N 16  
ARG CA  CB   sing N N 17  
ARG CA  HA   sing N N 18  
ARG C   O    doub N N 19  
ARG C   OXT  sing N N 20  
ARG CB  CG   sing N N 21  
ARG CB  HB2  sing N N 22  
ARG CB  HB3  sing N N 23  
ARG CG  CD   sing N N 24  
ARG CG  HG2  sing N N 25  
ARG CG  HG3  sing N N 26  
ARG CD  NE   sing N N 27  
ARG CD  HD2  sing N N 28  
ARG CD  HD3  sing N N 29  
ARG NE  CZ   sing N N 30  
ARG NE  HE   sing N N 31  
ARG CZ  NH1  sing N N 32  
ARG CZ  NH2  doub N N 33  
ARG NH1 HH11 sing N N 34  
ARG NH1 HH12 sing N N 35  
ARG NH2 HH21 sing N N 36  
ARG NH2 HH22 sing N N 37  
ARG OXT HXT  sing N N 38  
ASN N   CA   sing N N 39  
ASN N   H    sing N N 40  
ASN N   H2   sing N N 41  
ASN CA  C    sing N N 42  
ASN CA  CB   sing N N 43  
ASN CA  HA   sing N N 44  
ASN C   O    doub N N 45  
ASN C   OXT  sing N N 46  
ASN CB  CG   sing N N 47  
ASN CB  HB2  sing N N 48  
ASN CB  HB3  sing N N 49  
ASN CG  OD1  doub N N 50  
ASN CG  ND2  sing N N 51  
ASN ND2 HD21 sing N N 52  
ASN ND2 HD22 sing N N 53  
ASN OXT HXT  sing N N 54  
ASP N   CA   sing N N 55  
ASP N   H    sing N N 56  
ASP N   H2   sing N N 57  
ASP CA  C    sing N N 58  
ASP CA  CB   sing N N 59  
ASP CA  HA   sing N N 60  
ASP C   O    doub N N 61  
ASP C   OXT  sing N N 62  
ASP CB  CG   sing N N 63  
ASP CB  HB2  sing N N 64  
ASP CB  HB3  sing N N 65  
ASP CG  OD1  doub N N 66  
ASP CG  OD2  sing N N 67  
ASP OD2 HD2  sing N N 68  
ASP OXT HXT  sing N N 69  
BEI C34 C35  doub Y N 70  
BEI C34 C39  sing Y N 71  
BEI C34 C33  sing N N 72  
BEI C35 C36  sing Y N 73  
BEI C35 H35  sing N N 74  
BEI C36 C37  doub Y N 75  
BEI C36 H36  sing N N 76  
BEI C37 C38  sing Y N 77  
BEI C37 H37  sing N N 78  
BEI C38 C39  doub Y N 79  
BEI C38 H38  sing N N 80  
BEI C39 H39  sing N N 81  
BEI C40 C41  doub Y N 82  
BEI C40 C45  sing Y N 83  
BEI C40 C30  sing N N 84  
BEI C41 C42  sing Y N 85  
BEI C41 H41  sing N N 86  
BEI C42 C43  doub Y N 87  
BEI C42 H42  sing N N 88  
BEI C43 C44  sing Y N 89  
BEI C43 H43  sing N N 90  
BEI C44 C45  doub Y N 91  
BEI C44 H44  sing N N 92  
BEI C45 H45  sing N N 93  
BEI C30 O29  sing N N 94  
BEI C30 H301 sing N N 95  
BEI C30 H302 sing N N 96  
BEI O29 C5   sing N N 97  
BEI C5  C4   sing N N 98  
BEI C5  C6   sing N N 99  
BEI C5  H5   sing N N 100 
BEI C4  C3   sing N N 101 
BEI C4  O28  sing N N 102 
BEI C4  H4   sing N N 103 
BEI C3  C2   sing N N 104 
BEI C3  O27  sing N N 105 
BEI C3  H3   sing N N 106 
BEI C2  C1   sing N N 107 
BEI C2  O32  sing N N 108 
BEI C2  H2   sing N N 109 
BEI C1  O17  doub N N 110 
BEI C1  N18  sing N N 111 
BEI N18 C19  sing N N 112 
BEI N18 H18  sing N N 113 
BEI C19 C20  sing N N 114 
BEI C19 C23  sing N N 115 
BEI C19 H19  sing N N 116 
BEI C20 C21  sing N N 117 
BEI C20 C22  sing N N 118 
BEI C20 H20  sing N N 119 
BEI C21 H211 sing N N 120 
BEI C21 H212 sing N N 121 
BEI C21 H213 sing N N 122 
BEI C22 C46  sing N N 123 
BEI C22 H221 sing N N 124 
BEI C22 H222 sing N N 125 
BEI C46 H461 sing N N 126 
BEI C46 H462 sing N N 127 
BEI C46 H463 sing N N 128 
BEI C23 O24  doub N N 129 
BEI C23 N25  sing N N 130 
BEI N25 C26  sing N N 131 
BEI N25 H25  sing N N 132 
BEI C26 H261 sing N N 133 
BEI C26 H262 sing N N 134 
BEI C26 H263 sing N N 135 
BEI O32 C33  sing N N 136 
BEI C33 H331 sing N N 137 
BEI C33 H332 sing N N 138 
BEI O27 H27  sing N N 139 
BEI O28 H28  sing N N 140 
BEI C6  O7   doub N N 141 
BEI C6  N8   sing N N 142 
BEI N8  C9   sing N N 143 
BEI N8  H8   sing N N 144 
BEI C9  C10  sing N N 145 
BEI C9  C13  sing N N 146 
BEI C9  H9   sing N N 147 
BEI C10 C11  sing N N 148 
BEI C10 C12  sing N N 149 
BEI C10 H10  sing N N 150 
BEI C11 H111 sing N N 151 
BEI C11 H112 sing N N 152 
BEI C11 H113 sing N N 153 
BEI C12 C47  sing N N 154 
BEI C12 H121 sing N N 155 
BEI C12 H122 sing N N 156 
BEI C47 H471 sing N N 157 
BEI C47 H472 sing N N 158 
BEI C47 H473 sing N N 159 
BEI C13 O14  doub N N 160 
BEI C13 N15  sing N N 161 
BEI N15 C16  sing N N 162 
BEI N15 H15  sing N N 163 
BEI C16 H161 sing N N 164 
BEI C16 H162 sing N N 165 
BEI C16 H163 sing N N 166 
CYS N   CA   sing N N 167 
CYS N   H    sing N N 168 
CYS N   H2   sing N N 169 
CYS CA  C    sing N N 170 
CYS CA  CB   sing N N 171 
CYS CA  HA   sing N N 172 
CYS C   O    doub N N 173 
CYS C   OXT  sing N N 174 
CYS CB  SG   sing N N 175 
CYS CB  HB2  sing N N 176 
CYS CB  HB3  sing N N 177 
CYS SG  HG   sing N N 178 
CYS OXT HXT  sing N N 179 
GLN N   CA   sing N N 180 
GLN N   H    sing N N 181 
GLN N   H2   sing N N 182 
GLN CA  C    sing N N 183 
GLN CA  CB   sing N N 184 
GLN CA  HA   sing N N 185 
GLN C   O    doub N N 186 
GLN C   OXT  sing N N 187 
GLN CB  CG   sing N N 188 
GLN CB  HB2  sing N N 189 
GLN CB  HB3  sing N N 190 
GLN CG  CD   sing N N 191 
GLN CG  HG2  sing N N 192 
GLN CG  HG3  sing N N 193 
GLN CD  OE1  doub N N 194 
GLN CD  NE2  sing N N 195 
GLN NE2 HE21 sing N N 196 
GLN NE2 HE22 sing N N 197 
GLN OXT HXT  sing N N 198 
GLU N   CA   sing N N 199 
GLU N   H    sing N N 200 
GLU N   H2   sing N N 201 
GLU CA  C    sing N N 202 
GLU CA  CB   sing N N 203 
GLU CA  HA   sing N N 204 
GLU C   O    doub N N 205 
GLU C   OXT  sing N N 206 
GLU CB  CG   sing N N 207 
GLU CB  HB2  sing N N 208 
GLU CB  HB3  sing N N 209 
GLU CG  CD   sing N N 210 
GLU CG  HG2  sing N N 211 
GLU CG  HG3  sing N N 212 
GLU CD  OE1  doub N N 213 
GLU CD  OE2  sing N N 214 
GLU OE2 HE2  sing N N 215 
GLU OXT HXT  sing N N 216 
GLY N   CA   sing N N 217 
GLY N   H    sing N N 218 
GLY N   H2   sing N N 219 
GLY CA  C    sing N N 220 
GLY CA  HA2  sing N N 221 
GLY CA  HA3  sing N N 222 
GLY C   O    doub N N 223 
GLY C   OXT  sing N N 224 
GLY OXT HXT  sing N N 225 
HIS N   CA   sing N N 226 
HIS N   H    sing N N 227 
HIS N   H2   sing N N 228 
HIS CA  C    sing N N 229 
HIS CA  CB   sing N N 230 
HIS CA  HA   sing N N 231 
HIS C   O    doub N N 232 
HIS C   OXT  sing N N 233 
HIS CB  CG   sing N N 234 
HIS CB  HB2  sing N N 235 
HIS CB  HB3  sing N N 236 
HIS CG  ND1  sing Y N 237 
HIS CG  CD2  doub Y N 238 
HIS ND1 CE1  doub Y N 239 
HIS ND1 HD1  sing N N 240 
HIS CD2 NE2  sing Y N 241 
HIS CD2 HD2  sing N N 242 
HIS CE1 NE2  sing Y N 243 
HIS CE1 HE1  sing N N 244 
HIS NE2 HE2  sing N N 245 
HIS OXT HXT  sing N N 246 
HOH O   H1   sing N N 247 
HOH O   H2   sing N N 248 
ILE N   CA   sing N N 249 
ILE N   H    sing N N 250 
ILE N   H2   sing N N 251 
ILE CA  C    sing N N 252 
ILE CA  CB   sing N N 253 
ILE CA  HA   sing N N 254 
ILE C   O    doub N N 255 
ILE C   OXT  sing N N 256 
ILE CB  CG1  sing N N 257 
ILE CB  CG2  sing N N 258 
ILE CB  HB   sing N N 259 
ILE CG1 CD1  sing N N 260 
ILE CG1 HG12 sing N N 261 
ILE CG1 HG13 sing N N 262 
ILE CG2 HG21 sing N N 263 
ILE CG2 HG22 sing N N 264 
ILE CG2 HG23 sing N N 265 
ILE CD1 HD11 sing N N 266 
ILE CD1 HD12 sing N N 267 
ILE CD1 HD13 sing N N 268 
ILE OXT HXT  sing N N 269 
LEU N   CA   sing N N 270 
LEU N   H    sing N N 271 
LEU N   H2   sing N N 272 
LEU CA  C    sing N N 273 
LEU CA  CB   sing N N 274 
LEU CA  HA   sing N N 275 
LEU C   O    doub N N 276 
LEU C   OXT  sing N N 277 
LEU CB  CG   sing N N 278 
LEU CB  HB2  sing N N 279 
LEU CB  HB3  sing N N 280 
LEU CG  CD1  sing N N 281 
LEU CG  CD2  sing N N 282 
LEU CG  HG   sing N N 283 
LEU CD1 HD11 sing N N 284 
LEU CD1 HD12 sing N N 285 
LEU CD1 HD13 sing N N 286 
LEU CD2 HD21 sing N N 287 
LEU CD2 HD22 sing N N 288 
LEU CD2 HD23 sing N N 289 
LEU OXT HXT  sing N N 290 
LYS N   CA   sing N N 291 
LYS N   H    sing N N 292 
LYS N   H2   sing N N 293 
LYS CA  C    sing N N 294 
LYS CA  CB   sing N N 295 
LYS CA  HA   sing N N 296 
LYS C   O    doub N N 297 
LYS C   OXT  sing N N 298 
LYS CB  CG   sing N N 299 
LYS CB  HB2  sing N N 300 
LYS CB  HB3  sing N N 301 
LYS CG  CD   sing N N 302 
LYS CG  HG2  sing N N 303 
LYS CG  HG3  sing N N 304 
LYS CD  CE   sing N N 305 
LYS CD  HD2  sing N N 306 
LYS CD  HD3  sing N N 307 
LYS CE  NZ   sing N N 308 
LYS CE  HE2  sing N N 309 
LYS CE  HE3  sing N N 310 
LYS NZ  HZ1  sing N N 311 
LYS NZ  HZ2  sing N N 312 
LYS NZ  HZ3  sing N N 313 
LYS OXT HXT  sing N N 314 
MET N   CA   sing N N 315 
MET N   H    sing N N 316 
MET N   H2   sing N N 317 
MET CA  C    sing N N 318 
MET CA  CB   sing N N 319 
MET CA  HA   sing N N 320 
MET C   O    doub N N 321 
MET C   OXT  sing N N 322 
MET CB  CG   sing N N 323 
MET CB  HB2  sing N N 324 
MET CB  HB3  sing N N 325 
MET CG  SD   sing N N 326 
MET CG  HG2  sing N N 327 
MET CG  HG3  sing N N 328 
MET SD  CE   sing N N 329 
MET CE  HE1  sing N N 330 
MET CE  HE2  sing N N 331 
MET CE  HE3  sing N N 332 
MET OXT HXT  sing N N 333 
PHE N   CA   sing N N 334 
PHE N   H    sing N N 335 
PHE N   H2   sing N N 336 
PHE CA  C    sing N N 337 
PHE CA  CB   sing N N 338 
PHE CA  HA   sing N N 339 
PHE C   O    doub N N 340 
PHE C   OXT  sing N N 341 
PHE CB  CG   sing N N 342 
PHE CB  HB2  sing N N 343 
PHE CB  HB3  sing N N 344 
PHE CG  CD1  doub Y N 345 
PHE CG  CD2  sing Y N 346 
PHE CD1 CE1  sing Y N 347 
PHE CD1 HD1  sing N N 348 
PHE CD2 CE2  doub Y N 349 
PHE CD2 HD2  sing N N 350 
PHE CE1 CZ   doub Y N 351 
PHE CE1 HE1  sing N N 352 
PHE CE2 CZ   sing Y N 353 
PHE CE2 HE2  sing N N 354 
PHE CZ  HZ   sing N N 355 
PHE OXT HXT  sing N N 356 
PRO N   CA   sing N N 357 
PRO N   CD   sing N N 358 
PRO N   H    sing N N 359 
PRO CA  C    sing N N 360 
PRO CA  CB   sing N N 361 
PRO CA  HA   sing N N 362 
PRO C   O    doub N N 363 
PRO C   OXT  sing N N 364 
PRO CB  CG   sing N N 365 
PRO CB  HB2  sing N N 366 
PRO CB  HB3  sing N N 367 
PRO CG  CD   sing N N 368 
PRO CG  HG2  sing N N 369 
PRO CG  HG3  sing N N 370 
PRO CD  HD2  sing N N 371 
PRO CD  HD3  sing N N 372 
PRO OXT HXT  sing N N 373 
SER N   CA   sing N N 374 
SER N   H    sing N N 375 
SER N   H2   sing N N 376 
SER CA  C    sing N N 377 
SER CA  CB   sing N N 378 
SER CA  HA   sing N N 379 
SER C   O    doub N N 380 
SER C   OXT  sing N N 381 
SER CB  OG   sing N N 382 
SER CB  HB2  sing N N 383 
SER CB  HB3  sing N N 384 
SER OG  HG   sing N N 385 
SER OXT HXT  sing N N 386 
THR N   CA   sing N N 387 
THR N   H    sing N N 388 
THR N   H2   sing N N 389 
THR CA  C    sing N N 390 
THR CA  CB   sing N N 391 
THR CA  HA   sing N N 392 
THR C   O    doub N N 393 
THR C   OXT  sing N N 394 
THR CB  OG1  sing N N 395 
THR CB  CG2  sing N N 396 
THR CB  HB   sing N N 397 
THR OG1 HG1  sing N N 398 
THR CG2 HG21 sing N N 399 
THR CG2 HG22 sing N N 400 
THR CG2 HG23 sing N N 401 
THR OXT HXT  sing N N 402 
TRP N   CA   sing N N 403 
TRP N   H    sing N N 404 
TRP N   H2   sing N N 405 
TRP CA  C    sing N N 406 
TRP CA  CB   sing N N 407 
TRP CA  HA   sing N N 408 
TRP C   O    doub N N 409 
TRP C   OXT  sing N N 410 
TRP CB  CG   sing N N 411 
TRP CB  HB2  sing N N 412 
TRP CB  HB3  sing N N 413 
TRP CG  CD1  doub Y N 414 
TRP CG  CD2  sing Y N 415 
TRP CD1 NE1  sing Y N 416 
TRP CD1 HD1  sing N N 417 
TRP CD2 CE2  doub Y N 418 
TRP CD2 CE3  sing Y N 419 
TRP NE1 CE2  sing Y N 420 
TRP NE1 HE1  sing N N 421 
TRP CE2 CZ2  sing Y N 422 
TRP CE3 CZ3  doub Y N 423 
TRP CE3 HE3  sing N N 424 
TRP CZ2 CH2  doub Y N 425 
TRP CZ2 HZ2  sing N N 426 
TRP CZ3 CH2  sing Y N 427 
TRP CZ3 HZ3  sing N N 428 
TRP CH2 HH2  sing N N 429 
TRP OXT HXT  sing N N 430 
TYR N   CA   sing N N 431 
TYR N   H    sing N N 432 
TYR N   H2   sing N N 433 
TYR CA  C    sing N N 434 
TYR CA  CB   sing N N 435 
TYR CA  HA   sing N N 436 
TYR C   O    doub N N 437 
TYR C   OXT  sing N N 438 
TYR CB  CG   sing N N 439 
TYR CB  HB2  sing N N 440 
TYR CB  HB3  sing N N 441 
TYR CG  CD1  doub Y N 442 
TYR CG  CD2  sing Y N 443 
TYR CD1 CE1  sing Y N 444 
TYR CD1 HD1  sing N N 445 
TYR CD2 CE2  doub Y N 446 
TYR CD2 HD2  sing N N 447 
TYR CE1 CZ   doub Y N 448 
TYR CE1 HE1  sing N N 449 
TYR CE2 CZ   sing Y N 450 
TYR CE2 HE2  sing N N 451 
TYR CZ  OH   sing N N 452 
TYR OH  HH   sing N N 453 
TYR OXT HXT  sing N N 454 
VAL N   CA   sing N N 455 
VAL N   H    sing N N 456 
VAL N   H2   sing N N 457 
VAL CA  C    sing N N 458 
VAL CA  CB   sing N N 459 
VAL CA  HA   sing N N 460 
VAL C   O    doub N N 461 
VAL C   OXT  sing N N 462 
VAL CB  CG1  sing N N 463 
VAL CB  CG2  sing N N 464 
VAL CB  HB   sing N N 465 
VAL CG1 HG11 sing N N 466 
VAL CG1 HG12 sing N N 467 
VAL CG1 HG13 sing N N 468 
VAL CG2 HG21 sing N N 469 
VAL CG2 HG22 sing N N 470 
VAL CG2 HG23 sing N N 471 
VAL OXT HXT  sing N N 472 
# 
_atom_sites.entry_id                    1EBW 
_atom_sites.fract_transf_matrix[1][1]   -0.00555260 
_atom_sites.fract_transf_matrix[1][2]   0.00211536 
_atom_sites.fract_transf_matrix[1][3]   -0.01586158 
_atom_sites.fract_transf_matrix[2][1]   -0.00834543 
_atom_sites.fract_transf_matrix[2][2]   -0.00770777 
_atom_sites.fract_transf_matrix[2][3]   0.00189351 
_atom_sites.fract_transf_matrix[3][1]   -0.01290330 
_atom_sites.fract_transf_matrix[3][2]   0.01559126 
_atom_sites.fract_transf_matrix[3][3]   0.00659631 
_atom_sites.fract_transf_vector[1]      0.270482 
_atom_sites.fract_transf_vector[2]      0.305621 
_atom_sites.fract_transf_vector[3]      0.078831 
# 
loop_
_atom_type.symbol 
C 
N 
O 
S 
# 
loop_
_atom_site.group_PDB 
_atom_site.id 
_atom_site.type_symbol 
_atom_site.label_atom_id 
_atom_site.label_alt_id 
_atom_site.label_comp_id 
_atom_site.label_asym_id 
_atom_site.label_entity_id 
_atom_site.label_seq_id 
_atom_site.pdbx_PDB_ins_code 
_atom_site.Cartn_x 
_atom_site.Cartn_y 
_atom_site.Cartn_z 
_atom_site.occupancy 
_atom_site.B_iso_or_equiv 
_atom_site.pdbx_formal_charge 
_atom_site.auth_seq_id 
_atom_site.auth_comp_id 
_atom_site.auth_asym_id 
_atom_site.auth_atom_id 
_atom_site.pdbx_PDB_model_num 
ATOM   1    N N   . PRO A 1 1  ? -15.364 -6.273  -9.481  1.00 26.67 ? 1   PRO A N   1 
ATOM   2    C CA  . PRO A 1 1  ? -14.691 -5.866  -10.735 1.00 26.76 ? 1   PRO A CA  1 
ATOM   3    C C   . PRO A 1 1  ? -13.218 -6.238  -10.697 1.00 26.48 ? 1   PRO A C   1 
ATOM   4    O O   . PRO A 1 1  ? -12.728 -6.768  -9.701  1.00 26.30 ? 1   PRO A O   1 
ATOM   5    C CB  . PRO A 1 1  ? -14.845 -4.358  -10.843 1.00 26.83 ? 1   PRO A CB  1 
ATOM   6    C CG  . PRO A 1 1  ? -14.895 -3.969  -9.372  1.00 26.63 ? 1   PRO A CG  1 
ATOM   7    C CD  . PRO A 1 1  ? -15.749 -5.072  -8.716  1.00 26.84 ? 1   PRO A CD  1 
ATOM   8    N N   . GLN A 1 2  ? -12.522 -5.969  -11.793 1.00 26.43 ? 2   GLN A N   1 
ATOM   9    C CA  . GLN A 1 2  ? -11.096 -6.242  -11.874 1.00 26.00 ? 2   GLN A CA  1 
ATOM   10   C C   . GLN A 1 2  ? -10.422 -4.904  -12.098 1.00 25.29 ? 2   GLN A C   1 
ATOM   11   O O   . GLN A 1 2  ? -10.681 -4.226  -13.090 1.00 24.97 ? 2   GLN A O   1 
ATOM   12   C CB  . GLN A 1 2  ? -10.771 -7.178  -13.032 1.00 27.01 ? 2   GLN A CB  1 
ATOM   13   C CG  . GLN A 1 2  ? -9.295  -7.532  -13.093 1.00 28.35 ? 2   GLN A CG  1 
ATOM   14   C CD  . GLN A 1 2  ? -8.965  -8.486  -14.213 1.00 29.44 ? 2   GLN A CD  1 
ATOM   15   O OE1 . GLN A 1 2  ? -9.013  -8.121  -15.388 1.00 30.40 ? 2   GLN A OE1 1 
ATOM   16   N NE2 . GLN A 1 2  ? -8.627  -9.720  -13.858 1.00 29.81 ? 2   GLN A NE2 1 
ATOM   17   N N   . ILE A 1 3  ? -9.556  -4.526  -11.166 1.00 24.06 ? 3   ILE A N   1 
ATOM   18   C CA  . ILE A 1 3  ? -8.870  -3.253  -11.253 1.00 22.27 ? 3   ILE A CA  1 
ATOM   19   C C   . ILE A 1 3  ? -7.410  -3.420  -11.645 1.00 21.60 ? 3   ILE A C   1 
ATOM   20   O O   . ILE A 1 3  ? -6.654  -4.139  -10.983 1.00 20.48 ? 3   ILE A O   1 
ATOM   21   C CB  . ILE A 1 3  ? -8.957  -2.512  -9.906  1.00 22.81 ? 3   ILE A CB  1 
ATOM   22   C CG1 . ILE A 1 3  ? -10.428 -2.367  -9.500  1.00 23.22 ? 3   ILE A CG1 1 
ATOM   23   C CG2 . ILE A 1 3  ? -8.301  -1.140  -10.014 1.00 22.89 ? 3   ILE A CG2 1 
ATOM   24   C CD1 . ILE A 1 3  ? -10.638 -1.735  -8.142  1.00 23.79 ? 3   ILE A CD1 1 
ATOM   25   N N   . THR A 1 4  ? -7.018  -2.768  -12.739 1.00 19.82 ? 4   THR A N   1 
ATOM   26   C CA  . THR A 1 4  ? -5.634  -2.832  -13.180 1.00 19.11 ? 4   THR A CA  1 
ATOM   27   C C   . THR A 1 4  ? -4.845  -1.812  -12.363 1.00 18.03 ? 4   THR A C   1 
ATOM   28   O O   . THR A 1 4  ? -5.423  -0.951  -11.699 1.00 17.36 ? 4   THR A O   1 
ATOM   29   C CB  . THR A 1 4  ? -5.486  -2.525  -14.687 1.00 19.38 ? 4   THR A CB  1 
ATOM   30   O OG1 . THR A 1 4  ? -6.133  -1.283  -14.994 1.00 20.71 ? 4   THR A OG1 1 
ATOM   31   C CG2 . THR A 1 4  ? -6.103  -3.649  -15.517 1.00 19.39 ? 4   THR A CG2 1 
ATOM   32   N N   . LEU A 1 5  ? -3.524  -1.907  -12.411 1.00 17.49 ? 5   LEU A N   1 
ATOM   33   C CA  . LEU A 1 5  ? -2.696  -1.008  -11.626 1.00 16.91 ? 5   LEU A CA  1 
ATOM   34   C C   . LEU A 1 5  ? -1.864  -0.010  -12.424 1.00 16.80 ? 5   LEU A C   1 
ATOM   35   O O   . LEU A 1 5  ? -0.873  0.513   -11.918 1.00 16.25 ? 5   LEU A O   1 
ATOM   36   C CB  . LEU A 1 5  ? -1.803  -1.837  -10.700 1.00 16.61 ? 5   LEU A CB  1 
ATOM   37   C CG  . LEU A 1 5  ? -2.618  -2.684  -9.713  1.00 17.08 ? 5   LEU A CG  1 
ATOM   38   C CD1 . LEU A 1 5  ? -1.726  -3.703  -8.999  1.00 16.00 ? 5   LEU A CD1 1 
ATOM   39   C CD2 . LEU A 1 5  ? -3.297  -1.754  -8.716  1.00 16.73 ? 5   LEU A CD2 1 
ATOM   40   N N   . TRP A 1 6  ? -2.269  0.254   -13.664 1.00 16.96 ? 6   TRP A N   1 
ATOM   41   C CA  . TRP A 1 6  ? -1.571  1.224   -14.504 1.00 17.45 ? 6   TRP A CA  1 
ATOM   42   C C   . TRP A 1 6  ? -1.682  2.586   -13.828 1.00 17.57 ? 6   TRP A C   1 
ATOM   43   O O   . TRP A 1 6  ? -0.801  3.433   -13.964 1.00 18.38 ? 6   TRP A O   1 
ATOM   44   C CB  . TRP A 1 6  ? -2.198  1.281   -15.905 1.00 17.27 ? 6   TRP A CB  1 
ATOM   45   C CG  . TRP A 1 6  ? -2.119  -0.023  -16.650 1.00 17.69 ? 6   TRP A CG  1 
ATOM   46   C CD1 . TRP A 1 6  ? -3.161  -0.836  -17.000 1.00 17.53 ? 6   TRP A CD1 1 
ATOM   47   C CD2 . TRP A 1 6  ? -0.929  -0.669  -17.120 1.00 17.55 ? 6   TRP A CD2 1 
ATOM   48   N NE1 . TRP A 1 6  ? -2.692  -1.951  -17.658 1.00 17.69 ? 6   TRP A NE1 1 
ATOM   49   C CE2 . TRP A 1 6  ? -1.327  -1.874  -17.746 1.00 18.14 ? 6   TRP A CE2 1 
ATOM   50   C CE3 . TRP A 1 6  ? 0.434   -0.348  -17.075 1.00 17.98 ? 6   TRP A CE3 1 
ATOM   51   C CZ2 . TRP A 1 6  ? -0.407  -2.759  -18.323 1.00 18.78 ? 6   TRP A CZ2 1 
ATOM   52   C CZ3 . TRP A 1 6  ? 1.348   -1.225  -17.648 1.00 18.43 ? 6   TRP A CZ3 1 
ATOM   53   C CH2 . TRP A 1 6  ? 0.923   -2.418  -18.264 1.00 18.78 ? 6   TRP A CH2 1 
ATOM   54   N N   . GLN A 1 7  ? -2.781  2.792   -13.107 1.00 17.95 ? 7   GLN A N   1 
ATOM   55   C CA  . GLN A 1 7  ? -3.012  4.035   -12.370 1.00 18.68 ? 7   GLN A CA  1 
ATOM   56   C C   . GLN A 1 7  ? -3.315  3.641   -10.929 1.00 17.93 ? 7   GLN A C   1 
ATOM   57   O O   . GLN A 1 7  ? -3.568  2.468   -10.650 1.00 16.86 ? 7   GLN A O   1 
ATOM   58   C CB  . GLN A 1 7  ? -4.216  4.807   -12.925 1.00 20.47 ? 7   GLN A CB  1 
ATOM   59   C CG  . GLN A 1 7  ? -4.069  5.308   -14.359 1.00 23.93 ? 7   GLN A CG  1 
ATOM   60   C CD  . GLN A 1 7  ? -4.481  4.269   -15.395 1.00 26.21 ? 7   GLN A CD  1 
ATOM   61   O OE1 . GLN A 1 7  ? -5.569  3.689   -15.317 1.00 28.00 ? 7   GLN A OE1 1 
ATOM   62   N NE2 . GLN A 1 7  ? -3.621  4.044   -16.381 1.00 28.00 ? 7   GLN A NE2 1 
ATOM   63   N N   . ARG A 1 8  ? -3.288  4.612   -10.020 1.00 17.48 ? 8   ARG A N   1 
ATOM   64   C CA  . ARG A 1 8  ? -3.590  4.336   -8.619  1.00 17.54 ? 8   ARG A CA  1 
ATOM   65   C C   . ARG A 1 8  ? -5.009  3.785   -8.536  1.00 17.29 ? 8   ARG A C   1 
ATOM   66   O O   . ARG A 1 8  ? -5.923  4.307   -9.178  1.00 16.97 ? 8   ARG A O   1 
ATOM   67   C CB  . ARG A 1 8  ? -3.488  5.613   -7.789  1.00 18.53 ? 8   ARG A CB  1 
ATOM   68   C CG  . ARG A 1 8  ? -2.095  6.177   -7.718  1.00 18.99 ? 8   ARG A CG  1 
ATOM   69   C CD  . ARG A 1 8  ? -2.058  7.429   -6.871  1.00 20.04 ? 8   ARG A CD  1 
ATOM   70   N NE  . ARG A 1 8  ? -0.716  7.990   -6.823  1.00 20.96 ? 8   ARG A NE  1 
ATOM   71   C CZ  . ARG A 1 8  ? -0.414  9.152   -6.255  1.00 22.49 ? 8   ARG A CZ  1 
ATOM   72   N NH1 . ARG A 1 8  ? -1.368  9.877   -5.683  1.00 22.99 ? 8   ARG A NH1 1 
ATOM   73   N NH2 . ARG A 1 8  ? 0.838   9.590   -6.264  1.00 21.63 ? 8   ARG A NH2 1 
ATOM   74   N N   . PRO A 1 9  ? -5.211  2.720   -7.749  1.00 16.69 ? 9   PRO A N   1 
ATOM   75   C CA  . PRO A 1 9  ? -6.537  2.116   -7.606  1.00 16.72 ? 9   PRO A CA  1 
ATOM   76   C C   . PRO A 1 9  ? -7.459  2.926   -6.698  1.00 16.96 ? 9   PRO A C   1 
ATOM   77   O O   . PRO A 1 9  ? -7.687  2.562   -5.548  1.00 16.80 ? 9   PRO A O   1 
ATOM   78   C CB  . PRO A 1 9  ? -6.219  0.737   -7.039  1.00 16.48 ? 9   PRO A CB  1 
ATOM   79   C CG  . PRO A 1 9  ? -5.071  1.017   -6.142  1.00 15.99 ? 9   PRO A CG  1 
ATOM   80   C CD  . PRO A 1 9  ? -4.205  1.959   -6.984  1.00 16.60 ? 9   PRO A CD  1 
ATOM   81   N N   . LEU A 1 10 ? -7.982  4.028   -7.227  1.00 17.84 ? 10  LEU A N   1 
ATOM   82   C CA  . LEU A 1 10 ? -8.877  4.898   -6.470  1.00 18.79 ? 10  LEU A CA  1 
ATOM   83   C C   . LEU A 1 10 ? -10.329 4.506   -6.704  1.00 19.23 ? 10  LEU A C   1 
ATOM   84   O O   . LEU A 1 10 ? -10.723 4.184   -7.827  1.00 19.59 ? 10  LEU A O   1 
ATOM   85   C CB  . LEU A 1 10 ? -8.662  6.358   -6.879  1.00 19.78 ? 10  LEU A CB  1 
ATOM   86   C CG  . LEU A 1 10 ? -7.246  6.906   -6.681  1.00 20.72 ? 10  LEU A CG  1 
ATOM   87   C CD1 . LEU A 1 10 ? -7.100  8.235   -7.401  1.00 21.61 ? 10  LEU A CD1 1 
ATOM   88   C CD2 . LEU A 1 10 ? -6.960  7.070   -5.196  1.00 21.21 ? 10  LEU A CD2 1 
ATOM   89   N N   . VAL A 1 11 ? -11.122 4.524   -5.637  1.00 19.32 ? 11  VAL A N   1 
ATOM   90   C CA  . VAL A 1 11 ? -12.534 4.174   -5.732  1.00 19.88 ? 11  VAL A CA  1 
ATOM   91   C C   . VAL A 1 11 ? -13.356 5.110   -4.858  1.00 20.59 ? 11  VAL A C   1 
ATOM   92   O O   . VAL A 1 11 ? -12.814 5.807   -3.998  1.00 20.19 ? 11  VAL A O   1 
ATOM   93   C CB  . VAL A 1 11 ? -12.792 2.720   -5.275  1.00 19.88 ? 11  VAL A CB  1 
ATOM   94   C CG1 . VAL A 1 11 ? -11.962 1.757   -6.111  1.00 20.34 ? 11  VAL A CG1 1 
ATOM   95   C CG2 . VAL A 1 11 ? -12.454 2.566   -3.800  1.00 20.22 ? 11  VAL A CG2 1 
ATOM   96   N N   . THR A 1 12 ? -14.667 5.123   -5.081  1.00 21.17 ? 12  THR A N   1 
ATOM   97   C CA  . THR A 1 12 ? -15.563 5.965   -4.305  1.00 22.32 ? 12  THR A CA  1 
ATOM   98   C C   . THR A 1 12 ? -16.040 5.211   -3.071  1.00 22.38 ? 12  THR A C   1 
ATOM   99   O O   . THR A 1 12 ? -16.396 4.040   -3.151  1.00 22.93 ? 12  THR A O   1 
ATOM   100  C CB  . THR A 1 12 ? -16.801 6.378   -5.130  1.00 22.91 ? 12  THR A CB  1 
ATOM   101  O OG1 . THR A 1 12 ? -16.383 7.114   -6.284  1.00 24.40 ? 12  THR A OG1 1 
ATOM   102  C CG2 . THR A 1 12 ? -17.736 7.250   -4.298  1.00 23.85 ? 12  THR A CG2 1 
ATOM   103  N N   . ILE A 1 13 ? -16.022 5.875   -1.924  1.00 22.55 ? 13  ILE A N   1 
ATOM   104  C CA  . ILE A 1 13 ? -16.492 5.252   -0.700  1.00 23.47 ? 13  ILE A CA  1 
ATOM   105  C C   . ILE A 1 13 ? -17.528 6.169   -0.062  1.00 24.11 ? 13  ILE A C   1 
ATOM   106  O O   . ILE A 1 13 ? -17.520 7.381   -0.280  1.00 23.68 ? 13  ILE A O   1 
ATOM   107  C CB  . ILE A 1 13 ? -15.343 5.004   0.313   1.00 22.94 ? 13  ILE A CB  1 
ATOM   108  C CG1 . ILE A 1 13 ? -14.825 6.338   0.860   1.00 22.92 ? 13  ILE A CG1 1 
ATOM   109  C CG2 . ILE A 1 13 ? -14.219 4.213   -0.357  1.00 22.52 ? 13  ILE A CG2 1 
ATOM   110  C CD1 . ILE A 1 13 ? -13.887 6.196   2.048   1.00 22.22 ? 13  ILE A CD1 1 
ATOM   111  N N   . LYS A 1 14 ? -18.426 5.576   0.714   1.00 25.47 ? 14  LYS A N   1 
ATOM   112  C CA  . LYS A 1 14 ? -19.467 6.323   1.405   1.00 26.82 ? 14  LYS A CA  1 
ATOM   113  C C   . LYS A 1 14 ? -19.281 6.067   2.891   1.00 27.14 ? 14  LYS A C   1 
ATOM   114  O O   . LYS A 1 14 ? -19.259 4.918   3.330   1.00 26.83 ? 14  LYS A O   1 
ATOM   115  C CB  . LYS A 1 14 ? -20.852 5.845   0.949   1.00 27.85 ? 14  LYS A CB  1 
ATOM   116  C CG  . LYS A 1 14 ? -22.038 6.578   1.582   1.00 30.05 ? 14  LYS A CG  1 
ATOM   117  C CD  . LYS A 1 14 ? -22.143 6.330   3.086   1.00 31.78 ? 14  LYS A CD  1 
ATOM   118  C CE  . LYS A 1 14 ? -22.280 4.843   3.413   1.00 32.68 ? 14  LYS A CE  1 
ATOM   119  N NZ  . LYS A 1 14 ? -22.185 4.583   4.881   1.00 33.09 ? 14  LYS A NZ  1 
ATOM   120  N N   . ILE A 1 15 ? -19.133 7.140   3.658   1.00 27.72 ? 15  ILE A N   1 
ATOM   121  C CA  . ILE A 1 15 ? -18.951 7.029   5.096   1.00 28.60 ? 15  ILE A CA  1 
ATOM   122  C C   . ILE A 1 15 ? -19.574 8.228   5.798   1.00 29.52 ? 15  ILE A C   1 
ATOM   123  O O   . ILE A 1 15 ? -19.285 9.378   5.465   1.00 29.50 ? 15  ILE A O   1 
ATOM   124  C CB  . ILE A 1 15 ? -17.449 6.943   5.472   1.00 28.21 ? 15  ILE A CB  1 
ATOM   125  C CG1 . ILE A 1 15 ? -17.302 6.807   6.987   1.00 27.87 ? 15  ILE A CG1 1 
ATOM   126  C CG2 . ILE A 1 15 ? -16.705 8.173   4.961   1.00 28.49 ? 15  ILE A CG2 1 
ATOM   127  C CD1 . ILE A 1 15 ? -15.877 6.577   7.447   1.00 27.70 ? 15  ILE A CD1 1 
ATOM   128  N N   . GLY A 1 16 ? -20.438 7.946   6.767   1.00 30.88 ? 16  GLY A N   1 
ATOM   129  C CA  . GLY A 1 16 ? -21.095 9.008   7.505   1.00 32.19 ? 16  GLY A CA  1 
ATOM   130  C C   . GLY A 1 16 ? -21.943 9.886   6.608   1.00 33.02 ? 16  GLY A C   1 
ATOM   131  O O   . GLY A 1 16 ? -22.010 11.100  6.801   1.00 33.50 ? 16  GLY A O   1 
ATOM   132  N N   . GLY A 1 17 ? -22.585 9.269   5.622   1.00 33.44 ? 17  GLY A N   1 
ATOM   133  C CA  . GLY A 1 17 ? -23.428 10.014  4.705   1.00 34.37 ? 17  GLY A CA  1 
ATOM   134  C C   . GLY A 1 17 ? -22.654 10.914  3.759   1.00 35.00 ? 17  GLY A C   1 
ATOM   135  O O   . GLY A 1 17 ? -23.230 11.809  3.143   1.00 35.37 ? 17  GLY A O   1 
ATOM   136  N N   . GLN A 1 18 ? -21.350 10.678  3.637   1.00 34.98 ? 18  GLN A N   1 
ATOM   137  C CA  . GLN A 1 18 ? -20.508 11.487  2.759   1.00 34.70 ? 18  GLN A CA  1 
ATOM   138  C C   . GLN A 1 18 ? -19.763 10.643  1.731   1.00 33.89 ? 18  GLN A C   1 
ATOM   139  O O   . GLN A 1 18 ? -19.343 9.523   2.020   1.00 33.42 ? 18  GLN A O   1 
ATOM   140  C CB  . GLN A 1 18 ? -19.491 12.268  3.587   1.00 35.77 ? 18  GLN A CB  1 
ATOM   141  C CG  . GLN A 1 18 ? -20.102 13.259  4.556   1.00 37.47 ? 18  GLN A CG  1 
ATOM   142  C CD  . GLN A 1 18 ? -19.066 13.875  5.473   1.00 38.52 ? 18  GLN A CD  1 
ATOM   143  O OE1 . GLN A 1 18 ? -18.086 14.467  5.016   1.00 39.17 ? 18  GLN A OE1 1 
ATOM   144  N NE2 . GLN A 1 18 ? -19.275 13.737  6.778   1.00 39.62 ? 18  GLN A NE2 1 
ATOM   145  N N   . LEU A 1 19 ? -19.605 11.186  0.527   1.00 33.20 ? 19  LEU A N   1 
ATOM   146  C CA  . LEU A 1 19 ? -18.887 10.488  -0.534  1.00 32.37 ? 19  LEU A CA  1 
ATOM   147  C C   . LEU A 1 19 ? -17.447 10.980  -0.552  1.00 31.50 ? 19  LEU A C   1 
ATOM   148  O O   . LEU A 1 19 ? -17.193 12.180  -0.459  1.00 31.94 ? 19  LEU A O   1 
ATOM   149  C CB  . LEU A 1 19 ? -19.532 10.752  -1.894  1.00 32.93 ? 19  LEU A CB  1 
ATOM   150  C CG  . LEU A 1 19 ? -20.891 10.104  -2.153  1.00 33.56 ? 19  LEU A CG  1 
ATOM   151  C CD1 . LEU A 1 19 ? -21.362 10.455  -3.559  1.00 33.92 ? 19  LEU A CD1 1 
ATOM   152  C CD2 . LEU A 1 19 ? -20.777 8.595   -1.989  1.00 33.80 ? 19  LEU A CD2 1 
ATOM   153  N N   . LYS A 1 20 ? -16.508 10.049  -0.667  1.00 30.08 ? 20  LYS A N   1 
ATOM   154  C CA  . LYS A 1 20 ? -15.094 10.393  -0.688  1.00 28.41 ? 20  LYS A CA  1 
ATOM   155  C C   . LYS A 1 20 ? -14.345 9.459   -1.624  1.00 27.25 ? 20  LYS A C   1 
ATOM   156  O O   . LYS A 1 20 ? -14.846 8.393   -1.980  1.00 27.01 ? 20  LYS A O   1 
ATOM   157  C CB  . LYS A 1 20 ? -14.499 10.285  0.721   1.00 28.50 ? 20  LYS A CB  1 
ATOM   158  C CG  . LYS A 1 20 ? -15.043 11.292  1.728   1.00 29.31 ? 20  LYS A CG  1 
ATOM   159  C CD  . LYS A 1 20 ? -14.424 11.074  3.102   1.00 29.94 ? 20  LYS A CD  1 
ATOM   160  C CE  . LYS A 1 20 ? -14.837 12.159  4.088   1.00 30.52 ? 20  LYS A CE  1 
ATOM   161  N NZ  . LYS A 1 20 ? -14.294 13.495  3.707   1.00 31.25 ? 20  LYS A NZ  1 
ATOM   162  N N   . GLU A 1 21 ? -13.147 9.869   -2.028  1.00 25.76 ? 21  GLU A N   1 
ATOM   163  C CA  . GLU A 1 21 ? -12.312 9.056   -2.909  1.00 24.52 ? 21  GLU A CA  1 
ATOM   164  C C   . GLU A 1 21 ? -11.242 8.424   -2.025  1.00 22.69 ? 21  GLU A C   1 
ATOM   165  O O   . GLU A 1 21 ? -10.668 9.097   -1.172  1.00 22.05 ? 21  GLU A O   1 
ATOM   166  C CB  . GLU A 1 21 ? -11.655 9.934   -3.978  1.00 26.15 ? 21  GLU A CB  1 
ATOM   167  C CG  . GLU A 1 21 ? -10.859 9.165   -5.024  1.00 29.13 ? 21  GLU A CG  1 
ATOM   168  C CD  . GLU A 1 21 ? -10.252 10.068  -6.091  1.00 30.69 ? 21  GLU A CD  1 
ATOM   169  O OE1 . GLU A 1 21 ? -9.331  10.852  -5.767  1.00 31.68 ? 21  GLU A OE1 1 
ATOM   170  O OE2 . GLU A 1 21 ? -10.700 9.992   -7.257  1.00 32.02 ? 21  GLU A OE2 1 
ATOM   171  N N   . ALA A 1 22 ? -10.986 7.133   -2.212  1.00 20.72 ? 22  ALA A N   1 
ATOM   172  C CA  . ALA A 1 22 ? -9.983  6.450   -1.403  1.00 18.95 ? 22  ALA A CA  1 
ATOM   173  C C   . ALA A 1 22 ? -9.166  5.466   -2.221  1.00 17.93 ? 22  ALA A C   1 
ATOM   174  O O   . ALA A 1 22 ? -9.614  4.971   -3.253  1.00 16.96 ? 22  ALA A O   1 
ATOM   175  C CB  . ALA A 1 22 ? -10.649 5.727   -0.239  1.00 18.36 ? 22  ALA A CB  1 
ATOM   176  N N   . LEU A 1 23 ? -7.969  5.176   -1.726  1.00 16.85 ? 23  LEU A N   1 
ATOM   177  C CA  . LEU A 1 23 ? -7.046  4.261   -2.380  1.00 16.40 ? 23  LEU A CA  1 
ATOM   178  C C   . LEU A 1 23 ? -7.139  2.848   -1.798  1.00 15.62 ? 23  LEU A C   1 
ATOM   179  O O   . LEU A 1 23 ? -7.092  2.679   -0.582  1.00 15.28 ? 23  LEU A O   1 
ATOM   180  C CB  . LEU A 1 23 ? -5.618  4.790   -2.208  1.00 17.03 ? 23  LEU A CB  1 
ATOM   181  C CG  . LEU A 1 23 ? -4.468  4.042   -2.880  1.00 17.74 ? 23  LEU A CG  1 
ATOM   182  C CD1 . LEU A 1 23 ? -4.595  4.166   -4.389  1.00 18.52 ? 23  LEU A CD1 1 
ATOM   183  C CD2 . LEU A 1 23 ? -3.138  4.634   -2.409  1.00 18.56 ? 23  LEU A CD2 1 
ATOM   184  N N   . LEU A 1 24 ? -7.287  1.842   -2.662  1.00 14.61 ? 24  LEU A N   1 
ATOM   185  C CA  . LEU A 1 24 ? -7.336  0.449   -2.214  1.00 13.72 ? 24  LEU A CA  1 
ATOM   186  C C   . LEU A 1 24 ? -5.862  0.114   -1.992  1.00 13.31 ? 24  LEU A C   1 
ATOM   187  O O   . LEU A 1 24 ? -5.097  -0.013  -2.946  1.00 13.24 ? 24  LEU A O   1 
ATOM   188  C CB  . LEU A 1 24 ? -7.948  -0.448  -3.298  1.00 13.98 ? 24  LEU A CB  1 
ATOM   189  C CG  . LEU A 1 24 ? -9.419  -0.162  -3.621  1.00 14.01 ? 24  LEU A CG  1 
ATOM   190  C CD1 . LEU A 1 24 ? -9.944  -1.229  -4.563  1.00 14.25 ? 24  LEU A CD1 1 
ATOM   191  C CD2 . LEU A 1 24 ? -10.244 -0.140  -2.343  1.00 13.66 ? 24  LEU A CD2 1 
ATOM   192  N N   . ASP A 1 25 ? -5.477  -0.034  -0.729  1.00 12.17 ? 25  ASP A N   1 
ATOM   193  C CA  . ASP A 1 25 ? -4.072  -0.238  -0.369  1.00 12.04 ? 25  ASP A CA  1 
ATOM   194  C C   . ASP A 1 25 ? -3.733  -1.575  0.295   1.00 11.35 ? 25  ASP A C   1 
ATOM   195  O O   . ASP A 1 25 ? -3.935  -1.733  1.498   1.00 10.76 ? 25  ASP A O   1 
ATOM   196  C CB  . ASP A 1 25 ? -3.678  0.904   0.569   1.00 12.53 ? 25  ASP A CB  1 
ATOM   197  C CG  . ASP A 1 25 ? -2.180  1.098   0.673   1.00 13.46 ? 25  ASP A CG  1 
ATOM   198  O OD1 . ASP A 1 25 ? -1.417  0.178   0.321   1.00 14.72 ? 25  ASP A OD1 1 
ATOM   199  O OD2 . ASP A 1 25 ? -1.780  2.189   1.123   1.00 14.59 ? 25  ASP A OD2 1 
ATOM   200  N N   . THR A 1 26 ? -3.189  -2.519  -0.473  1.00 10.79 ? 26  THR A N   1 
ATOM   201  C CA  . THR A 1 26 ? -2.832  -3.829  0.077   1.00 10.56 ? 26  THR A CA  1 
ATOM   202  C C   . THR A 1 26 ? -1.620  -3.751  1.010   1.00 10.41 ? 26  THR A C   1 
ATOM   203  O O   . THR A 1 26 ? -1.325  -4.702  1.742   1.00 11.29 ? 26  THR A O   1 
ATOM   204  C CB  . THR A 1 26 ? -2.524  -4.863  -1.041  1.00 9.97  ? 26  THR A CB  1 
ATOM   205  O OG1 . THR A 1 26 ? -1.401  -4.423  -1.825  1.00 8.79  ? 26  THR A OG1 1 
ATOM   206  C CG2 . THR A 1 26 ? -3.742  -5.041  -1.950  1.00 10.05 ? 26  THR A CG2 1 
ATOM   207  N N   . GLY A 1 27 ? -0.921  -2.621  0.973   1.00 10.33 ? 27  GLY A N   1 
ATOM   208  C CA  . GLY A 1 27 ? 0.246   -2.443  1.820   1.00 10.09 ? 27  GLY A CA  1 
ATOM   209  C C   . GLY A 1 27 ? -0.077  -1.810  3.162   1.00 9.82  ? 27  GLY A C   1 
ATOM   210  O O   . GLY A 1 27 ? 0.816   -1.613  3.992   1.00 9.80  ? 27  GLY A O   1 
ATOM   211  N N   . ALA A 1 28 ? -1.352  -1.494  3.387   1.00 9.84  ? 28  ALA A N   1 
ATOM   212  C CA  . ALA A 1 28 ? -1.773  -0.878  4.642   1.00 9.74  ? 28  ALA A CA  1 
ATOM   213  C C   . ALA A 1 28 ? -2.511  -1.846  5.561   1.00 10.19 ? 28  ALA A C   1 
ATOM   214  O O   . ALA A 1 28 ? -3.494  -2.467  5.157   1.00 9.89  ? 28  ALA A O   1 
ATOM   215  C CB  . ALA A 1 28 ? -2.664  0.334   4.355   1.00 9.84  ? 28  ALA A CB  1 
ATOM   216  N N   . ASP A 1 29 ? -2.031  -1.977  6.795   1.00 10.79 ? 29  ASP A N   1 
ATOM   217  C CA  . ASP A 1 29 ? -2.688  -2.848  7.766   1.00 11.93 ? 29  ASP A CA  1 
ATOM   218  C C   . ASP A 1 29 ? -4.024  -2.222  8.152   1.00 12.51 ? 29  ASP A C   1 
ATOM   219  O O   . ASP A 1 29 ? -5.027  -2.920  8.326   1.00 12.94 ? 29  ASP A O   1 
ATOM   220  C CB  . ASP A 1 29 ? -1.878  -2.964  9.058   1.00 12.13 ? 29  ASP A CB  1 
ATOM   221  C CG  . ASP A 1 29 ? -0.649  -3.831  8.923   1.00 12.36 ? 29  ASP A CG  1 
ATOM   222  O OD1 . ASP A 1 29 ? -0.438  -4.451  7.860   1.00 12.72 ? 29  ASP A OD1 1 
ATOM   223  O OD2 . ASP A 1 29 ? 0.105   -3.894  9.914   1.00 12.44 ? 29  ASP A OD2 1 
ATOM   224  N N   . ASP A 1 30 ? -4.012  -0.899  8.293   1.00 12.97 ? 30  ASP A N   1 
ATOM   225  C CA  . ASP A 1 30 ? -5.185  -0.143  8.721   1.00 13.69 ? 30  ASP A CA  1 
ATOM   226  C C   . ASP A 1 30 ? -5.801  0.752   7.666   1.00 13.42 ? 30  ASP A C   1 
ATOM   227  O O   . ASP A 1 30 ? -5.212  1.015   6.621   1.00 13.48 ? 30  ASP A O   1 
ATOM   228  C CB  . ASP A 1 30 ? -4.831  0.751   9.917   1.00 15.06 ? 30  ASP A CB  1 
ATOM   229  C CG  . ASP A 1 30 ? -4.096  0.014   11.013  1.00 17.01 ? 30  ASP A CG  1 
ATOM   230  O OD1 . ASP A 1 30 ? -4.560  -1.066  11.421  1.00 18.73 ? 30  ASP A OD1 1 
ATOM   231  O OD2 . ASP A 1 30 ? -3.058  0.532   11.480  1.00 18.98 ? 30  ASP A OD2 1 
ATOM   232  N N   . THR A 1 31 ? -6.997  1.237   7.979   1.00 12.94 ? 31  THR A N   1 
ATOM   233  C CA  . THR A 1 31 ? -7.732  2.151   7.120   1.00 13.09 ? 31  THR A CA  1 
ATOM   234  C C   . THR A 1 31 ? -7.613  3.518   7.784   1.00 13.46 ? 31  THR A C   1 
ATOM   235  O O   . THR A 1 31 ? -7.877  3.656   8.976   1.00 13.62 ? 31  THR A O   1 
ATOM   236  C CB  . THR A 1 31 ? -9.221  1.741   7.028   1.00 12.87 ? 31  THR A CB  1 
ATOM   237  O OG1 . THR A 1 31 ? -9.331  0.538   6.258   1.00 12.25 ? 31  THR A OG1 1 
ATOM   238  C CG2 . THR A 1 31 ? -10.055 2.845   6.382   1.00 12.78 ? 31  THR A CG2 1 
ATOM   239  N N   . VAL A 1 32 ? -7.190  4.526   7.030   1.00 14.24 ? 32  VAL A N   1 
ATOM   240  C CA  . VAL A 1 32 ? -7.063  5.856   7.607   1.00 14.97 ? 32  VAL A CA  1 
ATOM   241  C C   . VAL A 1 32 ? -7.642  6.898   6.670   1.00 15.51 ? 32  VAL A C   1 
ATOM   242  O O   . VAL A 1 32 ? -7.359  6.900   5.472   1.00 15.43 ? 32  VAL A O   1 
ATOM   243  C CB  . VAL A 1 32 ? -5.584  6.190   7.951   1.00 15.49 ? 32  VAL A CB  1 
ATOM   244  C CG1 . VAL A 1 32 ? -4.711  6.065   6.723   1.00 15.97 ? 32  VAL A CG1 1 
ATOM   245  C CG2 . VAL A 1 32 ? -5.490  7.604   8.535   1.00 14.81 ? 32  VAL A CG2 1 
ATOM   246  N N   . LEU A 1 33 ? -8.475  7.773   7.224   1.00 16.06 ? 33  LEU A N   1 
ATOM   247  C CA  . LEU A 1 33 ? -9.124  8.814   6.439   1.00 17.59 ? 33  LEU A CA  1 
ATOM   248  C C   . LEU A 1 33 ? -8.706  10.196  6.913   1.00 18.39 ? 33  LEU A C   1 
ATOM   249  O O   . LEU A 1 33 ? -8.283  10.370  8.055   1.00 16.97 ? 33  LEU A O   1 
ATOM   250  C CB  . LEU A 1 33 ? -10.645 8.688   6.553   1.00 18.07 ? 33  LEU A CB  1 
ATOM   251  C CG  . LEU A 1 33 ? -11.238 7.345   6.118   1.00 19.13 ? 33  LEU A CG  1 
ATOM   252  C CD1 . LEU A 1 33 ? -12.743 7.356   6.342   1.00 19.90 ? 33  LEU A CD1 1 
ATOM   253  C CD2 . LEU A 1 33 ? -10.918 7.094   4.652   1.00 19.14 ? 33  LEU A CD2 1 
ATOM   254  N N   . GLU A 1 34 ? -8.829  11.171  6.019   1.00 19.44 ? 34  GLU A N   1 
ATOM   255  C CA  . GLU A 1 34 ? -8.488  12.547  6.339   1.00 21.53 ? 34  GLU A CA  1 
ATOM   256  C C   . GLU A 1 34 ? -9.392  12.987  7.480   1.00 21.78 ? 34  GLU A C   1 
ATOM   257  O O   . GLU A 1 34 ? -10.469 12.422  7.681   1.00 21.15 ? 34  GLU A O   1 
ATOM   258  C CB  . GLU A 1 34 ? -8.714  13.448  5.123   1.00 23.44 ? 34  GLU A CB  1 
ATOM   259  C CG  . GLU A 1 34 ? -8.004  12.990  3.864   1.00 27.04 ? 34  GLU A CG  1 
ATOM   260  C CD  . GLU A 1 34 ? -8.283  13.900  2.682   1.00 29.09 ? 34  GLU A CD  1 
ATOM   261  O OE1 . GLU A 1 34 ? -9.473  14.072  2.334   1.00 29.72 ? 34  GLU A OE1 1 
ATOM   262  O OE2 . GLU A 1 34 ? -7.313  14.444  2.106   1.00 30.51 ? 34  GLU A OE2 1 
ATOM   263  N N   . GLU A 1 35 ? -8.951  14.001  8.215   1.00 22.54 ? 35  GLU A N   1 
ATOM   264  C CA  . GLU A 1 35 ? -9.695  14.524  9.353   1.00 23.99 ? 35  GLU A CA  1 
ATOM   265  C C   . GLU A 1 35 ? -11.172 14.748  9.034   1.00 24.28 ? 35  GLU A C   1 
ATOM   266  O O   . GLU A 1 35 ? -11.522 15.449  8.084   1.00 24.58 ? 35  GLU A O   1 
ATOM   267  C CB  . GLU A 1 35 ? -9.059  15.834  9.828   1.00 24.69 ? 35  GLU A CB  1 
ATOM   268  C CG  . GLU A 1 35 ? -9.476  16.254  11.223  1.00 26.50 ? 35  GLU A CG  1 
ATOM   269  C CD  . GLU A 1 35 ? -8.929  15.333  12.295  1.00 27.01 ? 35  GLU A CD  1 
ATOM   270  O OE1 . GLU A 1 35 ? -7.692  15.266  12.457  1.00 28.57 ? 35  GLU A OE1 1 
ATOM   271  O OE2 . GLU A 1 35 ? -9.732  14.670  12.975  1.00 28.14 ? 35  GLU A OE2 1 
ATOM   272  N N   . MET A 1 36 ? -12.035 14.139  9.837   1.00 25.01 ? 36  MET A N   1 
ATOM   273  C CA  . MET A 1 36 ? -13.474 14.261  9.660   1.00 25.92 ? 36  MET A CA  1 
ATOM   274  C C   . MET A 1 36 ? -14.147 13.909  10.974  1.00 26.73 ? 36  MET A C   1 
ATOM   275  O O   . MET A 1 36 ? -13.510 13.391  11.893  1.00 26.66 ? 36  MET A O   1 
ATOM   276  C CB  . MET A 1 36 ? -13.969 13.315  8.566   1.00 25.81 ? 36  MET A CB  1 
ATOM   277  C CG  . MET A 1 36 ? -13.808 11.843  8.903   1.00 26.26 ? 36  MET A CG  1 
ATOM   278  S SD  . MET A 1 36 ? -14.508 10.779  7.631   1.00 27.27 ? 36  MET A SD  1 
ATOM   279  C CE  . MET A 1 36 ? -16.269 11.099  7.844   1.00 26.36 ? 36  MET A CE  1 
ATOM   280  N N   . SER A 1 37 ? -15.438 14.187  11.066  1.00 27.49 ? 37  SER A N   1 
ATOM   281  C CA  . SER A 1 37 ? -16.163 13.890  12.284  1.00 28.73 ? 37  SER A CA  1 
ATOM   282  C C   . SER A 1 37 ? -16.880 12.555  12.181  1.00 29.04 ? 37  SER A C   1 
ATOM   283  O O   . SER A 1 37 ? -17.498 12.245  11.164  1.00 29.12 ? 37  SER A O   1 
ATOM   284  C CB  . SER A 1 37 ? -17.176 14.999  12.581  1.00 29.38 ? 37  SER A CB  1 
ATOM   285  O OG  . SER A 1 37 ? -17.827 14.757  13.815  1.00 30.66 ? 37  SER A OG  1 
ATOM   286  N N   . LEU A 1 38 ? -16.773 11.761  13.236  1.00 29.77 ? 38  LEU A N   1 
ATOM   287  C CA  . LEU A 1 38 ? -17.429 10.463  13.294  1.00 30.33 ? 38  LEU A CA  1 
ATOM   288  C C   . LEU A 1 38 ? -18.052 10.339  14.677  1.00 31.16 ? 38  LEU A C   1 
ATOM   289  O O   . LEU A 1 38 ? -17.562 10.925  15.638  1.00 31.32 ? 38  LEU A O   1 
ATOM   290  C CB  . LEU A 1 38 ? -16.419 9.335   13.066  1.00 29.92 ? 38  LEU A CB  1 
ATOM   291  C CG  . LEU A 1 38 ? -15.876 9.202   11.641  1.00 29.62 ? 38  LEU A CG  1 
ATOM   292  C CD1 . LEU A 1 38 ? -14.806 8.118   11.589  1.00 29.36 ? 38  LEU A CD1 1 
ATOM   293  C CD2 . LEU A 1 38 ? -17.021 8.877   10.699  1.00 29.14 ? 38  LEU A CD2 1 
ATOM   294  N N   . PRO A 1 39 ? -19.153 9.585   14.791  1.00 31.91 ? 39  PRO A N   1 
ATOM   295  C CA  . PRO A 1 39 ? -19.808 9.420   16.088  1.00 32.41 ? 39  PRO A CA  1 
ATOM   296  C C   . PRO A 1 39 ? -19.114 8.382   16.959  1.00 32.46 ? 39  PRO A C   1 
ATOM   297  O O   . PRO A 1 39 ? -18.355 7.547   16.466  1.00 32.95 ? 39  PRO A O   1 
ATOM   298  C CB  . PRO A 1 39 ? -21.218 8.999   15.699  1.00 32.57 ? 39  PRO A CB  1 
ATOM   299  C CG  . PRO A 1 39 ? -20.968 8.143   14.497  1.00 32.72 ? 39  PRO A CG  1 
ATOM   300  C CD  . PRO A 1 39 ? -19.943 8.953   13.717  1.00 32.38 ? 39  PRO A CD  1 
ATOM   301  N N   . GLY A 1 40 ? -19.372 8.450   18.260  1.00 32.44 ? 40  GLY A N   1 
ATOM   302  C CA  . GLY A 1 40 ? -18.781 7.494   19.176  1.00 32.10 ? 40  GLY A CA  1 
ATOM   303  C C   . GLY A 1 40 ? -17.507 7.963   19.846  1.00 31.65 ? 40  GLY A C   1 
ATOM   304  O O   . GLY A 1 40 ? -17.006 9.053   19.576  1.00 31.63 ? 40  GLY A O   1 
ATOM   305  N N   . ARG A 1 41 ? -16.986 7.122   20.732  1.00 31.40 ? 41  ARG A N   1 
ATOM   306  C CA  . ARG A 1 41 ? -15.760 7.426   21.455  1.00 31.02 ? 41  ARG A CA  1 
ATOM   307  C C   . ARG A 1 41 ? -14.572 6.941   20.636  1.00 30.74 ? 41  ARG A C   1 
ATOM   308  O O   . ARG A 1 41 ? -14.674 5.950   19.908  1.00 30.92 ? 41  ARG A O   1 
ATOM   309  C CB  . ARG A 1 41 ? -15.772 6.742   22.815  1.00 31.09 ? 41  ARG A CB  1 
ATOM   310  N N   . TRP A 1 42 ? -13.452 7.643   20.750  1.00 30.06 ? 42  TRP A N   1 
ATOM   311  C CA  . TRP A 1 42 ? -12.248 7.265   20.021  1.00 29.53 ? 42  TRP A CA  1 
ATOM   312  C C   . TRP A 1 42 ? -11.072 7.092   20.971  1.00 28.96 ? 42  TRP A C   1 
ATOM   313  O O   . TRP A 1 42 ? -11.099 7.578   22.102  1.00 28.73 ? 42  TRP A O   1 
ATOM   314  C CB  . TRP A 1 42 ? -11.906 8.320   18.968  1.00 29.90 ? 42  TRP A CB  1 
ATOM   315  C CG  . TRP A 1 42 ? -11.835 9.705   19.518  1.00 30.56 ? 42  TRP A CG  1 
ATOM   316  C CD1 . TRP A 1 42 ? -12.877 10.568  19.707  1.00 30.73 ? 42  TRP A CD1 1 
ATOM   317  C CD2 . TRP A 1 42 ? -10.663 10.382  19.985  1.00 30.98 ? 42  TRP A CD2 1 
ATOM   318  N NE1 . TRP A 1 42 ? -12.426 11.740  20.264  1.00 31.18 ? 42  TRP A NE1 1 
ATOM   319  C CE2 . TRP A 1 42 ? -11.071 11.654  20.447  1.00 31.13 ? 42  TRP A CE2 1 
ATOM   320  C CE3 . TRP A 1 42 ? -9.305  10.037  20.062  1.00 31.12 ? 42  TRP A CE3 1 
ATOM   321  C CZ2 . TRP A 1 42 ? -10.171 12.583  20.978  1.00 31.33 ? 42  TRP A CZ2 1 
ATOM   322  C CZ3 . TRP A 1 42 ? -8.409  10.963  20.590  1.00 31.34 ? 42  TRP A CZ3 1 
ATOM   323  C CH2 . TRP A 1 42 ? -8.848  12.221  21.041  1.00 31.54 ? 42  TRP A CH2 1 
ATOM   324  N N   . LYS A 1 43 ? -10.045 6.394   20.497  1.00 28.08 ? 43  LYS A N   1 
ATOM   325  C CA  . LYS A 1 43 ? -8.836  6.130   21.272  1.00 27.27 ? 43  LYS A CA  1 
ATOM   326  C C   . LYS A 1 43 ? -7.632  6.619   20.465  1.00 25.88 ? 43  LYS A C   1 
ATOM   327  O O   . LYS A 1 43 ? -7.589  6.451   19.250  1.00 25.30 ? 43  LYS A O   1 
ATOM   328  C CB  . LYS A 1 43 ? -8.720  4.621   21.536  1.00 28.52 ? 43  LYS A CB  1 
ATOM   329  C CG  . LYS A 1 43 ? -7.381  4.145   22.099  1.00 30.79 ? 43  LYS A CG  1 
ATOM   330  C CD  . LYS A 1 43 ? -7.185  4.526   23.564  1.00 32.23 ? 43  LYS A CD  1 
ATOM   331  C CE  . LYS A 1 43 ? -5.878  3.955   24.121  1.00 32.76 ? 43  LYS A CE  1 
ATOM   332  N NZ  . LYS A 1 43 ? -4.664  4.494   23.429  1.00 32.51 ? 43  LYS A NZ  1 
ATOM   333  N N   . PRO A 1 44 ? -6.650  7.251   21.128  1.00 24.83 ? 44  PRO A N   1 
ATOM   334  C CA  . PRO A 1 44 ? -5.468  7.739   20.412  1.00 23.73 ? 44  PRO A CA  1 
ATOM   335  C C   . PRO A 1 44 ? -4.635  6.561   19.917  1.00 22.72 ? 44  PRO A C   1 
ATOM   336  O O   . PRO A 1 44 ? -4.614  5.507   20.544  1.00 22.39 ? 44  PRO A O   1 
ATOM   337  C CB  . PRO A 1 44 ? -4.717  8.539   21.478  1.00 24.20 ? 44  PRO A CB  1 
ATOM   338  C CG  . PRO A 1 44 ? -5.792  8.958   22.429  1.00 25.29 ? 44  PRO A CG  1 
ATOM   339  C CD  . PRO A 1 44 ? -6.643  7.721   22.523  1.00 24.88 ? 44  PRO A CD  1 
ATOM   340  N N   . LYS A 1 45 ? -3.949  6.743   18.795  1.00 21.71 ? 45  LYS A N   1 
ATOM   341  C CA  . LYS A 1 45 ? -3.108  5.690   18.245  1.00 20.89 ? 45  LYS A CA  1 
ATOM   342  C C   . LYS A 1 45 ? -2.033  6.296   17.357  1.00 20.15 ? 45  LYS A C   1 
ATOM   343  O O   . LYS A 1 45 ? -2.243  7.341   16.735  1.00 19.78 ? 45  LYS A O   1 
ATOM   344  C CB  . LYS A 1 45 ? -3.940  4.697   17.421  1.00 21.13 ? 45  LYS A CB  1 
ATOM   345  C CG  . LYS A 1 45 ? -3.128  3.512   16.898  1.00 21.52 ? 45  LYS A CG  1 
ATOM   346  C CD  . LYS A 1 45 ? -3.978  2.518   16.105  1.00 22.80 ? 45  LYS A CD  1 
ATOM   347  C CE  . LYS A 1 45 ? -3.143  1.313   15.671  1.00 23.69 ? 45  LYS A CE  1 
ATOM   348  N NZ  . LYS A 1 45 ? -3.916  0.314   14.871  1.00 24.96 ? 45  LYS A NZ  1 
ATOM   349  N N   . MET A 1 46 ? -0.879  5.642   17.316  1.00 19.43 ? 46  MET A N   1 
ATOM   350  C CA  . MET A 1 46 ? 0.235   6.077   16.485  1.00 19.17 ? 46  MET A CA  1 
ATOM   351  C C   . MET A 1 46 ? 0.433   5.027   15.404  1.00 18.13 ? 46  MET A C   1 
ATOM   352  O O   . MET A 1 46 ? 0.557   3.841   15.707  1.00 18.04 ? 46  MET A O   1 
ATOM   353  C CB  . MET A 1 46 ? 1.521   6.189   17.315  1.00 20.37 ? 46  MET A CB  1 
ATOM   354  C CG  . MET A 1 46 ? 1.572   7.384   18.243  1.00 22.94 ? 46  MET A CG  1 
ATOM   355  S SD  . MET A 1 46 ? 1.817   8.911   17.348  1.00 25.66 ? 46  MET A SD  1 
ATOM   356  C CE  . MET A 1 46 ? 3.603   9.013   17.380  1.00 25.19 ? 46  MET A CE  1 
ATOM   357  N N   . ILE A 1 47 ? 0.435   5.448   14.144  1.00 17.26 ? 47  ILE A N   1 
ATOM   358  C CA  . ILE A 1 47 ? 0.646   4.510   13.048  1.00 17.15 ? 47  ILE A CA  1 
ATOM   359  C C   . ILE A 1 47 ? 1.841   4.982   12.234  1.00 17.12 ? 47  ILE A C   1 
ATOM   360  O O   . ILE A 1 47 ? 2.024   6.181   12.020  1.00 17.13 ? 47  ILE A O   1 
ATOM   361  C CB  . ILE A 1 47 ? -0.583  4.411   12.121  1.00 17.36 ? 47  ILE A CB  1 
ATOM   362  C CG1 . ILE A 1 47 ? -0.969  5.803   11.618  1.00 17.76 ? 47  ILE A CG1 1 
ATOM   363  C CG2 . ILE A 1 47 ? -1.736  3.742   12.858  1.00 17.22 ? 47  ILE A CG2 1 
ATOM   364  C CD1 . ILE A 1 47 ? -2.066  5.793   10.573  1.00 18.41 ? 47  ILE A CD1 1 
ATOM   365  N N   . GLY A 1 48 ? 2.657   4.037   11.788  1.00 16.86 ? 48  GLY A N   1 
ATOM   366  C CA  . GLY A 1 48 ? 3.827   4.397   11.020  1.00 17.32 ? 48  GLY A CA  1 
ATOM   367  C C   . GLY A 1 48 ? 3.818   3.869   9.604   1.00 17.47 ? 48  GLY A C   1 
ATOM   368  O O   . GLY A 1 48 ? 3.256   2.812   9.316   1.00 17.48 ? 48  GLY A O   1 
ATOM   369  N N   . GLY A 1 49 ? 4.440   4.630   8.714   1.00 17.52 ? 49  GLY A N   1 
ATOM   370  C CA  . GLY A 1 49 ? 4.532   4.241   7.324   1.00 18.18 ? 49  GLY A CA  1 
ATOM   371  C C   . GLY A 1 49 ? 5.857   4.747   6.806   1.00 18.46 ? 49  GLY A C   1 
ATOM   372  O O   . GLY A 1 49 ? 6.831   4.824   7.554   1.00 18.34 ? 49  GLY A O   1 
ATOM   373  N N   . ILE A 1 50 ? 5.912   5.082   5.526   1.00 18.97 ? 50  ILE A N   1 
ATOM   374  C CA  . ILE A 1 50 ? 7.137   5.618   4.964   1.00 19.52 ? 50  ILE A CA  1 
ATOM   375  C C   . ILE A 1 50 ? 7.203   7.062   5.457   1.00 19.77 ? 50  ILE A C   1 
ATOM   376  O O   . ILE A 1 50 ? 6.279   7.843   5.231   1.00 20.56 ? 50  ILE A O   1 
ATOM   377  C CB  . ILE A 1 50 ? 7.112   5.604   3.411   1.00 19.64 ? 50  ILE A CB  1 
ATOM   378  C CG1 . ILE A 1 50 ? 7.498   4.215   2.894   1.00 19.83 ? 50  ILE A CG1 1 
ATOM   379  C CG2 . ILE A 1 50 ? 8.053   6.652   2.857   1.00 19.36 ? 50  ILE A CG2 1 
ATOM   380  C CD1 . ILE A 1 50 ? 6.476   3.152   3.192   1.00 21.23 ? 50  ILE A CD1 1 
ATOM   381  N N   . GLY A 1 51 ? 8.281   7.408   6.144   1.00 19.84 ? 51  GLY A N   1 
ATOM   382  C CA  . GLY A 1 51 ? 8.423   8.766   6.630   1.00 19.67 ? 51  GLY A CA  1 
ATOM   383  C C   . GLY A 1 51 ? 8.363   8.868   8.136   1.00 19.70 ? 51  GLY A C   1 
ATOM   384  O O   . GLY A 1 51 ? 8.863   9.830   8.718   1.00 20.68 ? 51  GLY A O   1 
ATOM   385  N N   . GLY A 1 52 ? 7.751   7.879   8.774   1.00 19.20 ? 52  GLY A N   1 
ATOM   386  C CA  . GLY A 1 52 ? 7.650   7.904   10.219  1.00 18.80 ? 52  GLY A CA  1 
ATOM   387  C C   . GLY A 1 52 ? 6.238   7.637   10.701  1.00 18.46 ? 52  GLY A C   1 
ATOM   388  O O   . GLY A 1 52 ? 5.437   7.018   10.001  1.00 18.13 ? 52  GLY A O   1 
ATOM   389  N N   . PHE A 1 53 ? 5.927   8.131   11.893  1.00 18.15 ? 53  PHE A N   1 
ATOM   390  C CA  . PHE A 1 53 ? 4.614   7.930   12.486  1.00 17.53 ? 53  PHE A CA  1 
ATOM   391  C C   . PHE A 1 53 ? 3.773   9.191   12.574  1.00 17.53 ? 53  PHE A C   1 
ATOM   392  O O   . PHE A 1 53 ? 4.295   10.304  12.617  1.00 17.35 ? 53  PHE A O   1 
ATOM   393  C CB  . PHE A 1 53 ? 4.755   7.374   13.905  1.00 16.79 ? 53  PHE A CB  1 
ATOM   394  C CG  . PHE A 1 53 ? 5.246   5.963   13.967  1.00 17.08 ? 53  PHE A CG  1 
ATOM   395  C CD1 . PHE A 1 53 ? 6.547   5.642   13.594  1.00 16.86 ? 53  PHE A CD1 1 
ATOM   396  C CD2 . PHE A 1 53 ? 4.411   4.950   14.430  1.00 16.27 ? 53  PHE A CD2 1 
ATOM   397  C CE1 . PHE A 1 53 ? 7.010   4.330   13.684  1.00 16.72 ? 53  PHE A CE1 1 
ATOM   398  C CE2 . PHE A 1 53 ? 4.865   3.639   14.523  1.00 17.32 ? 53  PHE A CE2 1 
ATOM   399  C CZ  . PHE A 1 53 ? 6.168   3.330   14.149  1.00 17.00 ? 53  PHE A CZ  1 
ATOM   400  N N   . ILE A 1 54 ? 2.459   8.999   12.609  1.00 17.51 ? 54  ILE A N   1 
ATOM   401  C CA  . ILE A 1 54 ? 1.520   10.102  12.758  1.00 17.69 ? 54  ILE A CA  1 
ATOM   402  C C   . ILE A 1 54 ? 0.502   9.692   13.821  1.00 17.75 ? 54  ILE A C   1 
ATOM   403  O O   . ILE A 1 54 ? 0.245   8.502   14.023  1.00 16.89 ? 54  ILE A O   1 
ATOM   404  C CB  . ILE A 1 54 ? 0.770   10.437  11.442  1.00 17.81 ? 54  ILE A CB  1 
ATOM   405  C CG1 . ILE A 1 54 ? 0.053   9.198   10.904  1.00 18.38 ? 54  ILE A CG1 1 
ATOM   406  C CG2 . ILE A 1 54 ? 1.742   11.009  10.418  1.00 18.33 ? 54  ILE A CG2 1 
ATOM   407  C CD1 . ILE A 1 54 ? -0.812  9.487   9.696   1.00 18.57 ? 54  ILE A CD1 1 
ATOM   408  N N   . LYS A 1 55 ? -0.063  10.683  14.503  1.00 18.24 ? 55  LYS A N   1 
ATOM   409  C CA  . LYS A 1 55 ? -1.054  10.447  15.548  1.00 18.32 ? 55  LYS A CA  1 
ATOM   410  C C   . LYS A 1 55 ? -2.448  10.515  14.930  1.00 17.99 ? 55  LYS A C   1 
ATOM   411  O O   . LYS A 1 55 ? -2.788  11.483  14.245  1.00 17.52 ? 55  LYS A O   1 
ATOM   412  C CB  . LYS A 1 55 ? -0.894  11.511  16.644  1.00 20.30 ? 55  LYS A CB  1 
ATOM   413  C CG  . LYS A 1 55 ? -1.885  11.429  17.809  1.00 22.61 ? 55  LYS A CG  1 
ATOM   414  C CD  . LYS A 1 55 ? -1.585  12.546  18.821  1.00 24.84 ? 55  LYS A CD  1 
ATOM   415  C CE  . LYS A 1 55 ? -2.711  12.737  19.832  1.00 25.70 ? 55  LYS A CE  1 
ATOM   416  N NZ  . LYS A 1 55 ? -2.860  11.588  20.763  1.00 27.51 ? 55  LYS A NZ  1 
ATOM   417  N N   . VAL A 1 56 ? -3.249  9.479   15.163  1.00 16.87 ? 56  VAL A N   1 
ATOM   418  C CA  . VAL A 1 56 ? -4.600  9.418   14.627  1.00 16.30 ? 56  VAL A CA  1 
ATOM   419  C C   . VAL A 1 56 ? -5.596  9.087   15.734  1.00 16.50 ? 56  VAL A C   1 
ATOM   420  O O   . VAL A 1 56 ? -5.205  8.734   16.841  1.00 16.37 ? 56  VAL A O   1 
ATOM   421  C CB  . VAL A 1 56 ? -4.729  8.326   13.529  1.00 15.82 ? 56  VAL A CB  1 
ATOM   422  C CG1 . VAL A 1 56 ? -3.844  8.665   12.330  1.00 14.75 ? 56  VAL A CG1 1 
ATOM   423  C CG2 . VAL A 1 56 ? -4.348  6.969   14.105  1.00 15.72 ? 56  VAL A CG2 1 
ATOM   424  N N   . ARG A 1 57 ? -6.880  9.209   15.420  1.00 16.80 ? 57  ARG A N   1 
ATOM   425  C CA  . ARG A 1 57 ? -7.942  8.890   16.366  1.00 17.75 ? 57  ARG A CA  1 
ATOM   426  C C   . ARG A 1 57 ? -8.611  7.619   15.856  1.00 17.63 ? 57  ARG A C   1 
ATOM   427  O O   . ARG A 1 57 ? -8.995  7.540   14.690  1.00 17.37 ? 57  ARG A O   1 
ATOM   428  C CB  . ARG A 1 57 ? -8.949  10.040  16.443  1.00 19.27 ? 57  ARG A CB  1 
ATOM   429  C CG  . ARG A 1 57 ? -8.350  11.331  16.989  1.00 21.35 ? 57  ARG A CG  1 
ATOM   430  C CD  . ARG A 1 57 ? -9.395  12.430  17.094  1.00 23.66 ? 57  ARG A CD  1 
ATOM   431  N NE  . ARG A 1 57 ? -9.877  12.835  15.780  1.00 26.11 ? 57  ARG A NE  1 
ATOM   432  C CZ  . ARG A 1 57 ? -11.156 13.031  15.487  1.00 26.95 ? 57  ARG A CZ  1 
ATOM   433  N NH1 . ARG A 1 57 ? -12.078 12.856  16.424  1.00 28.00 ? 57  ARG A NH1 1 
ATOM   434  N NH2 . ARG A 1 57 ? -11.513 13.399  14.263  1.00 27.13 ? 57  ARG A NH2 1 
ATOM   435  N N   . GLN A 1 58 ? -8.743  6.628   16.731  1.00 17.50 ? 58  GLN A N   1 
ATOM   436  C CA  . GLN A 1 58 ? -9.331  5.348   16.362  1.00 18.31 ? 58  GLN A CA  1 
ATOM   437  C C   . GLN A 1 58 ? -10.811 5.204   16.703  1.00 18.88 ? 58  GLN A C   1 
ATOM   438  O O   . GLN A 1 58 ? -11.204 5.356   17.855  1.00 18.55 ? 58  GLN A O   1 
ATOM   439  C CB  . GLN A 1 58 ? -8.561  4.222   17.048  1.00 18.14 ? 58  GLN A CB  1 
ATOM   440  C CG  . GLN A 1 58 ? -9.069  2.832   16.735  1.00 19.05 ? 58  GLN A CG  1 
ATOM   441  C CD  . GLN A 1 58 ? -8.364  1.775   17.551  1.00 20.20 ? 58  GLN A CD  1 
ATOM   442  O OE1 . GLN A 1 58 ? -7.160  1.863   17.786  1.00 21.47 ? 58  GLN A OE1 1 
ATOM   443  N NE2 . GLN A 1 58 ? -9.106  0.757   17.974  1.00 20.95 ? 58  GLN A NE2 1 
ATOM   444  N N   . TYR A 1 59 ? -11.623 4.905   15.694  1.00 19.83 ? 59  TYR A N   1 
ATOM   445  C CA  . TYR A 1 59 ? -13.055 4.691   15.894  1.00 21.00 ? 59  TYR A CA  1 
ATOM   446  C C   . TYR A 1 59 ? -13.344 3.249   15.519  1.00 21.91 ? 59  TYR A C   1 
ATOM   447  O O   . TYR A 1 59 ? -12.910 2.782   14.467  1.00 21.68 ? 59  TYR A O   1 
ATOM   448  C CB  . TYR A 1 59 ? -13.893 5.606   14.998  1.00 21.15 ? 59  TYR A CB  1 
ATOM   449  C CG  . TYR A 1 59 ? -13.846 7.069   15.367  1.00 21.81 ? 59  TYR A CG  1 
ATOM   450  C CD1 . TYR A 1 59 ? -12.812 7.887   14.921  1.00 21.67 ? 59  TYR A CD1 1 
ATOM   451  C CD2 . TYR A 1 59 ? -14.849 7.640   16.154  1.00 21.88 ? 59  TYR A CD2 1 
ATOM   452  C CE1 . TYR A 1 59 ? -12.775 9.241   15.241  1.00 22.37 ? 59  TYR A CE1 1 
ATOM   453  C CE2 . TYR A 1 59 ? -14.821 8.995   16.482  1.00 22.20 ? 59  TYR A CE2 1 
ATOM   454  C CZ  . TYR A 1 59 ? -13.782 9.788   16.019  1.00 22.50 ? 59  TYR A CZ  1 
ATOM   455  O OH  . TYR A 1 59 ? -13.753 11.129  16.322  1.00 23.26 ? 59  TYR A OH  1 
ATOM   456  N N   . ASP A 1 60 ? -14.079 2.541   16.368  1.00 22.79 ? 60  ASP A N   1 
ATOM   457  C CA  . ASP A 1 60 ? -14.392 1.148   16.083  1.00 24.02 ? 60  ASP A CA  1 
ATOM   458  C C   . ASP A 1 60 ? -15.803 0.935   15.553  1.00 24.52 ? 60  ASP A C   1 
ATOM   459  O O   . ASP A 1 60 ? -16.678 1.794   15.700  1.00 24.01 ? 60  ASP A O   1 
ATOM   460  C CB  . ASP A 1 60 ? -14.183 0.291   17.335  1.00 25.43 ? 60  ASP A CB  1 
ATOM   461  C CG  . ASP A 1 60 ? -12.730 0.239   17.772  1.00 26.63 ? 60  ASP A CG  1 
ATOM   462  O OD1 . ASP A 1 60 ? -11.851 0.032   16.905  1.00 27.60 ? 60  ASP A OD1 1 
ATOM   463  O OD2 . ASP A 1 60 ? -12.466 0.394   18.983  1.00 27.52 ? 60  ASP A OD2 1 
ATOM   464  N N   . GLN A 1 61 ? -16.005 -0.219  14.925  1.00 24.86 ? 61  GLN A N   1 
ATOM   465  C CA  . GLN A 1 61 ? -17.296 -0.599  14.370  1.00 25.61 ? 61  GLN A CA  1 
ATOM   466  C C   . GLN A 1 61 ? -17.942 0.484   13.520  1.00 25.33 ? 61  GLN A C   1 
ATOM   467  O O   . GLN A 1 61 ? -19.101 0.847   13.722  1.00 25.65 ? 61  GLN A O   1 
ATOM   468  C CB  . GLN A 1 61 ? -18.233 -1.024  15.505  1.00 26.79 ? 61  GLN A CB  1 
ATOM   469  C CG  . GLN A 1 61 ? -17.738 -2.272  16.230  1.00 29.44 ? 61  GLN A CG  1 
ATOM   470  C CD  . GLN A 1 61 ? -18.677 -2.740  17.323  1.00 31.00 ? 61  GLN A CD  1 
ATOM   471  O OE1 . GLN A 1 61 ? -19.868 -2.952  17.087  1.00 32.79 ? 61  GLN A OE1 1 
ATOM   472  N NE2 . GLN A 1 61 ? -18.143 -2.915  18.528  1.00 31.80 ? 61  GLN A NE2 1 
ATOM   473  N N   . ILE A 1 62 ? -17.182 0.994   12.561  1.00 24.88 ? 62  ILE A N   1 
ATOM   474  C CA  . ILE A 1 62 ? -17.672 2.023   11.656  1.00 24.91 ? 62  ILE A CA  1 
ATOM   475  C C   . ILE A 1 62 ? -18.132 1.359   10.358  1.00 25.17 ? 62  ILE A C   1 
ATOM   476  O O   . ILE A 1 62 ? -17.466 0.464   9.842   1.00 24.38 ? 62  ILE A O   1 
ATOM   477  C CB  . ILE A 1 62 ? -16.561 3.046   11.319  1.00 25.01 ? 62  ILE A CB  1 
ATOM   478  C CG1 . ILE A 1 62 ? -16.128 3.791   12.584  1.00 24.77 ? 62  ILE A CG1 1 
ATOM   479  C CG2 . ILE A 1 62 ? -17.051 4.020   10.256  1.00 25.18 ? 62  ILE A CG2 1 
ATOM   480  C CD1 . ILE A 1 62 ? -17.212 4.667   13.194  1.00 24.57 ? 62  ILE A CD1 1 
ATOM   481  N N   . LEU A 1 63 ? -19.276 1.791   9.841   1.00 25.60 ? 63  LEU A N   1 
ATOM   482  C CA  . LEU A 1 63 ? -19.802 1.239   8.599   1.00 26.55 ? 63  LEU A CA  1 
ATOM   483  C C   . LEU A 1 63 ? -19.310 2.062   7.408   1.00 26.79 ? 63  LEU A C   1 
ATOM   484  O O   . LEU A 1 63 ? -19.373 3.293   7.423   1.00 26.53 ? 63  LEU A O   1 
ATOM   485  C CB  . LEU A 1 63 ? -21.336 1.241   8.629   1.00 27.48 ? 63  LEU A CB  1 
ATOM   486  C CG  . LEU A 1 63 ? -22.119 0.524   7.520   1.00 28.55 ? 63  LEU A CG  1 
ATOM   487  C CD1 . LEU A 1 63 ? -23.602 0.565   7.862   1.00 29.10 ? 63  LEU A CD1 1 
ATOM   488  C CD2 . LEU A 1 63 ? -21.876 1.170   6.166   1.00 28.76 ? 63  LEU A CD2 1 
ATOM   489  N N   . ILE A 1 64 ? -18.812 1.377   6.384   1.00 27.36 ? 64  ILE A N   1 
ATOM   490  C CA  . ILE A 1 64 ? -18.339 2.040   5.172   1.00 28.18 ? 64  ILE A CA  1 
ATOM   491  C C   . ILE A 1 64 ? -18.816 1.262   3.956   1.00 28.78 ? 64  ILE A C   1 
ATOM   492  O O   . ILE A 1 64 ? -18.936 0.037   3.996   1.00 28.62 ? 64  ILE A O   1 
ATOM   493  C CB  . ILE A 1 64 ? -16.790 2.132   5.111   1.00 28.71 ? 64  ILE A CB  1 
ATOM   494  C CG1 . ILE A 1 64 ? -16.275 3.045   6.223   1.00 29.23 ? 64  ILE A CG1 1 
ATOM   495  C CG2 . ILE A 1 64 ? -16.348 2.679   3.750   1.00 28.65 ? 64  ILE A CG2 1 
ATOM   496  C CD1 . ILE A 1 64 ? -14.804 3.383   6.111   1.00 29.83 ? 64  ILE A CD1 1 
ATOM   497  N N   . GLU A 1 65 ? -19.101 1.981   2.879   1.00 29.25 ? 65  GLU A N   1 
ATOM   498  C CA  . GLU A 1 65 ? -19.548 1.356   1.649   1.00 30.37 ? 65  GLU A CA  1 
ATOM   499  C C   . GLU A 1 65 ? -18.448 1.569   0.612   1.00 30.57 ? 65  GLU A C   1 
ATOM   500  O O   . GLU A 1 65 ? -18.104 2.702   0.282   1.00 30.28 ? 65  GLU A O   1 
ATOM   501  C CB  . GLU A 1 65 ? -20.861 1.992   1.194   1.00 31.33 ? 65  GLU A CB  1 
ATOM   502  C CG  . GLU A 1 65 ? -21.546 1.273   0.054   1.00 33.62 ? 65  GLU A CG  1 
ATOM   503  C CD  . GLU A 1 65 ? -22.932 1.831   -0.222  1.00 35.06 ? 65  GLU A CD  1 
ATOM   504  O OE1 . GLU A 1 65 ? -23.777 1.805   0.700   1.00 36.26 ? 65  GLU A OE1 1 
ATOM   505  O OE2 . GLU A 1 65 ? -23.172 2.298   -1.356  1.00 35.53 ? 65  GLU A OE2 1 
ATOM   506  N N   . ILE A 1 66 ? -17.882 0.472   0.120   1.00 30.83 ? 66  ILE A N   1 
ATOM   507  C CA  . ILE A 1 66 ? -16.807 0.535   -0.863  1.00 31.58 ? 66  ILE A CA  1 
ATOM   508  C C   . ILE A 1 66 ? -17.291 -0.036  -2.188  1.00 32.24 ? 66  ILE A C   1 
ATOM   509  O O   . ILE A 1 66 ? -17.553 -1.233  -2.298  1.00 31.82 ? 66  ILE A O   1 
ATOM   510  C CB  . ILE A 1 66 ? -15.578 -0.270  -0.381  1.00 31.56 ? 66  ILE A CB  1 
ATOM   511  C CG1 . ILE A 1 66 ? -15.167 0.205   1.015   1.00 31.10 ? 66  ILE A CG1 1 
ATOM   512  C CG2 . ILE A 1 66 ? -14.428 -0.106  -1.361  1.00 31.52 ? 66  ILE A CG2 1 
ATOM   513  C CD1 . ILE A 1 66 ? -14.092 -0.641  1.671   1.00 31.30 ? 66  ILE A CD1 1 
ATOM   514  N N   . CYS A 1 67 ? -17.414 0.829   -3.191  1.00 33.52 ? 67  CYS A N   1 
ATOM   515  C CA  . CYS A 1 67 ? -17.884 0.408   -4.506  1.00 34.80 ? 67  CYS A CA  1 
ATOM   516  C C   . CYS A 1 67 ? -19.213 -0.333  -4.411  1.00 35.05 ? 67  CYS A C   1 
ATOM   517  O O   . CYS A 1 67 ? -19.456 -1.275  -5.162  1.00 35.64 ? 67  CYS A O   1 
ATOM   518  C CB  . CYS A 1 67 ? -16.854 -0.499  -5.176  1.00 35.27 ? 67  CYS A CB  1 
ATOM   519  S SG  . CYS A 1 67 ? -15.312 0.319   -5.593  1.00 37.21 ? 67  CYS A SG  1 
ATOM   520  N N   . GLY A 1 68 ? -20.068 0.087   -3.484  1.00 35.25 ? 68  GLY A N   1 
ATOM   521  C CA  . GLY A 1 68 ? -21.359 -0.561  -3.333  1.00 35.36 ? 68  GLY A CA  1 
ATOM   522  C C   . GLY A 1 68 ? -21.395 -1.660  -2.286  1.00 35.29 ? 68  GLY A C   1 
ATOM   523  O O   . GLY A 1 68 ? -22.470 -2.039  -1.819  1.00 35.82 ? 68  GLY A O   1 
ATOM   524  N N   . HIS A 1 69 ? -20.228 -2.173  -1.911  1.00 34.74 ? 69  HIS A N   1 
ATOM   525  C CA  . HIS A 1 69 ? -20.145 -3.234  -0.911  1.00 34.08 ? 69  HIS A CA  1 
ATOM   526  C C   . HIS A 1 69 ? -20.065 -2.665  0.503   1.00 33.50 ? 69  HIS A C   1 
ATOM   527  O O   . HIS A 1 69 ? -19.244 -1.793  0.783   1.00 33.23 ? 69  HIS A O   1 
ATOM   528  C CB  . HIS A 1 69 ? -18.911 -4.107  -1.153  1.00 34.65 ? 69  HIS A CB  1 
ATOM   529  C CG  . HIS A 1 69 ? -18.912 -4.819  -2.469  1.00 35.28 ? 69  HIS A CG  1 
ATOM   530  N ND1 . HIS A 1 69 ? -18.865 -4.156  -3.676  1.00 35.58 ? 69  HIS A ND1 1 
ATOM   531  C CD2 . HIS A 1 69 ? -18.928 -6.140  -2.766  1.00 35.41 ? 69  HIS A CD2 1 
ATOM   532  C CE1 . HIS A 1 69 ? -18.849 -5.038  -4.660  1.00 35.64 ? 69  HIS A CE1 1 
ATOM   533  N NE2 . HIS A 1 69 ? -18.887 -6.249  -4.135  1.00 35.96 ? 69  HIS A NE2 1 
ATOM   534  N N   . LYS A 1 70 ? -20.912 -3.170  1.393   1.00 32.68 ? 70  LYS A N   1 
ATOM   535  C CA  . LYS A 1 70 ? -20.912 -2.715  2.777   1.00 31.67 ? 70  LYS A CA  1 
ATOM   536  C C   . LYS A 1 70 ? -19.866 -3.485  3.576   1.00 30.56 ? 70  LYS A C   1 
ATOM   537  O O   . LYS A 1 70 ? -19.682 -4.689  3.386   1.00 30.33 ? 70  LYS A O   1 
ATOM   538  C CB  . LYS A 1 70 ? -22.293 -2.914  3.411   1.00 32.82 ? 70  LYS A CB  1 
ATOM   539  C CG  . LYS A 1 70 ? -23.394 -2.058  2.803   1.00 34.29 ? 70  LYS A CG  1 
ATOM   540  C CD  . LYS A 1 70 ? -24.726 -2.302  3.502   1.00 35.69 ? 70  LYS A CD  1 
ATOM   541  C CE  . LYS A 1 70 ? -25.822 -1.381  2.972   1.00 36.75 ? 70  LYS A CE  1 
ATOM   542  N NZ  . LYS A 1 70 ? -26.090 -1.585  1.518   1.00 37.72 ? 70  LYS A NZ  1 
ATOM   543  N N   . ALA A 1 71 ? -19.178 -2.780  4.467   1.00 28.63 ? 71  ALA A N   1 
ATOM   544  C CA  . ALA A 1 71 ? -18.151 -3.381  5.303   1.00 27.08 ? 71  ALA A CA  1 
ATOM   545  C C   . ALA A 1 71 ? -18.140 -2.677  6.652   1.00 26.24 ? 71  ALA A C   1 
ATOM   546  O O   . ALA A 1 71 ? -18.506 -1.504  6.753   1.00 26.41 ? 71  ALA A O   1 
ATOM   547  C CB  . ALA A 1 71 ? -16.791 -3.255  4.634   1.00 27.07 ? 71  ALA A CB  1 
ATOM   548  N N   . ILE A 1 72 ? -17.725 -3.394  7.687   1.00 24.51 ? 72  ILE A N   1 
ATOM   549  C CA  . ILE A 1 72 ? -17.668 -2.834  9.029   1.00 23.13 ? 72  ILE A CA  1 
ATOM   550  C C   . ILE A 1 72 ? -16.281 -3.069  9.612   1.00 21.94 ? 72  ILE A C   1 
ATOM   551  O O   . ILE A 1 72 ? -15.683 -4.127  9.402   1.00 21.16 ? 72  ILE A O   1 
ATOM   552  C CB  . ILE A 1 72 ? -18.724 -3.492  9.949   1.00 23.91 ? 72  ILE A CB  1 
ATOM   553  C CG1 . ILE A 1 72 ? -20.131 -3.204  9.413   1.00 24.34 ? 72  ILE A CG1 1 
ATOM   554  C CG2 . ILE A 1 72 ? -18.584 -2.957  11.372  1.00 24.39 ? 72  ILE A CG2 1 
ATOM   555  C CD1 . ILE A 1 72 ? -21.228 -3.979  10.114  1.00 25.23 ? 72  ILE A CD1 1 
ATOM   556  N N   . GLY A 1 73 ? -15.765 -2.081  10.336  1.00 20.49 ? 73  GLY A N   1 
ATOM   557  C CA  . GLY A 1 73 ? -14.450 -2.231  10.928  1.00 19.16 ? 73  GLY A CA  1 
ATOM   558  C C   . GLY A 1 73 ? -13.915 -0.963  11.562  1.00 18.19 ? 73  GLY A C   1 
ATOM   559  O O   . GLY A 1 73 ? -14.612 0.048   11.655  1.00 18.14 ? 73  GLY A O   1 
ATOM   560  N N   . THR A 1 74 ? -12.664 -1.022  12.000  1.00 17.37 ? 74  THR A N   1 
ATOM   561  C CA  . THR A 1 74 ? -12.020 0.119   12.631  1.00 16.50 ? 74  THR A CA  1 
ATOM   562  C C   . THR A 1 74 ? -11.539 1.109   11.586  1.00 16.12 ? 74  THR A C   1 
ATOM   563  O O   . THR A 1 74 ? -10.950 0.727   10.575  1.00 15.95 ? 74  THR A O   1 
ATOM   564  C CB  . THR A 1 74 ? -10.829 -0.343  13.485  1.00 16.85 ? 74  THR A CB  1 
ATOM   565  O OG1 . THR A 1 74 ? -11.323 -1.127  14.573  1.00 16.85 ? 74  THR A OG1 1 
ATOM   566  C CG2 . THR A 1 74 ? -10.041 0.844   14.026  1.00 16.24 ? 74  THR A CG2 1 
ATOM   567  N N   . VAL A 1 75 ? -11.809 2.386   11.831  1.00 15.18 ? 75  VAL A N   1 
ATOM   568  C CA  . VAL A 1 75 ? -11.394 3.443   10.925  1.00 14.83 ? 75  VAL A CA  1 
ATOM   569  C C   . VAL A 1 75 ? -10.600 4.464   11.719  1.00 14.61 ? 75  VAL A C   1 
ATOM   570  O O   . VAL A 1 75 ? -11.046 4.928   12.776  1.00 14.30 ? 75  VAL A O   1 
ATOM   571  C CB  . VAL A 1 75 ? -12.609 4.136   10.273  1.00 15.18 ? 75  VAL A CB  1 
ATOM   572  C CG1 . VAL A 1 75 ? -12.158 5.339   9.463   1.00 15.54 ? 75  VAL A CG1 1 
ATOM   573  C CG2 . VAL A 1 75 ? -13.333 3.151   9.376   1.00 15.05 ? 75  VAL A CG2 1 
ATOM   574  N N   . LEU A 1 76 ? -9.415  4.792   11.218  1.00 13.96 ? 76  LEU A N   1 
ATOM   575  C CA  . LEU A 1 76 ? -8.558  5.765   11.874  1.00 14.32 ? 76  LEU A CA  1 
ATOM   576  C C   . LEU A 1 76 ? -8.702  7.088   11.133  1.00 14.86 ? 76  LEU A C   1 
ATOM   577  O O   . LEU A 1 76 ? -8.843  7.114   9.911   1.00 15.26 ? 76  LEU A O   1 
ATOM   578  C CB  . LEU A 1 76 ? -7.093  5.301   11.845  1.00 13.70 ? 76  LEU A CB  1 
ATOM   579  C CG  . LEU A 1 76 ? -6.806  3.871   12.332  1.00 13.57 ? 76  LEU A CG  1 
ATOM   580  C CD1 . LEU A 1 76 ? -5.308  3.589   12.246  1.00 13.44 ? 76  LEU A CD1 1 
ATOM   581  C CD2 . LEU A 1 76 ? -7.302  3.692   13.762  1.00 12.78 ? 76  LEU A CD2 1 
ATOM   582  N N   . VAL A 1 77 ? -8.671  8.183   11.880  1.00 14.88 ? 77  VAL A N   1 
ATOM   583  C CA  . VAL A 1 77 ? -8.807  9.505   11.291  1.00 15.53 ? 77  VAL A CA  1 
ATOM   584  C C   . VAL A 1 77 ? -7.617  10.353  11.710  1.00 15.49 ? 77  VAL A C   1 
ATOM   585  O O   . VAL A 1 77 ? -7.258  10.392  12.888  1.00 15.63 ? 77  VAL A O   1 
ATOM   586  C CB  . VAL A 1 77 ? -10.128 10.169  11.753  1.00 15.95 ? 77  VAL A CB  1 
ATOM   587  C CG1 . VAL A 1 77 ? -10.245 11.569  11.182  1.00 16.87 ? 77  VAL A CG1 1 
ATOM   588  C CG2 . VAL A 1 77 ? -11.300 9.312   11.316  1.00 16.50 ? 77  VAL A CG2 1 
ATOM   589  N N   . GLY A 1 78 ? -6.998  11.022  10.741  1.00 15.45 ? 78  GLY A N   1 
ATOM   590  C CA  . GLY A 1 78 ? -5.846  11.845  11.050  1.00 15.72 ? 78  GLY A CA  1 
ATOM   591  C C   . GLY A 1 78 ? -5.283  12.596  9.861   1.00 16.44 ? 78  GLY A C   1 
ATOM   592  O O   . GLY A 1 78 ? -5.890  12.617  8.789   1.00 16.79 ? 78  GLY A O   1 
ATOM   593  N N   . PRO A 1 79 ? -4.104  13.214  10.017  1.00 16.81 ? 79  PRO A N   1 
ATOM   594  C CA  . PRO A 1 79 ? -3.435  13.985  8.966   1.00 17.38 ? 79  PRO A CA  1 
ATOM   595  C C   . PRO A 1 79 ? -2.810  13.188  7.820   1.00 17.91 ? 79  PRO A C   1 
ATOM   596  O O   . PRO A 1 79 ? -1.646  13.397  7.481   1.00 18.09 ? 79  PRO A O   1 
ATOM   597  C CB  . PRO A 1 79 ? -2.395  14.779  9.747   1.00 17.48 ? 79  PRO A CB  1 
ATOM   598  C CG  . PRO A 1 79 ? -1.980  13.795  10.798  1.00 17.34 ? 79  PRO A CG  1 
ATOM   599  C CD  . PRO A 1 79 ? -3.309  13.221  11.258  1.00 16.69 ? 79  PRO A CD  1 
ATOM   600  N N   . THR A 1 80 ? -3.574  12.281  7.220   1.00 18.06 ? 80  THR A N   1 
ATOM   601  C CA  . THR A 1 80 ? -3.059  11.501  6.097   1.00 17.96 ? 80  THR A CA  1 
ATOM   602  C C   . THR A 1 80 ? -3.287  12.324  4.827   1.00 18.42 ? 80  THR A C   1 
ATOM   603  O O   . THR A 1 80 ? -4.317  12.985  4.687   1.00 18.38 ? 80  THR A O   1 
ATOM   604  C CB  . THR A 1 80 ? -3.786  10.135  5.967   1.00 17.51 ? 80  THR A CB  1 
ATOM   605  O OG1 . THR A 1 80 ? -3.277  9.431   4.825   1.00 17.63 ? 80  THR A OG1 1 
ATOM   606  C CG2 . THR A 1 80 ? -5.292  10.333  5.815   1.00 16.73 ? 80  THR A CG2 1 
ATOM   607  N N   . PRO A 1 81 ? -2.323  12.312  3.892   1.00 18.67 ? 81  PRO A N   1 
ATOM   608  C CA  . PRO A 1 81 ? -2.488  13.085  2.656   1.00 18.70 ? 81  PRO A CA  1 
ATOM   609  C C   . PRO A 1 81 ? -3.485  12.477  1.669   1.00 18.60 ? 81  PRO A C   1 
ATOM   610  O O   . PRO A 1 81 ? -3.903  13.133  0.719   1.00 19.13 ? 81  PRO A O   1 
ATOM   611  C CB  . PRO A 1 81 ? -1.068  13.139  2.095   1.00 18.80 ? 81  PRO A CB  1 
ATOM   612  C CG  . PRO A 1 81 ? -0.508  11.828  2.519   1.00 18.73 ? 81  PRO A CG  1 
ATOM   613  C CD  . PRO A 1 81 ? -0.987  11.694  3.951   1.00 18.87 ? 81  PRO A CD  1 
ATOM   614  N N   . VAL A 1 82 ? -3.871  11.226  1.896   1.00 17.97 ? 82  VAL A N   1 
ATOM   615  C CA  . VAL A 1 82 ? -4.817  10.552  1.014   1.00 17.53 ? 82  VAL A CA  1 
ATOM   616  C C   . VAL A 1 82 ? -5.624  9.537   1.823   1.00 16.95 ? 82  VAL A C   1 
ATOM   617  O O   . VAL A 1 82 ? -5.101  8.947   2.767   1.00 16.37 ? 82  VAL A O   1 
ATOM   618  C CB  . VAL A 1 82 ? -4.078  9.819   -0.130  1.00 17.99 ? 82  VAL A CB  1 
ATOM   619  C CG1 . VAL A 1 82 ? -3.195  8.725   0.436   1.00 18.26 ? 82  VAL A CG1 1 
ATOM   620  C CG2 . VAL A 1 82 ? -5.080  9.231   -1.107  1.00 19.05 ? 82  VAL A CG2 1 
ATOM   621  N N   . ASN A 1 83 ? -6.894  9.347   1.465   1.00 16.12 ? 83  ASN A N   1 
ATOM   622  C CA  . ASN A 1 83 ? -7.739  8.385   2.174   1.00 15.58 ? 83  ASN A CA  1 
ATOM   623  C C   . ASN A 1 83 ? -7.286  6.980   1.794   1.00 14.52 ? 83  ASN A C   1 
ATOM   624  O O   . ASN A 1 83 ? -7.135  6.666   0.613   1.00 14.27 ? 83  ASN A O   1 
ATOM   625  C CB  . ASN A 1 83 ? -9.214  8.591   1.819   1.00 16.33 ? 83  ASN A CB  1 
ATOM   626  C CG  . ASN A 1 83 ? -9.744  9.934   2.299   1.00 17.71 ? 83  ASN A CG  1 
ATOM   627  O OD1 . ASN A 1 83 ? -9.580  10.297  3.462   1.00 18.92 ? 83  ASN A OD1 1 
ATOM   628  N ND2 . ASN A 1 83 ? -10.386 10.670  1.408   1.00 18.11 ? 83  ASN A ND2 1 
ATOM   629  N N   . ILE A 1 84 ? -7.083  6.136   2.799   1.00 13.62 ? 84  ILE A N   1 
ATOM   630  C CA  . ILE A 1 84 ? -6.590  4.786   2.561   1.00 13.01 ? 84  ILE A CA  1 
ATOM   631  C C   . ILE A 1 84 ? -7.491  3.668   3.074   1.00 12.42 ? 84  ILE A C   1 
ATOM   632  O O   . ILE A 1 84 ? -7.870  3.654   4.240   1.00 12.42 ? 84  ILE A O   1 
ATOM   633  C CB  . ILE A 1 84 ? -5.192  4.619   3.208   1.00 13.51 ? 84  ILE A CB  1 
ATOM   634  C CG1 . ILE A 1 84 ? -4.196  5.568   2.536   1.00 13.77 ? 84  ILE A CG1 1 
ATOM   635  C CG2 . ILE A 1 84 ? -4.716  3.171   3.096   1.00 12.65 ? 84  ILE A CG2 1 
ATOM   636  C CD1 . ILE A 1 84 ? -2.928  5.750   3.323   1.00 15.78 ? 84  ILE A CD1 1 
ATOM   637  N N   . ILE A 1 85 ? -7.837  2.737   2.193   1.00 12.26 ? 85  ILE A N   1 
ATOM   638  C CA  . ILE A 1 85 ? -8.647  1.593   2.592   1.00 12.22 ? 85  ILE A CA  1 
ATOM   639  C C   . ILE A 1 85 ? -7.641  0.461   2.756   1.00 12.03 ? 85  ILE A C   1 
ATOM   640  O O   . ILE A 1 85 ? -7.060  -0.003  1.775   1.00 12.15 ? 85  ILE A O   1 
ATOM   641  C CB  . ILE A 1 85 ? -9.674  1.189   1.517   1.00 12.25 ? 85  ILE A CB  1 
ATOM   642  C CG1 . ILE A 1 85 ? -10.659 2.336   1.275   1.00 13.12 ? 85  ILE A CG1 1 
ATOM   643  C CG2 . ILE A 1 85 ? -10.409 -0.083  1.955   1.00 12.09 ? 85  ILE A CG2 1 
ATOM   644  C CD1 . ILE A 1 85 ? -11.400 2.802   2.516   1.00 13.73 ? 85  ILE A CD1 1 
ATOM   645  N N   . GLY A 1 86 ? -7.435  0.037   4.001   1.00 11.39 ? 86  GLY A N   1 
ATOM   646  C CA  . GLY A 1 86 ? -6.481  -1.014  4.292   1.00 11.61 ? 86  GLY A CA  1 
ATOM   647  C C   . GLY A 1 86 ? -7.052  -2.420  4.338   1.00 10.83 ? 86  GLY A C   1 
ATOM   648  O O   . GLY A 1 86 ? -8.240  -2.628  4.122   1.00 10.93 ? 86  GLY A O   1 
ATOM   649  N N   . ARG A 1 87 ? -6.188  -3.382  4.636   1.00 10.67 ? 87  ARG A N   1 
ATOM   650  C CA  . ARG A 1 87 ? -6.568  -4.786  4.688   1.00 10.20 ? 87  ARG A CA  1 
ATOM   651  C C   . ARG A 1 87 ? -7.714  -5.145  5.630   1.00 11.22 ? 87  ARG A C   1 
ATOM   652  O O   . ARG A 1 87 ? -8.448  -6.097  5.363   1.00 10.96 ? 87  ARG A O   1 
ATOM   653  C CB  . ARG A 1 87 ? -5.344  -5.650  5.026   1.00 9.79  ? 87  ARG A CB  1 
ATOM   654  C CG  . ARG A 1 87 ? -4.288  -5.667  3.917   1.00 10.33 ? 87  ARG A CG  1 
ATOM   655  C CD  . ARG A 1 87 ? -3.197  -6.719  4.155   1.00 9.77  ? 87  ARG A CD  1 
ATOM   656  N NE  . ARG A 1 87 ? -2.488  -6.509  5.412   1.00 10.45 ? 87  ARG A NE  1 
ATOM   657  C CZ  . ARG A 1 87 ? -2.754  -7.148  6.549   1.00 11.53 ? 87  ARG A CZ  1 
ATOM   658  N NH1 . ARG A 1 87 ? -3.723  -8.059  6.605   1.00 11.39 ? 87  ARG A NH1 1 
ATOM   659  N NH2 . ARG A 1 87 ? -2.046  -6.869  7.639   1.00 11.60 ? 87  ARG A NH2 1 
ATOM   660  N N   . ASN A 1 88 ? -7.872  -4.407  6.724   1.00 11.37 ? 88  ASN A N   1 
ATOM   661  C CA  . ASN A 1 88 ? -8.946  -4.720  7.667   1.00 12.20 ? 88  ASN A CA  1 
ATOM   662  C C   . ASN A 1 88 ? -10.326 -4.617  7.012   1.00 12.63 ? 88  ASN A C   1 
ATOM   663  O O   . ASN A 1 88 ? -11.265 -5.299  7.429   1.00 13.67 ? 88  ASN A O   1 
ATOM   664  C CB  . ASN A 1 88 ? -8.872  -3.808  8.898   1.00 12.56 ? 88  ASN A CB  1 
ATOM   665  C CG  . ASN A 1 88 ? -9.269  -2.379  8.593   1.00 12.81 ? 88  ASN A CG  1 
ATOM   666  O OD1 . ASN A 1 88 ? -8.700  -1.741  7.713   1.00 13.06 ? 88  ASN A OD1 1 
ATOM   667  N ND2 . ASN A 1 88 ? -10.250 -1.870  9.328   1.00 12.82 ? 88  ASN A ND2 1 
ATOM   668  N N   . LEU A 1 89 ? -10.445 -3.777  5.986   1.00 12.46 ? 89  LEU A N   1 
ATOM   669  C CA  . LEU A 1 89 ? -11.706 -3.616  5.269   1.00 12.75 ? 89  LEU A CA  1 
ATOM   670  C C   . LEU A 1 89 ? -11.697 -4.293  3.899   1.00 13.03 ? 89  LEU A C   1 
ATOM   671  O O   . LEU A 1 89 ? -12.740 -4.742  3.426   1.00 13.17 ? 89  LEU A O   1 
ATOM   672  C CB  . LEU A 1 89 ? -12.053 -2.127  5.104   1.00 13.07 ? 89  LEU A CB  1 
ATOM   673  C CG  . LEU A 1 89 ? -12.325 -1.365  6.405   1.00 13.47 ? 89  LEU A CG  1 
ATOM   674  C CD1 . LEU A 1 89 ? -12.800 0.061   6.092   1.00 13.32 ? 89  LEU A CD1 1 
ATOM   675  C CD2 . LEU A 1 89 ? -13.375 -2.107  7.211   1.00 13.39 ? 89  LEU A CD2 1 
ATOM   676  N N   . LEU A 1 90 ? -10.534 -4.364  3.255   1.00 12.51 ? 90  LEU A N   1 
ATOM   677  C CA  . LEU A 1 90 ? -10.448 -5.001  1.940   1.00 12.61 ? 90  LEU A CA  1 
ATOM   678  C C   . LEU A 1 90 ? -10.877 -6.468  2.002   1.00 12.52 ? 90  LEU A C   1 
ATOM   679  O O   . LEU A 1 90 ? -11.481 -6.988  1.062   1.00 12.81 ? 90  LEU A O   1 
ATOM   680  C CB  . LEU A 1 90 ? -9.019  -4.900  1.381   1.00 12.54 ? 90  LEU A CB  1 
ATOM   681  C CG  . LEU A 1 90 ? -8.511  -3.488  1.049   1.00 12.82 ? 90  LEU A CG  1 
ATOM   682  C CD1 . LEU A 1 90 ? -7.060  -3.568  0.576   1.00 12.48 ? 90  LEU A CD1 1 
ATOM   683  C CD2 . LEU A 1 90 ? -9.382  -2.862  -0.028  1.00 12.82 ? 90  LEU A CD2 1 
ATOM   684  N N   . THR A 1 91 ? -10.577 -7.124  3.115   1.00 12.61 ? 91  THR A N   1 
ATOM   685  C CA  . THR A 1 91 ? -10.940 -8.525  3.299   1.00 13.11 ? 91  THR A CA  1 
ATOM   686  C C   . THR A 1 91 ? -12.451 -8.691  3.374   1.00 13.46 ? 91  THR A C   1 
ATOM   687  O O   . THR A 1 91 ? -12.998 -9.685  2.899   1.00 13.50 ? 91  THR A O   1 
ATOM   688  C CB  . THR A 1 91 ? -10.354 -9.106  4.601   1.00 13.33 ? 91  THR A CB  1 
ATOM   689  O OG1 . THR A 1 91 ? -10.783 -8.311  5.713   1.00 13.20 ? 91  THR A OG1 1 
ATOM   690  C CG2 . THR A 1 91 ? -8.832  -9.135  4.546   1.00 12.95 ? 91  THR A CG2 1 
ATOM   691  N N   . GLN A 1 92 ? -13.124 -7.712  3.969   1.00 13.34 ? 92  GLN A N   1 
ATOM   692  C CA  . GLN A 1 92 ? -14.575 -7.773  4.125   1.00 14.03 ? 92  GLN A CA  1 
ATOM   693  C C   . GLN A 1 92 ? -15.338 -7.664  2.811   1.00 14.55 ? 92  GLN A C   1 
ATOM   694  O O   . GLN A 1 92 ? -16.486 -8.096  2.719   1.00 14.81 ? 92  GLN A O   1 
ATOM   695  C CB  . GLN A 1 92 ? -15.036 -6.692  5.105   1.00 13.19 ? 92  GLN A CB  1 
ATOM   696  C CG  . GLN A 1 92 ? -14.371 -6.808  6.472   1.00 12.85 ? 92  GLN A CG  1 
ATOM   697  C CD  . GLN A 1 92 ? -14.735 -8.093  7.197   1.00 13.23 ? 92  GLN A CD  1 
ATOM   698  O OE1 . GLN A 1 92 ? -15.862 -8.252  7.670   1.00 13.15 ? 92  GLN A OE1 1 
ATOM   699  N NE2 . GLN A 1 92 ? -13.784 -9.018  7.282   1.00 11.65 ? 92  GLN A NE2 1 
ATOM   700  N N   . ILE A 1 93 ? -14.719 -7.082  1.789   1.00 15.16 ? 93  ILE A N   1 
ATOM   701  C CA  . ILE A 1 93 ? -15.396 -6.984  0.505   1.00 15.76 ? 93  ILE A CA  1 
ATOM   702  C C   . ILE A 1 93 ? -14.917 -8.085  -0.443  1.00 15.82 ? 93  ILE A C   1 
ATOM   703  O O   . ILE A 1 93 ? -15.304 -8.120  -1.606  1.00 15.68 ? 93  ILE A O   1 
ATOM   704  C CB  . ILE A 1 93 ? -15.202 -5.596  -0.157  1.00 16.29 ? 93  ILE A CB  1 
ATOM   705  C CG1 . ILE A 1 93 ? -13.724 -5.349  -0.462  1.00 16.74 ? 93  ILE A CG1 1 
ATOM   706  C CG2 . ILE A 1 93 ? -15.758 -4.506  0.762   1.00 16.60 ? 93  ILE A CG2 1 
ATOM   707  C CD1 . ILE A 1 93 ? -13.471 -4.052  -1.215  1.00 17.04 ? 93  ILE A CD1 1 
ATOM   708  N N   . GLY A 1 94 ? -14.080 -8.983  0.072   1.00 16.09 ? 94  GLY A N   1 
ATOM   709  C CA  . GLY A 1 94 ? -13.586 -10.100 -0.723  1.00 16.48 ? 94  GLY A CA  1 
ATOM   710  C C   . GLY A 1 94 ? -12.529 -9.752  -1.751  1.00 16.93 ? 94  GLY A C   1 
ATOM   711  O O   . GLY A 1 94 ? -12.417 -10.406 -2.788  1.00 17.04 ? 94  GLY A O   1 
ATOM   712  N N   . CYS A 1 95 ? -11.736 -8.732  -1.455  1.00 16.97 ? 95  CYS A N   1 
ATOM   713  C CA  . CYS A 1 95 ? -10.696 -8.288  -2.367  1.00 17.82 ? 95  CYS A CA  1 
ATOM   714  C C   . CYS A 1 95 ? -9.455  -9.185  -2.329  1.00 17.79 ? 95  CYS A C   1 
ATOM   715  O O   . CYS A 1 95 ? -8.979  -9.558  -1.255  1.00 17.54 ? 95  CYS A O   1 
ATOM   716  C CB  . CYS A 1 95 ? -10.317 -6.842  -2.024  1.00 18.75 ? 95  CYS A CB  1 
ATOM   717  S SG  . CYS A 1 95 ? -9.230  -6.045  -3.216  1.00 22.22 ? 95  CYS A SG  1 
ATOM   718  N N   . THR A 1 96 ? -8.939  -9.541  -3.503  1.00 17.55 ? 96  THR A N   1 
ATOM   719  C CA  . THR A 1 96 ? -7.742  -10.376 -3.592  1.00 17.86 ? 96  THR A CA  1 
ATOM   720  C C   . THR A 1 96 ? -6.783  -9.835  -4.650  1.00 18.66 ? 96  THR A C   1 
ATOM   721  O O   . THR A 1 96 ? -7.191  -9.087  -5.545  1.00 18.62 ? 96  THR A O   1 
ATOM   722  C CB  . THR A 1 96 ? -8.073  -11.835 -3.999  1.00 17.59 ? 96  THR A CB  1 
ATOM   723  O OG1 . THR A 1 96 ? -8.680  -11.838 -5.298  1.00 17.43 ? 96  THR A OG1 1 
ATOM   724  C CG2 . THR A 1 96 ? -9.009  -12.488 -2.994  1.00 17.54 ? 96  THR A CG2 1 
ATOM   725  N N   . LEU A 1 97 ? -5.509  -10.206 -4.530  1.00 19.26 ? 97  LEU A N   1 
ATOM   726  C CA  . LEU A 1 97 ? -4.491  -9.825  -5.507  1.00 20.50 ? 97  LEU A CA  1 
ATOM   727  C C   . LEU A 1 97 ? -4.346  -11.052 -6.398  1.00 20.94 ? 97  LEU A C   1 
ATOM   728  O O   . LEU A 1 97 ? -4.242  -12.171 -5.895  1.00 20.88 ? 97  LEU A O   1 
ATOM   729  C CB  . LEU A 1 97 ? -3.150  -9.537  -4.827  1.00 21.57 ? 97  LEU A CB  1 
ATOM   730  C CG  . LEU A 1 97 ? -2.989  -8.196  -4.117  1.00 23.36 ? 97  LEU A CG  1 
ATOM   731  C CD1 . LEU A 1 97 ? -1.650  -8.162  -3.387  1.00 23.03 ? 97  LEU A CD1 1 
ATOM   732  C CD2 . LEU A 1 97 ? -3.071  -7.073  -5.144  1.00 23.69 ? 97  LEU A CD2 1 
ATOM   733  N N   . ASN A 1 98 ? -4.341  -10.849 -7.712  1.00 21.27 ? 98  ASN A N   1 
ATOM   734  C CA  . ASN A 1 98 ? -4.221  -11.964 -8.643  1.00 22.33 ? 98  ASN A CA  1 
ATOM   735  C C   . ASN A 1 98 ? -3.198  -11.716 -9.743  1.00 22.65 ? 98  ASN A C   1 
ATOM   736  O O   . ASN A 1 98 ? -3.101  -10.611 -10.275 1.00 22.58 ? 98  ASN A O   1 
ATOM   737  C CB  . ASN A 1 98 ? -5.575  -12.264 -9.298  1.00 22.63 ? 98  ASN A CB  1 
ATOM   738  C CG  . ASN A 1 98 ? -6.673  -12.545 -8.287  1.00 23.27 ? 98  ASN A CG  1 
ATOM   739  O OD1 . ASN A 1 98 ? -7.214  -11.630 -7.659  1.00 23.91 ? 98  ASN A OD1 1 
ATOM   740  N ND2 . ASN A 1 98 ? -7.004  -13.816 -8.121  1.00 23.00 ? 98  ASN A ND2 1 
ATOM   741  N N   . PHE A 1 99 ? -2.444  -12.759 -10.079 1.00 23.47 ? 99  PHE A N   1 
ATOM   742  C CA  . PHE A 1 99 ? -1.445  -12.702 -11.140 1.00 24.46 ? 99  PHE A CA  1 
ATOM   743  C C   . PHE A 1 99 ? -0.969  -14.114 -11.484 1.00 24.99 ? 99  PHE A C   1 
ATOM   744  O O   . PHE A 1 99 ? -1.464  -15.067 -10.848 1.00 20.54 ? 99  PHE A O   1 
ATOM   745  C CB  . PHE A 1 99 ? -0.265  -11.811 -10.724 1.00 25.03 ? 99  PHE A CB  1 
ATOM   746  C CG  . PHE A 1 99 ? 0.530   -12.334 -9.555  1.00 25.85 ? 99  PHE A CG  1 
ATOM   747  C CD1 . PHE A 1 99 ? 1.619   -13.174 -9.756  1.00 26.10 ? 99  PHE A CD1 1 
ATOM   748  C CD2 . PHE A 1 99 ? 0.205   -11.961 -8.255  1.00 26.34 ? 99  PHE A CD2 1 
ATOM   749  C CE1 . PHE A 1 99 ? 2.377   -13.632 -8.682  1.00 26.60 ? 99  PHE A CE1 1 
ATOM   750  C CE2 . PHE A 1 99 ? 0.957   -12.415 -7.170  1.00 26.51 ? 99  PHE A CE2 1 
ATOM   751  C CZ  . PHE A 1 99 ? 2.045   -13.251 -7.384  1.00 26.76 ? 99  PHE A CZ  1 
ATOM   752  O OXT . PHE A 1 99 ? -0.126  -14.264 -12.390 1.00 20.54 ? 99  PHE A OXT 1 
ATOM   753  N N   . PRO B 1 1  ? -1.019  -16.765 -8.907  1.00 26.42 ? 101 PRO B N   1 
ATOM   754  C CA  . PRO B 1 1  ? -1.847  -17.238 -7.780  1.00 25.97 ? 101 PRO B CA  1 
ATOM   755  C C   . PRO B 1 1  ? -2.821  -16.152 -7.339  1.00 25.74 ? 101 PRO B C   1 
ATOM   756  O O   . PRO B 1 1  ? -2.820  -15.043 -7.874  1.00 25.58 ? 101 PRO B O   1 
ATOM   757  C CB  . PRO B 1 1  ? -0.886  -17.564 -6.652  1.00 26.16 ? 101 PRO B CB  1 
ATOM   758  C CG  . PRO B 1 1  ? 0.205   -16.542 -6.909  1.00 26.44 ? 101 PRO B CG  1 
ATOM   759  C CD  . PRO B 1 1  ? 0.365   -16.552 -8.443  1.00 26.61 ? 101 PRO B CD  1 
ATOM   760  N N   . GLN B 1 2  ? -3.654  -16.491 -6.362  1.00 25.26 ? 102 GLN B N   1 
ATOM   761  C CA  . GLN B 1 2  ? -4.622  -15.556 -5.809  1.00 24.76 ? 102 GLN B CA  1 
ATOM   762  C C   . GLN B 1 2  ? -4.231  -15.363 -4.354  1.00 23.86 ? 102 GLN B C   1 
ATOM   763  O O   . GLN B 1 2  ? -4.116  -16.330 -3.594  1.00 24.05 ? 102 GLN B O   1 
ATOM   764  C CB  . GLN B 1 2  ? -6.039  -16.119 -5.911  1.00 26.01 ? 102 GLN B CB  1 
ATOM   765  C CG  . GLN B 1 2  ? -7.080  -15.303 -5.160  1.00 27.87 ? 102 GLN B CG  1 
ATOM   766  C CD  . GLN B 1 2  ? -8.490  -15.764 -5.452  1.00 29.10 ? 102 GLN B CD  1 
ATOM   767  O OE1 . GLN B 1 2  ? -9.012  -15.549 -6.548  1.00 30.39 ? 102 GLN B OE1 1 
ATOM   768  N NE2 . GLN B 1 2  ? -9.115  -16.410 -4.476  1.00 29.45 ? 102 GLN B NE2 1 
ATOM   769  N N   . ILE B 1 3  ? -4.015  -14.111 -3.970  1.00 22.00 ? 103 ILE B N   1 
ATOM   770  C CA  . ILE B 1 3  ? -3.602  -13.796 -2.612  1.00 20.28 ? 103 ILE B CA  1 
ATOM   771  C C   . ILE B 1 3  ? -4.701  -13.064 -1.842  1.00 19.24 ? 103 ILE B C   1 
ATOM   772  O O   . ILE B 1 3  ? -5.179  -12.012 -2.272  1.00 18.19 ? 103 ILE B O   1 
ATOM   773  C CB  . ILE B 1 3  ? -2.316  -12.927 -2.641  1.00 20.39 ? 103 ILE B CB  1 
ATOM   774  C CG1 . ILE B 1 3  ? -1.190  -13.703 -3.330  1.00 20.64 ? 103 ILE B CG1 1 
ATOM   775  C CG2 . ILE B 1 3  ? -1.899  -12.533 -1.234  1.00 19.87 ? 103 ILE B CG2 1 
ATOM   776  C CD1 . ILE B 1 3  ? 0.093   -12.914 -3.498  1.00 20.85 ? 103 ILE B CD1 1 
ATOM   777  N N   . THR B 1 4  ? -5.118  -13.643 -0.719  1.00 17.76 ? 104 THR B N   1 
ATOM   778  C CA  . THR B 1 4  ? -6.135  -13.018 0.115   1.00 16.70 ? 104 THR B CA  1 
ATOM   779  C C   . THR B 1 4  ? -5.393  -12.018 0.994   1.00 15.68 ? 104 THR B C   1 
ATOM   780  O O   . THR B 1 4  ? -4.163  -12.033 1.061   1.00 15.83 ? 104 THR B O   1 
ATOM   781  C CB  . THR B 1 4  ? -6.883  -14.054 0.993   1.00 16.79 ? 104 THR B CB  1 
ATOM   782  O OG1 . THR B 1 4  ? -5.941  -14.798 1.769   1.00 16.51 ? 104 THR B OG1 1 
ATOM   783  C CG2 . THR B 1 4  ? -7.684  -15.019 0.118   1.00 17.28 ? 104 THR B CG2 1 
ATOM   784  N N   . LEU B 1 5  ? -6.127  -11.157 1.684   1.00 14.88 ? 105 LEU B N   1 
ATOM   785  C CA  . LEU B 1 5  ? -5.479  -10.136 2.489   1.00 14.08 ? 105 LEU B CA  1 
ATOM   786  C C   . LEU B 1 5  ? -5.690  -10.232 3.998   1.00 14.05 ? 105 LEU B C   1 
ATOM   787  O O   . LEU B 1 5  ? -5.602  -9.230  4.708   1.00 14.54 ? 105 LEU B O   1 
ATOM   788  C CB  . LEU B 1 5  ? -5.921  -8.763  1.972   1.00 13.34 ? 105 LEU B CB  1 
ATOM   789  C CG  . LEU B 1 5  ? -5.590  -8.567  0.488   1.00 13.12 ? 105 LEU B CG  1 
ATOM   790  C CD1 . LEU B 1 5  ? -6.383  -7.404  -0.090  1.00 12.85 ? 105 LEU B CD1 1 
ATOM   791  C CD2 . LEU B 1 5  ? -4.084  -8.345  0.336   1.00 13.26 ? 105 LEU B CD2 1 
ATOM   792  N N   . TRP B 1 6  ? -5.958  -11.432 4.497   1.00 13.66 ? 106 TRP B N   1 
ATOM   793  C CA  . TRP B 1 6  ? -6.156  -11.588 5.931   1.00 13.73 ? 106 TRP B CA  1 
ATOM   794  C C   . TRP B 1 6  ? -4.816  -11.376 6.622   1.00 13.91 ? 106 TRP B C   1 
ATOM   795  O O   . TRP B 1 6  ? -4.760  -10.994 7.787   1.00 13.99 ? 106 TRP B O   1 
ATOM   796  C CB  . TRP B 1 6  ? -6.740  -12.971 6.241   1.00 13.48 ? 106 TRP B CB  1 
ATOM   797  C CG  . TRP B 1 6  ? -8.047  -13.193 5.541   1.00 13.40 ? 106 TRP B CG  1 
ATOM   798  C CD1 . TRP B 1 6  ? -8.242  -13.849 4.359   1.00 13.71 ? 106 TRP B CD1 1 
ATOM   799  C CD2 . TRP B 1 6  ? -9.330  -12.676 5.929   1.00 13.43 ? 106 TRP B CD2 1 
ATOM   800  N NE1 . TRP B 1 6  ? -9.564  -13.769 3.984   1.00 14.05 ? 106 TRP B NE1 1 
ATOM   801  C CE2 . TRP B 1 6  ? -10.253 -13.055 4.929   1.00 13.38 ? 106 TRP B CE2 1 
ATOM   802  C CE3 . TRP B 1 6  ? -9.786  -11.927 7.025   1.00 12.99 ? 106 TRP B CE3 1 
ATOM   803  C CZ2 . TRP B 1 6  ? -11.610 -12.708 4.987   1.00 13.42 ? 106 TRP B CZ2 1 
ATOM   804  C CZ3 . TRP B 1 6  ? -11.138 -11.581 7.082   1.00 12.93 ? 106 TRP B CZ3 1 
ATOM   805  C CH2 . TRP B 1 6  ? -12.031 -11.973 6.065   1.00 13.00 ? 106 TRP B CH2 1 
ATOM   806  N N   . GLN B 1 7  ? -3.736  -11.602 5.876   1.00 14.16 ? 107 GLN B N   1 
ATOM   807  C CA  . GLN B 1 7  ? -2.375  -11.404 6.369   1.00 15.02 ? 107 GLN B CA  1 
ATOM   808  C C   . GLN B 1 7  ? -1.696  -10.480 5.366   1.00 13.77 ? 107 GLN B C   1 
ATOM   809  O O   . GLN B 1 7  ? -2.215  -10.278 4.269   1.00 13.36 ? 107 GLN B O   1 
ATOM   810  C CB  . GLN B 1 7  ? -1.597  -12.722 6.398   1.00 17.54 ? 107 GLN B CB  1 
ATOM   811  C CG  . GLN B 1 7  ? -2.113  -13.769 7.367   1.00 21.82 ? 107 GLN B CG  1 
ATOM   812  C CD  . GLN B 1 7  ? -1.199  -14.984 7.416   1.00 24.95 ? 107 GLN B CD  1 
ATOM   813  O OE1 . GLN B 1 7  ? -1.047  -15.706 6.423   1.00 26.60 ? 107 GLN B OE1 1 
ATOM   814  N NE2 . GLN B 1 7  ? -0.579  -15.212 8.571   1.00 26.09 ? 107 GLN B NE2 1 
ATOM   815  N N   . ARG B 1 8  ? -0.543  -9.927  5.729   1.00 13.00 ? 108 ARG B N   1 
ATOM   816  C CA  . ARG B 1 8  ? 0.177   -9.057  4.801   1.00 13.15 ? 108 ARG B CA  1 
ATOM   817  C C   . ARG B 1 8  ? 0.575   -9.881  3.581   1.00 12.78 ? 108 ARG B C   1 
ATOM   818  O O   . ARG B 1 8  ? 1.010   -11.029 3.708   1.00 12.62 ? 108 ARG B O   1 
ATOM   819  C CB  . ARG B 1 8  ? 1.440   -8.481  5.450   1.00 13.31 ? 108 ARG B CB  1 
ATOM   820  C CG  . ARG B 1 8  ? 1.163   -7.477  6.547   1.00 15.11 ? 108 ARG B CG  1 
ATOM   821  C CD  . ARG B 1 8  ? 2.460   -6.896  7.097   1.00 16.11 ? 108 ARG B CD  1 
ATOM   822  N NE  . ARG B 1 8  ? 2.192   -5.900  8.127   1.00 17.41 ? 108 ARG B NE  1 
ATOM   823  C CZ  . ARG B 1 8  ? 3.130   -5.277  8.831   1.00 17.86 ? 108 ARG B CZ  1 
ATOM   824  N NH1 . ARG B 1 8  ? 4.413   -5.548  8.620   1.00 18.03 ? 108 ARG B NH1 1 
ATOM   825  N NH2 . ARG B 1 8  ? 2.783   -4.389  9.756   1.00 17.70 ? 108 ARG B NH2 1 
ATOM   826  N N   . PRO B 1 9  ? 0.408   -9.314  2.378   1.00 12.65 ? 109 PRO B N   1 
ATOM   827  C CA  . PRO B 1 9  ? 0.766   -10.031 1.149   1.00 12.40 ? 109 PRO B CA  1 
ATOM   828  C C   . PRO B 1 9  ? 2.275   -10.038 0.917   1.00 12.90 ? 109 PRO B C   1 
ATOM   829  O O   . PRO B 1 9  ? 2.780   -9.364  0.022   1.00 11.85 ? 109 PRO B O   1 
ATOM   830  C CB  . PRO B 1 9  ? 0.010   -9.261  0.073   1.00 12.75 ? 109 PRO B CB  1 
ATOM   831  C CG  . PRO B 1 9  ? 0.024   -7.844  0.606   1.00 11.84 ? 109 PRO B CG  1 
ATOM   832  C CD  . PRO B 1 9  ? -0.301  -8.056  2.074   1.00 12.38 ? 109 PRO B CD  1 
ATOM   833  N N   . LEU B 1 10 ? 2.982   -10.802 1.743   1.00 13.30 ? 110 LEU B N   1 
ATOM   834  C CA  . LEU B 1 10 ? 4.428   -10.916 1.658   1.00 14.36 ? 110 LEU B CA  1 
ATOM   835  C C   . LEU B 1 10 ? 4.815   -12.029 0.699   1.00 14.72 ? 110 LEU B C   1 
ATOM   836  O O   . LEU B 1 10 ? 4.247   -13.119 0.738   1.00 14.69 ? 110 LEU B O   1 
ATOM   837  C CB  . LEU B 1 10 ? 5.012   -11.221 3.040   1.00 16.00 ? 110 LEU B CB  1 
ATOM   838  C CG  . LEU B 1 10 ? 4.791   -10.177 4.135   1.00 16.79 ? 110 LEU B CG  1 
ATOM   839  C CD1 . LEU B 1 10 ? 5.243   -10.741 5.476   1.00 17.76 ? 110 LEU B CD1 1 
ATOM   840  C CD2 . LEU B 1 10 ? 5.559   -8.908  3.803   1.00 18.06 ? 110 LEU B CD2 1 
ATOM   841  N N   . VAL B 1 11 ? 5.777   -11.752 -0.169  1.00 14.66 ? 111 VAL B N   1 
ATOM   842  C CA  . VAL B 1 11 ? 6.240   -12.745 -1.125  1.00 15.20 ? 111 VAL B CA  1 
ATOM   843  C C   . VAL B 1 11 ? 7.760   -12.755 -1.117  1.00 15.38 ? 111 VAL B C   1 
ATOM   844  O O   . VAL B 1 11 ? 8.392   -11.842 -0.588  1.00 15.18 ? 111 VAL B O   1 
ATOM   845  C CB  . VAL B 1 11 ? 5.755   -12.430 -2.563  1.00 15.53 ? 111 VAL B CB  1 
ATOM   846  C CG1 . VAL B 1 11 ? 4.227   -12.391 -2.609  1.00 16.35 ? 111 VAL B CG1 1 
ATOM   847  C CG2 . VAL B 1 11 ? 6.344   -11.106 -3.030  1.00 15.89 ? 111 VAL B CG2 1 
ATOM   848  N N   . THR B 1 12 ? 8.350   -13.798 -1.691  1.00 15.34 ? 112 THR B N   1 
ATOM   849  C CA  . THR B 1 12 ? 9.802   -13.884 -1.757  1.00 15.26 ? 112 THR B CA  1 
ATOM   850  C C   . THR B 1 12 ? 10.248  -13.300 -3.092  1.00 14.97 ? 112 THR B C   1 
ATOM   851  O O   . THR B 1 12 ? 9.650   -13.582 -4.131  1.00 14.81 ? 112 THR B O   1 
ATOM   852  C CB  . THR B 1 12 ? 10.283  -15.352 -1.651  1.00 15.86 ? 112 THR B CB  1 
ATOM   853  O OG1 . THR B 1 12 ? 9.921   -15.877 -0.367  1.00 16.96 ? 112 THR B OG1 1 
ATOM   854  C CG2 . THR B 1 12 ? 11.794  -15.435 -1.813  1.00 16.05 ? 112 THR B CG2 1 
ATOM   855  N N   . ILE B 1 13 ? 11.276  -12.459 -3.059  1.00 14.35 ? 113 ILE B N   1 
ATOM   856  C CA  . ILE B 1 13 ? 11.805  -11.868 -4.282  1.00 14.73 ? 113 ILE B CA  1 
ATOM   857  C C   . ILE B 1 13 ? 13.281  -12.229 -4.368  1.00 14.84 ? 113 ILE B C   1 
ATOM   858  O O   . ILE B 1 13 ? 13.906  -12.543 -3.362  1.00 14.74 ? 113 ILE B O   1 
ATOM   859  C CB  . ILE B 1 13 ? 11.662  -10.320 -4.294  1.00 14.40 ? 113 ILE B CB  1 
ATOM   860  C CG1 . ILE B 1 13 ? 12.477  -9.696  -3.157  1.00 15.04 ? 113 ILE B CG1 1 
ATOM   861  C CG2 . ILE B 1 13 ? 10.199  -9.942  -4.158  1.00 14.24 ? 113 ILE B CG2 1 
ATOM   862  C CD1 . ILE B 1 13 ? 12.592  -8.163  -3.238  1.00 15.56 ? 113 ILE B CD1 1 
ATOM   863  N N   . LYS B 1 14 ? 13.833  -12.199 -5.570  1.00 15.30 ? 114 LYS B N   1 
ATOM   864  C CA  . LYS B 1 14 ? 15.243  -12.506 -5.745  1.00 15.94 ? 114 LYS B CA  1 
ATOM   865  C C   . LYS B 1 14 ? 15.880  -11.334 -6.476  1.00 16.35 ? 114 LYS B C   1 
ATOM   866  O O   . LYS B 1 14 ? 15.431  -10.943 -7.554  1.00 15.70 ? 114 LYS B O   1 
ATOM   867  C CB  . LYS B 1 14 ? 15.418  -13.795 -6.550  1.00 15.80 ? 114 LYS B CB  1 
ATOM   868  C CG  . LYS B 1 14 ? 16.871  -14.210 -6.750  1.00 17.97 ? 114 LYS B CG  1 
ATOM   869  C CD  . LYS B 1 14 ? 16.956  -15.536 -7.495  1.00 18.08 ? 114 LYS B CD  1 
ATOM   870  C CE  . LYS B 1 14 ? 18.387  -16.009 -7.631  1.00 19.90 ? 114 LYS B CE  1 
ATOM   871  N NZ  . LYS B 1 14 ? 18.423  -17.338 -8.315  1.00 20.29 ? 114 LYS B NZ  1 
ATOM   872  N N   . ILE B 1 15 ? 16.913  -10.762 -5.872  1.00 17.10 ? 115 ILE B N   1 
ATOM   873  C CA  . ILE B 1 15 ? 17.609  -9.640  -6.478  1.00 18.20 ? 115 ILE B CA  1 
ATOM   874  C C   . ILE B 1 15 ? 19.084  -9.721  -6.107  1.00 19.15 ? 115 ILE B C   1 
ATOM   875  O O   . ILE B 1 15 ? 19.439  -9.977  -4.954  1.00 19.13 ? 115 ILE B O   1 
ATOM   876  C CB  . ILE B 1 15 ? 16.990  -8.292  -6.012  1.00 18.17 ? 115 ILE B CB  1 
ATOM   877  C CG1 . ILE B 1 15 ? 17.688  -7.121  -6.708  1.00 18.27 ? 115 ILE B CG1 1 
ATOM   878  C CG2 . ILE B 1 15 ? 17.064  -8.171  -4.495  1.00 17.54 ? 115 ILE B CG2 1 
ATOM   879  C CD1 . ILE B 1 15 ? 16.966  -5.797  -6.524  1.00 17.97 ? 115 ILE B CD1 1 
ATOM   880  N N   . GLY B 1 16 ? 19.945  -9.522  -7.098  1.00 20.24 ? 116 GLY B N   1 
ATOM   881  C CA  . GLY B 1 16 ? 21.370  -9.603  -6.844  1.00 21.46 ? 116 GLY B CA  1 
ATOM   882  C C   . GLY B 1 16 ? 21.740  -10.987 -6.341  1.00 22.30 ? 116 GLY B C   1 
ATOM   883  O O   . GLY B 1 16 ? 22.666  -11.144 -5.547  1.00 22.93 ? 116 GLY B O   1 
ATOM   884  N N   . GLY B 1 17 ? 21.005  -11.996 -6.799  1.00 22.73 ? 117 GLY B N   1 
ATOM   885  C CA  . GLY B 1 17 ? 21.272  -13.363 -6.384  1.00 23.43 ? 117 GLY B CA  1 
ATOM   886  C C   . GLY B 1 17 ? 20.869  -13.680 -4.954  1.00 23.79 ? 117 GLY B C   1 
ATOM   887  O O   . GLY B 1 17 ? 21.152  -14.768 -4.450  1.00 24.16 ? 117 GLY B O   1 
ATOM   888  N N   . GLN B 1 18 ? 20.200  -12.737 -4.297  1.00 23.63 ? 118 GLN B N   1 
ATOM   889  C CA  . GLN B 1 18 ? 19.771  -12.929 -2.918  1.00 23.17 ? 118 GLN B CA  1 
ATOM   890  C C   . GLN B 1 18 ? 18.257  -12.977 -2.770  1.00 21.73 ? 118 GLN B C   1 
ATOM   891  O O   . GLN B 1 18 ? 17.533  -12.315 -3.508  1.00 20.77 ? 118 GLN B O   1 
ATOM   892  C CB  . GLN B 1 18 ? 20.325  -11.804 -2.041  1.00 25.15 ? 118 GLN B CB  1 
ATOM   893  C CG  . GLN B 1 18 ? 21.823  -11.874 -1.835  1.00 28.47 ? 118 GLN B CG  1 
ATOM   894  C CD  . GLN B 1 18 ? 22.225  -13.039 -0.945  1.00 30.33 ? 118 GLN B CD  1 
ATOM   895  O OE1 . GLN B 1 18 ? 21.989  -13.020 0.265   1.00 32.53 ? 118 GLN B OE1 1 
ATOM   896  N NE2 . GLN B 1 18 ? 22.823  -14.066 -1.544  1.00 31.24 ? 118 GLN B NE2 1 
ATOM   897  N N   . LEU B 1 19 ? 17.788  -13.770 -1.812  1.00 20.27 ? 119 LEU B N   1 
ATOM   898  C CA  . LEU B 1 19 ? 16.361  -13.881 -1.543  1.00 19.25 ? 119 LEU B CA  1 
ATOM   899  C C   . LEU B 1 19 ? 16.004  -12.917 -0.422  1.00 18.69 ? 119 LEU B C   1 
ATOM   900  O O   . LEU B 1 19 ? 16.725  -12.818 0.571   1.00 18.50 ? 119 LEU B O   1 
ATOM   901  C CB  . LEU B 1 19 ? 15.992  -15.300 -1.111  1.00 19.28 ? 119 LEU B CB  1 
ATOM   902  C CG  . LEU B 1 19 ? 16.123  -16.424 -2.138  1.00 19.64 ? 119 LEU B CG  1 
ATOM   903  C CD1 . LEU B 1 19 ? 15.685  -17.734 -1.505  1.00 19.83 ? 119 LEU B CD1 1 
ATOM   904  C CD2 . LEU B 1 19 ? 15.272  -16.113 -3.357  1.00 19.74 ? 119 LEU B CD2 1 
ATOM   905  N N   . LYS B 1 20 ? 14.896  -12.208 -0.588  1.00 18.01 ? 120 LYS B N   1 
ATOM   906  C CA  . LYS B 1 20 ? 14.424  -11.261 0.414   1.00 17.74 ? 120 LYS B CA  1 
ATOM   907  C C   . LYS B 1 20 ? 12.905  -11.353 0.433   1.00 17.45 ? 120 LYS B C   1 
ATOM   908  O O   . LYS B 1 20 ? 12.309  -11.881 -0.499  1.00 17.27 ? 120 LYS B O   1 
ATOM   909  C CB  . LYS B 1 20 ? 14.846  -9.837  0.042   1.00 18.42 ? 120 LYS B CB  1 
ATOM   910  C CG  . LYS B 1 20 ? 16.350  -9.639  -0.094  1.00 20.11 ? 120 LYS B CG  1 
ATOM   911  C CD  . LYS B 1 20 ? 16.669  -8.204  -0.484  1.00 21.67 ? 120 LYS B CD  1 
ATOM   912  C CE  . LYS B 1 20 ? 18.170  -7.962  -0.582  1.00 22.79 ? 120 LYS B CE  1 
ATOM   913  N NZ  . LYS B 1 20 ? 18.856  -8.172  0.725   1.00 24.42 ? 120 LYS B NZ  1 
ATOM   914  N N   . GLU B 1 21 ? 12.285  -10.865 1.501   1.00 17.04 ? 121 GLU B N   1 
ATOM   915  C CA  . GLU B 1 21 ? 10.829  -10.870 1.598   1.00 16.70 ? 121 GLU B CA  1 
ATOM   916  C C   . GLU B 1 21 ? 10.362  -9.455  1.286   1.00 15.57 ? 121 GLU B C   1 
ATOM   917  O O   . GLU B 1 21 ? 10.980  -8.493  1.737   1.00 15.00 ? 121 GLU B O   1 
ATOM   918  C CB  . GLU B 1 21 ? 10.363  -11.238 3.010   1.00 18.82 ? 121 GLU B CB  1 
ATOM   919  C CG  . GLU B 1 21 ? 10.486  -12.701 3.378   1.00 22.84 ? 121 GLU B CG  1 
ATOM   920  C CD  . GLU B 1 21 ? 9.299   -13.170 4.208   1.00 25.22 ? 121 GLU B CD  1 
ATOM   921  O OE1 . GLU B 1 21 ? 9.009   -12.536 5.247   1.00 26.41 ? 121 GLU B OE1 1 
ATOM   922  O OE2 . GLU B 1 21 ? 8.652   -14.167 3.815   1.00 27.18 ? 121 GLU B OE2 1 
ATOM   923  N N   . ALA B 1 22 ? 9.281   -9.326  0.522   1.00 13.80 ? 122 ALA B N   1 
ATOM   924  C CA  . ALA B 1 22 ? 8.761   -8.005  0.177   1.00 13.11 ? 122 ALA B CA  1 
ATOM   925  C C   . ALA B 1 22 ? 7.237   -7.996  0.176   1.00 12.47 ? 122 ALA B C   1 
ATOM   926  O O   . ALA B 1 22 ? 6.594   -9.039  0.047   1.00 12.57 ? 122 ALA B O   1 
ATOM   927  C CB  . ALA B 1 22 ? 9.300   -7.559  -1.191  1.00 12.85 ? 122 ALA B CB  1 
ATOM   928  N N   . LEU B 1 23 ? 6.668   -6.807  0.318   1.00 12.03 ? 123 LEU B N   1 
ATOM   929  C CA  . LEU B 1 23 ? 5.224   -6.628  0.381   1.00 12.17 ? 123 LEU B CA  1 
ATOM   930  C C   . LEU B 1 23 ? 4.638   -6.176  -0.959  1.00 12.15 ? 123 LEU B C   1 
ATOM   931  O O   . LEU B 1 23 ? 5.120   -5.221  -1.545  1.00 12.53 ? 123 LEU B O   1 
ATOM   932  C CB  . LEU B 1 23 ? 4.929   -5.585  1.466   1.00 13.40 ? 123 LEU B CB  1 
ATOM   933  C CG  . LEU B 1 23 ? 3.514   -5.187  1.885   1.00 14.45 ? 123 LEU B CG  1 
ATOM   934  C CD1 . LEU B 1 23 ? 2.813   -6.353  2.544   1.00 15.63 ? 123 LEU B CD1 1 
ATOM   935  C CD2 . LEU B 1 23 ? 3.608   -4.012  2.865   1.00 15.00 ? 123 LEU B CD2 1 
ATOM   936  N N   . LEU B 1 24 ? 3.608   -6.868  -1.448  1.00 12.02 ? 124 LEU B N   1 
ATOM   937  C CA  . LEU B 1 24 ? 2.961   -6.471  -2.703  1.00 12.17 ? 124 LEU B CA  1 
ATOM   938  C C   . LEU B 1 24 ? 2.066   -5.312  -2.269  1.00 12.39 ? 124 LEU B C   1 
ATOM   939  O O   . LEU B 1 24 ? 1.063   -5.512  -1.587  1.00 12.21 ? 124 LEU B O   1 
ATOM   940  C CB  . LEU B 1 24 ? 2.131   -7.621  -3.274  1.00 11.90 ? 124 LEU B CB  1 
ATOM   941  C CG  . LEU B 1 24 ? 2.896   -8.905  -3.617  1.00 12.52 ? 124 LEU B CG  1 
ATOM   942  C CD1 . LEU B 1 24 ? 1.927   -9.901  -4.223  1.00 13.24 ? 124 LEU B CD1 1 
ATOM   943  C CD2 . LEU B 1 24 ? 4.046   -8.615  -4.585  1.00 13.63 ? 124 LEU B CD2 1 
ATOM   944  N N   . ASP B 1 25 ? 2.431   -4.104  -2.683  1.00 11.96 ? 125 ASP B N   1 
ATOM   945  C CA  . ASP B 1 25 ? 1.740   -2.894  -2.249  1.00 11.82 ? 125 ASP B CA  1 
ATOM   946  C C   . ASP B 1 25 ? 1.053   -2.072  -3.340  1.00 11.62 ? 125 ASP B C   1 
ATOM   947  O O   . ASP B 1 25 ? 1.707   -1.290  -4.021  1.00 11.08 ? 125 ASP B O   1 
ATOM   948  C CB  . ASP B 1 25 ? 2.776   -2.019  -1.540  1.00 12.82 ? 125 ASP B CB  1 
ATOM   949  C CG  . ASP B 1 25 ? 2.154   -0.925  -0.710  1.00 13.40 ? 125 ASP B CG  1 
ATOM   950  O OD1 . ASP B 1 25 ? 0.971   -0.599  -0.933  1.00 14.32 ? 125 ASP B OD1 1 
ATOM   951  O OD2 . ASP B 1 25 ? 2.865   -0.397  0.161   1.00 14.47 ? 125 ASP B OD2 1 
ATOM   952  N N   . THR B 1 26 ? -0.262  -2.220  -3.486  1.00 11.33 ? 126 THR B N   1 
ATOM   953  C CA  . THR B 1 26 ? -0.990  -1.467  -4.500  1.00 11.04 ? 126 THR B CA  1 
ATOM   954  C C   . THR B 1 26 ? -1.060  0.028   -4.173  1.00 11.55 ? 126 THR B C   1 
ATOM   955  O O   . THR B 1 26 ? -1.368  0.845   -5.044  1.00 11.43 ? 126 THR B O   1 
ATOM   956  C CB  . THR B 1 26 ? -2.423  -1.992  -4.677  1.00 10.84 ? 126 THR B CB  1 
ATOM   957  O OG1 . THR B 1 26 ? -3.124  -1.922  -3.431  1.00 11.07 ? 126 THR B OG1 1 
ATOM   958  C CG2 . THR B 1 26 ? -2.400  -3.424  -5.159  1.00 11.38 ? 126 THR B CG2 1 
ATOM   959  N N   . GLY B 1 27 ? -0.773  0.378   -2.924  1.00 11.35 ? 127 GLY B N   1 
ATOM   960  C CA  . GLY B 1 27 ? -0.808  1.774   -2.525  1.00 11.94 ? 127 GLY B CA  1 
ATOM   961  C C   . GLY B 1 27 ? 0.505   2.511   -2.738  1.00 11.98 ? 127 GLY B C   1 
ATOM   962  O O   . GLY B 1 27 ? 0.635   3.670   -2.344  1.00 12.36 ? 127 GLY B O   1 
ATOM   963  N N   . ALA B 1 28 ? 1.474   1.850   -3.362  1.00 11.91 ? 128 ALA B N   1 
ATOM   964  C CA  . ALA B 1 28 ? 2.783   2.457   -3.616  1.00 12.31 ? 128 ALA B CA  1 
ATOM   965  C C   . ALA B 1 28 ? 3.040   2.661   -5.107  1.00 12.50 ? 128 ALA B C   1 
ATOM   966  O O   . ALA B 1 28 ? 2.950   1.718   -5.889  1.00 12.14 ? 128 ALA B O   1 
ATOM   967  C CB  . ALA B 1 28 ? 3.884   1.583   -3.018  1.00 12.39 ? 128 ALA B CB  1 
ATOM   968  N N   . ASP B 1 29 ? 3.355   3.895   -5.503  1.00 12.41 ? 129 ASP B N   1 
ATOM   969  C CA  . ASP B 1 29 ? 3.639   4.174   -6.910  1.00 12.71 ? 129 ASP B CA  1 
ATOM   970  C C   . ASP B 1 29 ? 4.947   3.502   -7.305  1.00 12.59 ? 129 ASP B C   1 
ATOM   971  O O   . ASP B 1 29 ? 5.100   3.021   -8.425  1.00 12.75 ? 129 ASP B O   1 
ATOM   972  C CB  . ASP B 1 29 ? 3.850   5.669   -7.158  1.00 13.11 ? 129 ASP B CB  1 
ATOM   973  C CG  . ASP B 1 29 ? 2.576   6.476   -7.108  1.00 13.95 ? 129 ASP B CG  1 
ATOM   974  O OD1 . ASP B 1 29 ? 1.476   5.903   -6.988  1.00 13.95 ? 129 ASP B OD1 1 
ATOM   975  O OD2 . ASP B 1 29 ? 2.694   7.715   -7.203  1.00 13.98 ? 129 ASP B OD2 1 
ATOM   976  N N   . ASP B 1 30 ? 5.892   3.502   -6.370  1.00 12.13 ? 130 ASP B N   1 
ATOM   977  C CA  . ASP B 1 30 ? 7.226   2.973   -6.618  1.00 12.35 ? 130 ASP B CA  1 
ATOM   978  C C   . ASP B 1 30 ? 7.611   1.765   -5.785  1.00 11.75 ? 130 ASP B C   1 
ATOM   979  O O   . ASP B 1 30 ? 6.951   1.421   -4.809  1.00 11.24 ? 130 ASP B O   1 
ATOM   980  C CB  . ASP B 1 30 ? 8.261   4.077   -6.372  1.00 13.90 ? 130 ASP B CB  1 
ATOM   981  C CG  . ASP B 1 30 ? 7.942   5.361   -7.124  1.00 15.36 ? 130 ASP B CG  1 
ATOM   982  O OD1 . ASP B 1 30 ? 7.738   5.297   -8.349  1.00 15.87 ? 130 ASP B OD1 1 
ATOM   983  O OD2 . ASP B 1 30 ? 7.898   6.435   -6.488  1.00 17.16 ? 130 ASP B OD2 1 
ATOM   984  N N   . THR B 1 31 ? 8.715   1.144   -6.186  1.00 11.91 ? 131 THR B N   1 
ATOM   985  C CA  . THR B 1 31 ? 9.266   -0.022  -5.513  1.00 11.66 ? 131 THR B CA  1 
ATOM   986  C C   . THR B 1 31 ? 10.478  0.463   -4.726  1.00 12.32 ? 131 THR B C   1 
ATOM   987  O O   . THR B 1 31 ? 11.393  1.059   -5.295  1.00 12.22 ? 131 THR B O   1 
ATOM   988  C CB  . THR B 1 31 ? 9.702   -1.076  -6.546  1.00 12.24 ? 131 THR B CB  1 
ATOM   989  O OG1 . THR B 1 31 ? 8.538   -1.604  -7.199  1.00 11.84 ? 131 THR B OG1 1 
ATOM   990  C CG2 . THR B 1 31 ? 10.479  -2.210  -5.884  1.00 12.42 ? 131 THR B CG2 1 
ATOM   991  N N   . VAL B 1 32 ? 10.478  0.217   -3.419  1.00 12.96 ? 132 VAL B N   1 
ATOM   992  C CA  . VAL B 1 32 ? 11.576  0.649   -2.560  1.00 14.06 ? 132 VAL B CA  1 
ATOM   993  C C   . VAL B 1 32 ? 12.071  -0.495  -1.697  1.00 13.97 ? 132 VAL B C   1 
ATOM   994  O O   . VAL B 1 32 ? 11.280  -1.163  -1.033  1.00 13.40 ? 132 VAL B O   1 
ATOM   995  C CB  . VAL B 1 32 ? 11.138  1.794   -1.624  1.00 14.37 ? 132 VAL B CB  1 
ATOM   996  C CG1 . VAL B 1 32 ? 12.366  2.393   -0.920  1.00 14.28 ? 132 VAL B CG1 1 
ATOM   997  C CG2 . VAL B 1 32 ? 10.411  2.854   -2.419  1.00 16.44 ? 132 VAL B CG2 1 
ATOM   998  N N   . LEU B 1 33 ? 13.380  -0.717  -1.708  1.00 14.12 ? 133 LEU B N   1 
ATOM   999  C CA  . LEU B 1 33 ? 13.979  -1.785  -0.921  1.00 14.72 ? 133 LEU B CA  1 
ATOM   1000 C C   . LEU B 1 33 ? 14.876  -1.215  0.163   1.00 15.03 ? 133 LEU B C   1 
ATOM   1001 O O   . LEU B 1 33 ? 15.380  -0.096  0.047   1.00 14.12 ? 133 LEU B O   1 
ATOM   1002 C CB  . LEU B 1 33 ? 14.811  -2.707  -1.814  1.00 14.85 ? 133 LEU B CB  1 
ATOM   1003 C CG  . LEU B 1 33 ? 14.068  -3.394  -2.961  1.00 15.26 ? 133 LEU B CG  1 
ATOM   1004 C CD1 . LEU B 1 33 ? 15.047  -4.241  -3.751  1.00 15.54 ? 133 LEU B CD1 1 
ATOM   1005 C CD2 . LEU B 1 33 ? 12.940  -4.244  -2.406  1.00 15.33 ? 133 LEU B CD2 1 
ATOM   1006 N N   . GLU B 1 34 ? 15.073  -2.003  1.211   1.00 16.20 ? 134 GLU B N   1 
ATOM   1007 C CA  . GLU B 1 34 ? 15.922  -1.616  2.323   1.00 17.84 ? 134 GLU B CA  1 
ATOM   1008 C C   . GLU B 1 34 ? 17.358  -1.500  1.828   1.00 18.91 ? 134 GLU B C   1 
ATOM   1009 O O   . GLU B 1 34 ? 17.740  -2.120  0.830   1.00 18.12 ? 134 GLU B O   1 
ATOM   1010 C CB  . GLU B 1 34 ? 15.818  -2.667  3.435   1.00 19.02 ? 134 GLU B CB  1 
ATOM   1011 C CG  . GLU B 1 34 ? 14.446  -2.716  4.092   1.00 21.32 ? 134 GLU B CG  1 
ATOM   1012 C CD  . GLU B 1 34 ? 14.219  -3.973  4.918   1.00 22.98 ? 134 GLU B CD  1 
ATOM   1013 O OE1 . GLU B 1 34 ? 15.207  -4.547  5.418   1.00 24.29 ? 134 GLU B OE1 1 
ATOM   1014 O OE2 . GLU B 1 34 ? 13.048  -4.379  5.081   1.00 23.85 ? 134 GLU B OE2 1 
ATOM   1015 N N   . GLU B 1 35 ? 18.149  -0.699  2.531   1.00 20.10 ? 135 GLU B N   1 
ATOM   1016 C CA  . GLU B 1 35 ? 19.545  -0.475  2.173   1.00 21.91 ? 135 GLU B CA  1 
ATOM   1017 C C   . GLU B 1 35 ? 20.279  -1.721  1.684   1.00 22.66 ? 135 GLU B C   1 
ATOM   1018 O O   . GLU B 1 35 ? 20.302  -2.754  2.361   1.00 23.06 ? 135 GLU B O   1 
ATOM   1019 C CB  . GLU B 1 35 ? 20.293  0.117   3.370   1.00 22.76 ? 135 GLU B CB  1 
ATOM   1020 C CG  . GLU B 1 35 ? 21.721  0.496   3.065   1.00 25.24 ? 135 GLU B CG  1 
ATOM   1021 C CD  . GLU B 1 35 ? 21.821  1.418   1.870   1.00 26.07 ? 135 GLU B CD  1 
ATOM   1022 O OE1 . GLU B 1 35 ? 21.160  2.475   1.879   1.00 27.13 ? 135 GLU B OE1 1 
ATOM   1023 O OE2 . GLU B 1 35 ? 22.557  1.081   0.919   1.00 27.79 ? 135 GLU B OE2 1 
ATOM   1024 N N   . MET B 1 36 ? 20.877  -1.617  0.501   1.00 23.14 ? 136 MET B N   1 
ATOM   1025 C CA  . MET B 1 36 ? 21.631  -2.719  -0.086  1.00 24.16 ? 136 MET B CA  1 
ATOM   1026 C C   . MET B 1 36 ? 22.522  -2.188  -1.199  1.00 24.83 ? 136 MET B C   1 
ATOM   1027 O O   . MET B 1 36 ? 22.443  -1.014  -1.560  1.00 24.69 ? 136 MET B O   1 
ATOM   1028 C CB  . MET B 1 36 ? 20.691  -3.790  -0.648  1.00 24.34 ? 136 MET B CB  1 
ATOM   1029 C CG  . MET B 1 36 ? 19.886  -3.345  -1.857  1.00 24.11 ? 136 MET B CG  1 
ATOM   1030 S SD  . MET B 1 36 ? 18.873  -4.675  -2.512  1.00 25.57 ? 136 MET B SD  1 
ATOM   1031 C CE  . MET B 1 36 ? 20.106  -5.696  -3.321  1.00 25.73 ? 136 MET B CE  1 
ATOM   1032 N N   . SER B 1 37 ? 23.362  -3.061  -1.742  1.00 25.83 ? 137 SER B N   1 
ATOM   1033 C CA  . SER B 1 37 ? 24.279  -2.682  -2.809  1.00 26.52 ? 137 SER B CA  1 
ATOM   1034 C C   . SER B 1 37 ? 23.765  -3.077  -4.185  1.00 26.39 ? 137 SER B C   1 
ATOM   1035 O O   . SER B 1 37 ? 23.458  -4.241  -4.433  1.00 26.45 ? 137 SER B O   1 
ATOM   1036 C CB  . SER B 1 37 ? 25.644  -3.338  -2.581  1.00 27.41 ? 137 SER B CB  1 
ATOM   1037 O OG  . SER B 1 37 ? 26.174  -2.984  -1.316  1.00 29.62 ? 137 SER B OG  1 
ATOM   1038 N N   . LEU B 1 38 ? 23.671  -2.097  -5.076  1.00 25.99 ? 138 LEU B N   1 
ATOM   1039 C CA  . LEU B 1 38 ? 23.225  -2.343  -6.439  1.00 26.00 ? 138 LEU B CA  1 
ATOM   1040 C C   . LEU B 1 38 ? 24.260  -1.760  -7.397  1.00 26.13 ? 138 LEU B C   1 
ATOM   1041 O O   . LEU B 1 38 ? 24.974  -0.820  -7.053  1.00 26.19 ? 138 LEU B O   1 
ATOM   1042 C CB  . LEU B 1 38 ? 21.852  -1.711  -6.684  1.00 25.69 ? 138 LEU B CB  1 
ATOM   1043 C CG  . LEU B 1 38 ? 20.655  -2.389  -6.014  1.00 25.55 ? 138 LEU B CG  1 
ATOM   1044 C CD1 . LEU B 1 38 ? 19.387  -1.616  -6.326  1.00 25.20 ? 138 LEU B CD1 1 
ATOM   1045 C CD2 . LEU B 1 38 ? 20.531  -3.824  -6.513  1.00 25.63 ? 138 LEU B CD2 1 
ATOM   1046 N N   . PRO B 1 39 ? 24.361  -2.325  -8.609  1.00 26.38 ? 139 PRO B N   1 
ATOM   1047 C CA  . PRO B 1 39 ? 25.313  -1.873  -9.628  1.00 26.04 ? 139 PRO B CA  1 
ATOM   1048 C C   . PRO B 1 39 ? 24.930  -0.576  -10.334 1.00 25.27 ? 139 PRO B C   1 
ATOM   1049 O O   . PRO B 1 39 ? 23.769  -0.164  -10.329 1.00 25.90 ? 139 PRO B O   1 
ATOM   1050 C CB  . PRO B 1 39 ? 25.352  -3.048  -10.613 1.00 26.21 ? 139 PRO B CB  1 
ATOM   1051 C CG  . PRO B 1 39 ? 24.900  -4.221  -9.792  1.00 27.00 ? 139 PRO B CG  1 
ATOM   1052 C CD  . PRO B 1 39 ? 23.781  -3.622  -8.992  1.00 26.64 ? 139 PRO B CD  1 
ATOM   1053 N N   . GLY B 1 40 ? 25.925  0.058   -10.944 1.00 24.49 ? 140 GLY B N   1 
ATOM   1054 C CA  . GLY B 1 40 ? 25.690  1.279   -11.690 1.00 23.08 ? 140 GLY B CA  1 
ATOM   1055 C C   . GLY B 1 40 ? 25.610  2.569   -10.900 1.00 22.02 ? 140 GLY B C   1 
ATOM   1056 O O   . GLY B 1 40 ? 25.916  2.622   -9.705  1.00 21.91 ? 140 GLY B O   1 
ATOM   1057 N N   . ARG B 1 41 ? 25.209  3.624   -11.601 1.00 20.58 ? 141 ARG B N   1 
ATOM   1058 C CA  . ARG B 1 41 ? 25.061  4.937   -10.998 1.00 19.42 ? 141 ARG B CA  1 
ATOM   1059 C C   . ARG B 1 41 ? 23.622  5.085   -10.543 1.00 18.98 ? 141 ARG B C   1 
ATOM   1060 O O   . ARG B 1 41 ? 22.729  4.411   -11.054 1.00 19.16 ? 141 ARG B O   1 
ATOM   1061 C CB  . ARG B 1 41 ? 25.380  6.031   -12.016 1.00 19.09 ? 141 ARG B CB  1 
ATOM   1062 C CG  . ARG B 1 41 ? 26.853  6.154   -12.366 1.00 18.90 ? 141 ARG B CG  1 
ATOM   1063 C CD  . ARG B 1 41 ? 27.053  7.210   -13.436 1.00 18.39 ? 141 ARG B CD  1 
ATOM   1064 N NE  . ARG B 1 41 ? 26.624  8.538   -13.002 1.00 18.02 ? 141 ARG B NE  1 
ATOM   1065 C CZ  . ARG B 1 41 ? 27.333  9.333   -12.204 1.00 17.42 ? 141 ARG B CZ  1 
ATOM   1066 N NH1 . ARG B 1 41 ? 28.515  8.941   -11.742 1.00 16.15 ? 141 ARG B NH1 1 
ATOM   1067 N NH2 . ARG B 1 41 ? 26.863  10.531  -11.880 1.00 16.98 ? 141 ARG B NH2 1 
ATOM   1068 N N   . TRP B 1 42 ? 23.400  5.962   -9.577  1.00 18.07 ? 142 TRP B N   1 
ATOM   1069 C CA  . TRP B 1 42 ? 22.058  6.197   -9.084  1.00 16.71 ? 142 TRP B CA  1 
ATOM   1070 C C   . TRP B 1 42 ? 21.740  7.677   -9.184  1.00 17.11 ? 142 TRP B C   1 
ATOM   1071 O O   . TRP B 1 42 ? 22.643  8.507   -9.329  1.00 16.08 ? 142 TRP B O   1 
ATOM   1072 C CB  . TRP B 1 42 ? 21.924  5.734   -7.632  1.00 15.53 ? 142 TRP B CB  1 
ATOM   1073 C CG  . TRP B 1 42 ? 22.905  6.348   -6.681  1.00 14.41 ? 142 TRP B CG  1 
ATOM   1074 C CD1 . TRP B 1 42 ? 24.189  5.942   -6.447  1.00 13.82 ? 142 TRP B CD1 1 
ATOM   1075 C CD2 . TRP B 1 42 ? 22.673  7.467   -5.817  1.00 14.19 ? 142 TRP B CD2 1 
ATOM   1076 N NE1 . TRP B 1 42 ? 24.768  6.737   -5.487  1.00 13.73 ? 142 TRP B NE1 1 
ATOM   1077 C CE2 . TRP B 1 42 ? 23.860  7.682   -5.084  1.00 13.87 ? 142 TRP B CE2 1 
ATOM   1078 C CE3 . TRP B 1 42 ? 21.577  8.311   -5.592  1.00 14.07 ? 142 TRP B CE3 1 
ATOM   1079 C CZ2 . TRP B 1 42 ? 23.983  8.705   -4.137  1.00 13.49 ? 142 TRP B CZ2 1 
ATOM   1080 C CZ3 . TRP B 1 42 ? 21.698  9.331   -4.649  1.00 14.09 ? 142 TRP B CZ3 1 
ATOM   1081 C CH2 . TRP B 1 42 ? 22.894  9.516   -3.935  1.00 14.07 ? 142 TRP B CH2 1 
ATOM   1082 N N   . LYS B 1 43 ? 20.451  7.991   -9.126  1.00 17.36 ? 143 LYS B N   1 
ATOM   1083 C CA  . LYS B 1 43 ? 19.982  9.368   -9.183  1.00 18.43 ? 143 LYS B CA  1 
ATOM   1084 C C   . LYS B 1 43 ? 19.164  9.599   -7.929  1.00 18.01 ? 143 LYS B C   1 
ATOM   1085 O O   . LYS B 1 43 ? 18.630  8.653   -7.352  1.00 17.94 ? 143 LYS B O   1 
ATOM   1086 C CB  . LYS B 1 43 ? 19.135  9.599   -10.440 1.00 20.32 ? 143 LYS B CB  1 
ATOM   1087 C CG  . LYS B 1 43 ? 19.922  9.385   -11.729 1.00 23.32 ? 143 LYS B CG  1 
ATOM   1088 C CD  . LYS B 1 43 ? 21.289  10.066  -11.634 1.00 25.25 ? 143 LYS B CD  1 
ATOM   1089 C CE  . LYS B 1 43 ? 22.325  9.390   -12.535 1.00 26.20 ? 143 LYS B CE  1 
ATOM   1090 N NZ  . LYS B 1 43 ? 23.697  9.553   -11.990 1.00 25.23 ? 143 LYS B NZ  1 
ATOM   1091 N N   . PRO B 1 44 ? 19.050  10.858  -7.488  1.00 17.72 ? 144 PRO B N   1 
ATOM   1092 C CA  . PRO B 1 44 ? 18.288  11.152  -6.279  1.00 17.62 ? 144 PRO B CA  1 
ATOM   1093 C C   . PRO B 1 44 ? 16.788  11.240  -6.495  1.00 18.13 ? 144 PRO B C   1 
ATOM   1094 O O   . PRO B 1 44 ? 16.315  11.612  -7.569  1.00 17.47 ? 144 PRO B O   1 
ATOM   1095 C CB  . PRO B 1 44 ? 18.865  12.487  -5.844  1.00 17.75 ? 144 PRO B CB  1 
ATOM   1096 C CG  . PRO B 1 44 ? 19.025  13.182  -7.164  1.00 17.69 ? 144 PRO B CG  1 
ATOM   1097 C CD  . PRO B 1 44 ? 19.622  12.093  -8.056  1.00 17.56 ? 144 PRO B CD  1 
ATOM   1098 N N   . LYS B 1 45 ? 16.048  10.888  -5.454  1.00 18.29 ? 145 LYS B N   1 
ATOM   1099 C CA  . LYS B 1 45 ? 14.605  10.976  -5.488  1.00 18.79 ? 145 LYS B CA  1 
ATOM   1100 C C   . LYS B 1 45 ? 14.077  11.116  -4.076  1.00 19.02 ? 145 LYS B C   1 
ATOM   1101 O O   . LYS B 1 45 ? 14.638  10.572  -3.121  1.00 18.48 ? 145 LYS B O   1 
ATOM   1102 C CB  . LYS B 1 45 ? 13.970  9.752   -6.154  1.00 18.72 ? 145 LYS B CB  1 
ATOM   1103 C CG  . LYS B 1 45 ? 12.476  9.950   -6.373  1.00 19.15 ? 145 LYS B CG  1 
ATOM   1104 C CD  . LYS B 1 45 ? 11.817  8.842   -7.160  1.00 19.38 ? 145 LYS B CD  1 
ATOM   1105 C CE  . LYS B 1 45 ? 10.378  9.227   -7.494  1.00 19.32 ? 145 LYS B CE  1 
ATOM   1106 N NZ  . LYS B 1 45 ? 9.675   8.177   -8.277  1.00 20.80 ? 145 LYS B NZ  1 
ATOM   1107 N N   . MET B 1 46 ? 13.003  11.881  -3.951  1.00 19.33 ? 146 MET B N   1 
ATOM   1108 C CA  . MET B 1 46 ? 12.357  12.094  -2.672  1.00 20.37 ? 146 MET B CA  1 
ATOM   1109 C C   . MET B 1 46 ? 10.976  11.482  -2.823  1.00 19.36 ? 146 MET B C   1 
ATOM   1110 O O   . MET B 1 46 ? 10.267  11.783  -3.783  1.00 19.34 ? 146 MET B O   1 
ATOM   1111 C CB  . MET B 1 46 ? 12.235  13.591  -2.384  1.00 23.72 ? 146 MET B CB  1 
ATOM   1112 C CG  . MET B 1 46 ? 13.495  14.233  -1.842  1.00 27.29 ? 146 MET B CG  1 
ATOM   1113 S SD  . MET B 1 46 ? 13.417  14.372  -0.049  1.00 33.06 ? 146 MET B SD  1 
ATOM   1114 C CE  . MET B 1 46 ? 12.400  15.839  0.106   1.00 31.16 ? 146 MET B CE  1 
ATOM   1115 N N   . ILE B 1 47 ? 10.606  10.598  -1.903  1.00 18.23 ? 147 ILE B N   1 
ATOM   1116 C CA  . ILE B 1 47 ? 9.292   9.976   -1.969  1.00 17.33 ? 147 ILE B CA  1 
ATOM   1117 C C   . ILE B 1 47 ? 8.543   10.215  -0.673  1.00 17.07 ? 147 ILE B C   1 
ATOM   1118 O O   . ILE B 1 47 ? 9.130   10.189  0.410   1.00 16.58 ? 147 ILE B O   1 
ATOM   1119 C CB  . ILE B 1 47 ? 9.391   8.463   -2.243  1.00 17.00 ? 147 ILE B CB  1 
ATOM   1120 C CG1 . ILE B 1 47 ? 10.241  7.786   -1.172  1.00 17.00 ? 147 ILE B CG1 1 
ATOM   1121 C CG2 . ILE B 1 47 ? 9.965   8.236   -3.637  1.00 17.11 ? 147 ILE B CG2 1 
ATOM   1122 C CD1 . ILE B 1 47 ? 10.341  6.275   -1.333  1.00 17.59 ? 147 ILE B CD1 1 
ATOM   1123 N N   . GLY B 1 48 ? 7.240   10.447  -0.788  1.00 17.08 ? 148 GLY B N   1 
ATOM   1124 C CA  . GLY B 1 48 ? 6.443   10.712  0.394   1.00 16.91 ? 148 GLY B CA  1 
ATOM   1125 C C   . GLY B 1 48 ? 5.451   9.620   0.727   1.00 17.17 ? 148 GLY B C   1 
ATOM   1126 O O   . GLY B 1 48 ? 4.858   9.004   -0.157  1.00 16.95 ? 148 GLY B O   1 
ATOM   1127 N N   . GLY B 1 49 ? 5.287   9.377   2.020   1.00 17.33 ? 149 GLY B N   1 
ATOM   1128 C CA  . GLY B 1 49 ? 4.353   8.375   2.481   1.00 17.89 ? 149 GLY B CA  1 
ATOM   1129 C C   . GLY B 1 49 ? 3.514   8.955   3.595   1.00 18.77 ? 149 GLY B C   1 
ATOM   1130 O O   . GLY B 1 49 ? 3.314   10.170  3.670   1.00 18.86 ? 149 GLY B O   1 
ATOM   1131 N N   . ILE B 1 50 ? 3.049   8.085   4.481   1.00 19.53 ? 150 ILE B N   1 
ATOM   1132 C CA  . ILE B 1 50 ? 2.215   8.484   5.602   1.00 20.95 ? 150 ILE B CA  1 
ATOM   1133 C C   . ILE B 1 50 ? 2.833   9.473   6.584   1.00 21.22 ? 150 ILE B C   1 
ATOM   1134 O O   . ILE B 1 50 ? 2.189   10.458  6.949   1.00 22.36 ? 150 ILE B O   1 
ATOM   1135 C CB  . ILE B 1 50 ? 1.718   7.229   6.367   1.00 21.23 ? 150 ILE B CB  1 
ATOM   1136 C CG1 . ILE B 1 50 ? 0.497   6.664   5.643   1.00 22.24 ? 150 ILE B CG1 1 
ATOM   1137 C CG2 . ILE B 1 50 ? 1.410   7.552   7.820   1.00 22.00 ? 150 ILE B CG2 1 
ATOM   1138 C CD1 . ILE B 1 50 ? -0.548  7.715   5.307   1.00 22.78 ? 150 ILE B CD1 1 
ATOM   1139 N N   . GLY B 1 51 ? 4.068   9.223   7.005   1.00 20.85 ? 151 GLY B N   1 
ATOM   1140 C CA  . GLY B 1 51 ? 4.704   10.112  7.962   1.00 20.82 ? 151 GLY B CA  1 
ATOM   1141 C C   . GLY B 1 51 ? 5.639   11.170  7.407   1.00 20.92 ? 151 GLY B C   1 
ATOM   1142 O O   . GLY B 1 51 ? 6.374   11.804  8.166   1.00 21.33 ? 151 GLY B O   1 
ATOM   1143 N N   . GLY B 1 52 ? 5.620   11.382  6.097   1.00 20.80 ? 152 GLY B N   1 
ATOM   1144 C CA  . GLY B 1 52 ? 6.500   12.384  5.521   1.00 20.67 ? 152 GLY B CA  1 
ATOM   1145 C C   . GLY B 1 52 ? 7.326   11.864  4.361   1.00 20.60 ? 152 GLY B C   1 
ATOM   1146 O O   . GLY B 1 52 ? 6.964   10.879  3.735   1.00 20.26 ? 152 GLY B O   1 
ATOM   1147 N N   . PHE B 1 53 ? 8.450   12.523  4.089   1.00 20.70 ? 153 PHE B N   1 
ATOM   1148 C CA  . PHE B 1 53 ? 9.325   12.139  2.985   1.00 20.37 ? 153 PHE B CA  1 
ATOM   1149 C C   . PHE B 1 53 ? 10.662  11.561  3.423   1.00 19.87 ? 153 PHE B C   1 
ATOM   1150 O O   . PHE B 1 53 ? 11.153  11.844  4.516   1.00 19.83 ? 153 PHE B O   1 
ATOM   1151 C CB  . PHE B 1 53 ? 9.611   13.350  2.089   1.00 21.38 ? 153 PHE B CB  1 
ATOM   1152 C CG  . PHE B 1 53 ? 8.415   13.852  1.343   1.00 22.75 ? 153 PHE B CG  1 
ATOM   1153 C CD1 . PHE B 1 53 ? 7.390   14.514  2.006   1.00 23.51 ? 153 PHE B CD1 1 
ATOM   1154 C CD2 . PHE B 1 53 ? 8.301   13.649  -0.029  1.00 23.73 ? 153 PHE B CD2 1 
ATOM   1155 C CE1 . PHE B 1 53 ? 6.269   14.963  1.317   1.00 24.19 ? 153 PHE B CE1 1 
ATOM   1156 C CE2 . PHE B 1 53 ? 7.180   14.097  -0.727  1.00 24.18 ? 153 PHE B CE2 1 
ATOM   1157 C CZ  . PHE B 1 53 ? 6.165   14.754  -0.050  1.00 23.95 ? 153 PHE B CZ  1 
ATOM   1158 N N   . ILE B 1 54 ? 11.246  10.742  2.557   1.00 18.95 ? 154 ILE B N   1 
ATOM   1159 C CA  . ILE B 1 54 ? 12.555  10.161  2.814   1.00 19.00 ? 154 ILE B CA  1 
ATOM   1160 C C   . ILE B 1 54 ? 13.352  10.276  1.520   1.00 18.87 ? 154 ILE B C   1 
ATOM   1161 O O   . ILE B 1 54 ? 12.780  10.362  0.430   1.00 18.71 ? 154 ILE B O   1 
ATOM   1162 C CB  . ILE B 1 54 ? 12.488  8.672   3.242   1.00 18.68 ? 154 ILE B CB  1 
ATOM   1163 C CG1 . ILE B 1 54 ? 11.838  7.825   2.150   1.00 18.75 ? 154 ILE B CG1 1 
ATOM   1164 C CG2 . ILE B 1 54 ? 11.722  8.542   4.550   1.00 19.07 ? 154 ILE B CG2 1 
ATOM   1165 C CD1 . ILE B 1 54 ? 11.864  6.333   2.448   1.00 18.34 ? 154 ILE B CD1 1 
ATOM   1166 N N   . LYS B 1 55 ? 14.669  10.307  1.647   1.00 19.04 ? 155 LYS B N   1 
ATOM   1167 C CA  . LYS B 1 55 ? 15.548  10.411  0.495   1.00 19.03 ? 155 LYS B CA  1 
ATOM   1168 C C   . LYS B 1 55 ? 15.968  8.995   0.111   1.00 17.98 ? 155 LYS B C   1 
ATOM   1169 O O   . LYS B 1 55 ? 16.330  8.197   0.975   1.00 17.93 ? 155 LYS B O   1 
ATOM   1170 C CB  . LYS B 1 55 ? 16.769  11.266  0.866   1.00 20.49 ? 155 LYS B CB  1 
ATOM   1171 C CG  . LYS B 1 55 ? 17.686  11.619  -0.292  1.00 23.79 ? 155 LYS B CG  1 
ATOM   1172 C CD  . LYS B 1 55 ? 18.501  10.426  -0.774  1.00 25.16 ? 155 LYS B CD  1 
ATOM   1173 C CE  . LYS B 1 55 ? 19.211  10.756  -2.077  1.00 25.82 ? 155 LYS B CE  1 
ATOM   1174 N NZ  . LYS B 1 55 ? 18.217  11.185  -3.100  1.00 25.07 ? 155 LYS B NZ  1 
ATOM   1175 N N   . VAL B 1 56 ? 15.908  8.675   -1.178  1.00 16.56 ? 156 VAL B N   1 
ATOM   1176 C CA  . VAL B 1 56 ? 16.296  7.346   -1.639  1.00 15.95 ? 156 VAL B CA  1 
ATOM   1177 C C   . VAL B 1 56 ? 17.187  7.426   -2.874  1.00 15.70 ? 156 VAL B C   1 
ATOM   1178 O O   . VAL B 1 56 ? 17.277  8.473   -3.515  1.00 15.24 ? 156 VAL B O   1 
ATOM   1179 C CB  . VAL B 1 56 ? 15.057  6.481   -1.987  1.00 15.89 ? 156 VAL B CB  1 
ATOM   1180 C CG1 . VAL B 1 56 ? 14.152  6.365   -0.776  1.00 15.16 ? 156 VAL B CG1 1 
ATOM   1181 C CG2 . VAL B 1 56 ? 14.304  7.091   -3.164  1.00 15.73 ? 156 VAL B CG2 1 
ATOM   1182 N N   . ARG B 1 57 ? 17.848  6.318   -3.192  1.00 15.09 ? 157 ARG B N   1 
ATOM   1183 C CA  . ARG B 1 57 ? 18.717  6.252   -4.359  1.00 15.30 ? 157 ARG B CA  1 
ATOM   1184 C C   . ARG B 1 57 ? 17.952  5.513   -5.449  1.00 15.36 ? 157 ARG B C   1 
ATOM   1185 O O   . ARG B 1 57 ? 17.377  4.455   -5.197  1.00 14.69 ? 157 ARG B O   1 
ATOM   1186 C CB  . ARG B 1 57 ? 20.013  5.502   -4.026  1.00 15.87 ? 157 ARG B CB  1 
ATOM   1187 C CG  . ARG B 1 57 ? 20.757  6.059   -2.815  1.00 17.15 ? 157 ARG B CG  1 
ATOM   1188 C CD  . ARG B 1 57 ? 22.214  5.612   -2.784  1.00 17.84 ? 157 ARG B CD  1 
ATOM   1189 N NE  . ARG B 1 57 ? 22.367  4.163   -2.871  1.00 19.34 ? 157 ARG B NE  1 
ATOM   1190 C CZ  . ARG B 1 57 ? 22.123  3.319   -1.874  1.00 19.97 ? 157 ARG B CZ  1 
ATOM   1191 N NH1 . ARG B 1 57 ? 21.713  3.773   -0.698  1.00 20.71 ? 157 ARG B NH1 1 
ATOM   1192 N NH2 . ARG B 1 57 ? 22.285  2.016   -2.055  1.00 20.91 ? 157 ARG B NH2 1 
ATOM   1193 N N   . GLN B 1 58 ? 17.934  6.069   -6.655  1.00 15.07 ? 158 GLN B N   1 
ATOM   1194 C CA  . GLN B 1 58 ? 17.213  5.438   -7.758  1.00 15.73 ? 158 GLN B CA  1 
ATOM   1195 C C   . GLN B 1 58 ? 18.118  4.705   -8.740  1.00 15.73 ? 158 GLN B C   1 
ATOM   1196 O O   . GLN B 1 58 ? 19.037  5.298   -9.310  1.00 15.60 ? 158 GLN B O   1 
ATOM   1197 C CB  . GLN B 1 58 ? 16.398  6.482   -8.529  1.00 16.05 ? 158 GLN B CB  1 
ATOM   1198 C CG  . GLN B 1 58 ? 15.532  5.879   -9.634  1.00 18.05 ? 158 GLN B CG  1 
ATOM   1199 C CD  . GLN B 1 58 ? 14.738  6.925   -10.393 1.00 18.84 ? 158 GLN B CD  1 
ATOM   1200 O OE1 . GLN B 1 58 ? 14.099  7.787   -9.795  1.00 20.44 ? 158 GLN B OE1 1 
ATOM   1201 N NE2 . GLN B 1 58 ? 14.764  6.845   -11.716 1.00 19.66 ? 158 GLN B NE2 1 
ATOM   1202 N N   . TYR B 1 59 ? 17.846  3.418   -8.939  1.00 15.58 ? 159 TYR B N   1 
ATOM   1203 C CA  . TYR B 1 59 ? 18.603  2.598   -9.883  1.00 15.63 ? 159 TYR B CA  1 
ATOM   1204 C C   . TYR B 1 59 ? 17.640  2.166   -10.980 1.00 16.03 ? 159 TYR B C   1 
ATOM   1205 O O   . TYR B 1 59 ? 16.505  1.775   -10.698 1.00 15.59 ? 159 TYR B O   1 
ATOM   1206 C CB  . TYR B 1 59 ? 19.178  1.355   -9.194  1.00 15.29 ? 159 TYR B CB  1 
ATOM   1207 C CG  . TYR B 1 59 ? 20.201  1.660   -8.123  1.00 15.48 ? 159 TYR B CG  1 
ATOM   1208 C CD1 . TYR B 1 59 ? 19.809  2.024   -6.832  1.00 15.42 ? 159 TYR B CD1 1 
ATOM   1209 C CD2 . TYR B 1 59 ? 21.567  1.598   -8.404  1.00 15.07 ? 159 TYR B CD2 1 
ATOM   1210 C CE1 . TYR B 1 59 ? 20.754  2.315   -5.845  1.00 15.65 ? 159 TYR B CE1 1 
ATOM   1211 C CE2 . TYR B 1 59 ? 22.514  1.887   -7.432  1.00 15.14 ? 159 TYR B CE2 1 
ATOM   1212 C CZ  . TYR B 1 59 ? 22.104  2.246   -6.157  1.00 15.84 ? 159 TYR B CZ  1 
ATOM   1213 O OH  . TYR B 1 59 ? 23.051  2.547   -5.206  1.00 16.49 ? 159 TYR B OH  1 
ATOM   1214 N N   . ASP B 1 60 ? 18.078  2.232   -12.230 1.00 16.71 ? 160 ASP B N   1 
ATOM   1215 C CA  . ASP B 1 60 ? 17.200  1.841   -13.326 1.00 17.52 ? 160 ASP B CA  1 
ATOM   1216 C C   . ASP B 1 60 ? 17.574  0.511   -13.973 1.00 17.75 ? 160 ASP B C   1 
ATOM   1217 O O   . ASP B 1 60 ? 18.720  0.063   -13.898 1.00 17.28 ? 160 ASP B O   1 
ATOM   1218 C CB  . ASP B 1 60 ? 17.169  2.932   -14.398 1.00 18.95 ? 160 ASP B CB  1 
ATOM   1219 C CG  . ASP B 1 60 ? 16.586  4.239   -13.889 1.00 20.05 ? 160 ASP B CG  1 
ATOM   1220 O OD1 . ASP B 1 60 ? 15.533  4.209   -13.216 1.00 21.28 ? 160 ASP B OD1 1 
ATOM   1221 O OD2 . ASP B 1 60 ? 17.174  5.298   -14.178 1.00 21.57 ? 160 ASP B OD2 1 
ATOM   1222 N N   . GLN B 1 61 ? 16.582  -0.114  -14.603 1.00 17.61 ? 161 GLN B N   1 
ATOM   1223 C CA  . GLN B 1 61 ? 16.755  -1.383  -15.301 1.00 18.29 ? 161 GLN B CA  1 
ATOM   1224 C C   . GLN B 1 61 ? 17.394  -2.459  -14.434 1.00 17.91 ? 161 GLN B C   1 
ATOM   1225 O O   . GLN B 1 61 ? 18.367  -3.104  -14.839 1.00 17.24 ? 161 GLN B O   1 
ATOM   1226 C CB  . GLN B 1 61 ? 17.595  -1.170  -16.562 1.00 20.14 ? 161 GLN B CB  1 
ATOM   1227 C CG  . GLN B 1 61 ? 16.954  -1.703  -17.831 1.00 23.29 ? 161 GLN B CG  1 
ATOM   1228 C CD  . GLN B 1 61 ? 17.723  -1.298  -19.072 1.00 25.02 ? 161 GLN B CD  1 
ATOM   1229 O OE1 . GLN B 1 61 ? 18.014  -0.116  -19.275 1.00 26.80 ? 161 GLN B OE1 1 
ATOM   1230 N NE2 . GLN B 1 61 ? 18.052  -2.271  -19.914 1.00 25.53 ? 161 GLN B NE2 1 
ATOM   1231 N N   . ILE B 1 62 ? 16.840  -2.645  -13.239 1.00 16.87 ? 162 ILE B N   1 
ATOM   1232 C CA  . ILE B 1 62 ? 17.327  -3.650  -12.302 1.00 16.49 ? 162 ILE B CA  1 
ATOM   1233 C C   . ILE B 1 62 ? 16.495  -4.916  -12.473 1.00 17.04 ? 162 ILE B C   1 
ATOM   1234 O O   . ILE B 1 62 ? 15.269  -4.849  -12.551 1.00 16.81 ? 162 ILE B O   1 
ATOM   1235 C CB  . ILE B 1 62 ? 17.176  -3.176  -10.834 1.00 15.80 ? 162 ILE B CB  1 
ATOM   1236 C CG1 . ILE B 1 62 ? 18.018  -1.919  -10.589 1.00 15.38 ? 162 ILE B CG1 1 
ATOM   1237 C CG2 . ILE B 1 62 ? 17.559  -4.297  -9.878  1.00 16.09 ? 162 ILE B CG2 1 
ATOM   1238 C CD1 . ILE B 1 62 ? 19.490  -2.088  -10.887 1.00 14.77 ? 162 ILE B CD1 1 
ATOM   1239 N N   . LEU B 1 63 ? 17.160  -6.065  -12.536 1.00 17.49 ? 163 LEU B N   1 
ATOM   1240 C CA  . LEU B 1 63 ? 16.456  -7.335  -12.667 1.00 18.87 ? 163 LEU B CA  1 
ATOM   1241 C C   . LEU B 1 63 ? 16.006  -7.800  -11.286 1.00 19.32 ? 163 LEU B C   1 
ATOM   1242 O O   . LEU B 1 63 ? 16.798  -7.870  -10.346 1.00 19.05 ? 163 LEU B O   1 
ATOM   1243 C CB  . LEU B 1 63 ? 17.366  -8.396  -13.304 1.00 19.36 ? 163 LEU B CB  1 
ATOM   1244 C CG  . LEU B 1 63 ? 16.852  -9.838  -13.402 1.00 20.41 ? 163 LEU B CG  1 
ATOM   1245 C CD1 . LEU B 1 63 ? 15.544  -9.898  -14.181 1.00 21.02 ? 163 LEU B CD1 1 
ATOM   1246 C CD2 . LEU B 1 63 ? 17.911  -10.694 -14.081 1.00 21.52 ? 163 LEU B CD2 1 
ATOM   1247 N N   . ILE B 1 64 ? 14.720  -8.101  -11.166 1.00 20.04 ? 164 ILE B N   1 
ATOM   1248 C CA  . ILE B 1 64 ? 14.163  -8.570  -9.910  1.00 21.04 ? 164 ILE B CA  1 
ATOM   1249 C C   . ILE B 1 64 ? 13.141  -9.657  -10.210 1.00 21.63 ? 164 ILE B C   1 
ATOM   1250 O O   . ILE B 1 64 ? 12.309  -9.518  -11.108 1.00 21.31 ? 164 ILE B O   1 
ATOM   1251 C CB  . ILE B 1 64 ? 13.487  -7.415  -9.134  1.00 21.62 ? 164 ILE B CB  1 
ATOM   1252 C CG1 . ILE B 1 64 ? 12.828  -7.952  -7.857  1.00 21.99 ? 164 ILE B CG1 1 
ATOM   1253 C CG2 . ILE B 1 64 ? 12.469  -6.722  -10.022 1.00 22.14 ? 164 ILE B CG2 1 
ATOM   1254 C CD1 . ILE B 1 64 ? 12.280  -6.860  -6.952  1.00 22.72 ? 164 ILE B CD1 1 
ATOM   1255 N N   . GLU B 1 65 ? 13.223  -10.750 -9.465  1.00 22.14 ? 165 GLU B N   1 
ATOM   1256 C CA  . GLU B 1 65 ? 12.306  -11.856 -9.651  1.00 23.55 ? 165 GLU B CA  1 
ATOM   1257 C C   . GLU B 1 65 ? 11.286  -11.792 -8.525  1.00 23.61 ? 165 GLU B C   1 
ATOM   1258 O O   . GLU B 1 65 ? 11.649  -11.776 -7.351  1.00 23.17 ? 165 GLU B O   1 
ATOM   1259 C CB  . GLU B 1 65 ? 13.072  -13.171 -9.599  1.00 24.71 ? 165 GLU B CB  1 
ATOM   1260 C CG  . GLU B 1 65 ? 12.379  -14.324 -10.285 1.00 27.17 ? 165 GLU B CG  1 
ATOM   1261 C CD  . GLU B 1 65 ? 13.184  -15.597 -10.182 1.00 28.84 ? 165 GLU B CD  1 
ATOM   1262 O OE1 . GLU B 1 65 ? 13.053  -16.301 -9.156  1.00 29.58 ? 165 GLU B OE1 1 
ATOM   1263 O OE2 . GLU B 1 65 ? 13.964  -15.878 -11.118 1.00 29.89 ? 165 GLU B OE2 1 
ATOM   1264 N N   . ILE B 1 66 ? 10.012  -11.748 -8.892  1.00 24.04 ? 166 ILE B N   1 
ATOM   1265 C CA  . ILE B 1 66 ? 8.928   -11.666 -7.920  1.00 24.59 ? 166 ILE B CA  1 
ATOM   1266 C C   . ILE B 1 66 ? 8.055   -12.910 -8.058  1.00 26.01 ? 166 ILE B C   1 
ATOM   1267 O O   . ILE B 1 66 ? 7.399   -13.108 -9.081  1.00 25.68 ? 166 ILE B O   1 
ATOM   1268 C CB  . ILE B 1 66 ? 8.082   -10.404 -8.181  1.00 24.10 ? 166 ILE B CB  1 
ATOM   1269 C CG1 . ILE B 1 66 ? 9.006   -9.187  -8.259  1.00 23.38 ? 166 ILE B CG1 1 
ATOM   1270 C CG2 . ILE B 1 66 ? 7.042   -10.223 -7.078  1.00 23.56 ? 166 ILE B CG2 1 
ATOM   1271 C CD1 . ILE B 1 66 ? 8.357   -7.948  -8.836  1.00 23.38 ? 166 ILE B CD1 1 
ATOM   1272 N N   . CYS B 1 67 ? 8.058   -13.753 -7.030  1.00 27.46 ? 167 CYS B N   1 
ATOM   1273 C CA  . CYS B 1 67 ? 7.277   -14.984 -7.058  1.00 29.50 ? 167 CYS B CA  1 
ATOM   1274 C C   . CYS B 1 67 ? 7.524   -15.779 -8.331  1.00 29.42 ? 167 CYS B C   1 
ATOM   1275 O O   . CYS B 1 67 ? 6.595   -16.346 -8.901  1.00 29.77 ? 167 CYS B O   1 
ATOM   1276 C CB  . CYS B 1 67 ? 5.785   -14.675 -6.951  1.00 30.95 ? 167 CYS B CB  1 
ATOM   1277 S SG  . CYS B 1 67 ? 5.189   -14.543 -5.272  1.00 36.28 ? 167 CYS B SG  1 
ATOM   1278 N N   . GLY B 1 68 ? 8.774   -15.809 -8.781  1.00 29.55 ? 168 GLY B N   1 
ATOM   1279 C CA  . GLY B 1 68 ? 9.102   -16.552 -9.985  1.00 29.36 ? 168 GLY B CA  1 
ATOM   1280 C C   . GLY B 1 68 ? 8.933   -15.781 -11.279 1.00 29.11 ? 168 GLY B C   1 
ATOM   1281 O O   . GLY B 1 68 ? 9.306   -16.270 -12.346 1.00 29.59 ? 168 GLY B O   1 
ATOM   1282 N N   . HIS B 1 69 ? 8.358   -14.584 -11.201 1.00 28.15 ? 169 HIS B N   1 
ATOM   1283 C CA  . HIS B 1 69 ? 8.164   -13.763 -12.392 1.00 27.32 ? 169 HIS B CA  1 
ATOM   1284 C C   . HIS B 1 69 ? 9.300   -12.758 -12.499 1.00 26.65 ? 169 HIS B C   1 
ATOM   1285 O O   . HIS B 1 69 ? 9.532   -11.980 -11.574 1.00 26.22 ? 169 HIS B O   1 
ATOM   1286 C CB  . HIS B 1 69 ? 6.835   -13.006 -12.322 1.00 27.66 ? 169 HIS B CB  1 
ATOM   1287 C CG  . HIS B 1 69 ? 5.630   -13.888 -12.415 1.00 28.03 ? 169 HIS B CG  1 
ATOM   1288 N ND1 . HIS B 1 69 ? 5.360   -14.878 -11.497 1.00 28.59 ? 169 HIS B ND1 1 
ATOM   1289 C CD2 . HIS B 1 69 ? 4.626   -13.930 -13.322 1.00 28.29 ? 169 HIS B CD2 1 
ATOM   1290 C CE1 . HIS B 1 69 ? 4.241   -15.494 -11.833 1.00 28.52 ? 169 HIS B CE1 1 
ATOM   1291 N NE2 . HIS B 1 69 ? 3.775   -14.937 -12.936 1.00 28.74 ? 169 HIS B NE2 1 
ATOM   1292 N N   . LYS B 1 70 ? 10.006  -12.771 -13.624 1.00 25.60 ? 170 LYS B N   1 
ATOM   1293 C CA  . LYS B 1 70 ? 11.105  -11.838 -13.807 1.00 25.14 ? 170 LYS B CA  1 
ATOM   1294 C C   . LYS B 1 70 ? 10.610  -10.490 -14.298 1.00 23.61 ? 170 LYS B C   1 
ATOM   1295 O O   . LYS B 1 70 ? 9.789   -10.410 -15.213 1.00 23.84 ? 170 LYS B O   1 
ATOM   1296 C CB  . LYS B 1 70 ? 12.135  -12.399 -14.791 1.00 26.84 ? 170 LYS B CB  1 
ATOM   1297 C CG  . LYS B 1 70 ? 12.991  -13.513 -14.205 1.00 29.12 ? 170 LYS B CG  1 
ATOM   1298 C CD  . LYS B 1 70 ? 14.170  -13.829 -15.105 1.00 31.25 ? 170 LYS B CD  1 
ATOM   1299 C CE  . LYS B 1 70 ? 15.087  -14.862 -14.472 1.00 32.45 ? 170 LYS B CE  1 
ATOM   1300 N NZ  . LYS B 1 70 ? 16.313  -15.088 -15.296 1.00 33.89 ? 170 LYS B NZ  1 
ATOM   1301 N N   . ALA B 1 71 ? 11.101  -9.433  -13.663 1.00 21.61 ? 171 ALA B N   1 
ATOM   1302 C CA  . ALA B 1 71 ? 10.746  -8.071  -14.028 1.00 19.88 ? 171 ALA B CA  1 
ATOM   1303 C C   . ALA B 1 71 ? 12.037  -7.265  -14.087 1.00 18.59 ? 171 ALA B C   1 
ATOM   1304 O O   . ALA B 1 71 ? 12.995  -7.567  -13.375 1.00 18.46 ? 171 ALA B O   1 
ATOM   1305 C CB  . ALA B 1 71 ? 9.797   -7.474  -12.992 1.00 19.40 ? 171 ALA B CB  1 
ATOM   1306 N N   . ILE B 1 72 ? 12.069  -6.256  -14.950 1.00 16.92 ? 172 ILE B N   1 
ATOM   1307 C CA  . ILE B 1 72 ? 13.240  -5.399  -15.076 1.00 15.87 ? 172 ILE B CA  1 
ATOM   1308 C C   . ILE B 1 72 ? 12.754  -3.964  -15.050 1.00 15.70 ? 172 ILE B C   1 
ATOM   1309 O O   . ILE B 1 72 ? 12.072  -3.515  -15.967 1.00 15.43 ? 172 ILE B O   1 
ATOM   1310 C CB  . ILE B 1 72 ? 14.007  -5.640  -16.398 1.00 15.36 ? 172 ILE B CB  1 
ATOM   1311 C CG1 . ILE B 1 72 ? 14.428  -7.109  -16.506 1.00 15.16 ? 172 ILE B CG1 1 
ATOM   1312 C CG2 . ILE B 1 72 ? 15.250  -4.754  -16.441 1.00 14.36 ? 172 ILE B CG2 1 
ATOM   1313 C CD1 . ILE B 1 72 ? 15.261  -7.427  -17.746 1.00 15.70 ? 172 ILE B CD1 1 
ATOM   1314 N N   . GLY B 1 73 ? 13.100  -3.239  -13.993 1.00 14.67 ? 173 GLY B N   1 
ATOM   1315 C CA  . GLY B 1 73 ? 12.653  -1.867  -13.902 1.00 14.50 ? 173 GLY B CA  1 
ATOM   1316 C C   . GLY B 1 73 ? 13.364  -1.052  -12.848 1.00 14.44 ? 173 GLY B C   1 
ATOM   1317 O O   . GLY B 1 73 ? 14.437  -1.424  -12.361 1.00 14.12 ? 173 GLY B O   1 
ATOM   1318 N N   . THR B 1 74 ? 12.742  0.064   -12.489 1.00 14.30 ? 174 THR B N   1 
ATOM   1319 C CA  . THR B 1 74 ? 13.297  0.987   -11.510 1.00 14.16 ? 174 THR B CA  1 
ATOM   1320 C C   . THR B 1 74 ? 13.093  0.517   -10.081 1.00 14.04 ? 174 THR B C   1 
ATOM   1321 O O   . THR B 1 74 ? 11.994  0.123   -9.685  1.00 13.86 ? 174 THR B O   1 
ATOM   1322 C CB  . THR B 1 74 ? 12.671  2.389   -11.679 1.00 14.36 ? 174 THR B CB  1 
ATOM   1323 O OG1 . THR B 1 74 ? 12.985  2.890   -12.982 1.00 14.85 ? 174 THR B OG1 1 
ATOM   1324 C CG2 . THR B 1 74 ? 13.201  3.354   -10.620 1.00 14.18 ? 174 THR B CG2 1 
ATOM   1325 N N   . VAL B 1 75 ? 14.172  0.557   -9.309  1.00 13.95 ? 175 VAL B N   1 
ATOM   1326 C CA  . VAL B 1 75 ? 14.128  0.150   -7.918  1.00 14.08 ? 175 VAL B CA  1 
ATOM   1327 C C   . VAL B 1 75 ? 14.761  1.252   -7.088  1.00 13.77 ? 175 VAL B C   1 
ATOM   1328 O O   . VAL B 1 75 ? 15.826  1.768   -7.432  1.00 13.54 ? 175 VAL B O   1 
ATOM   1329 C CB  . VAL B 1 75 ? 14.906  -1.160  -7.700  1.00 14.83 ? 175 VAL B CB  1 
ATOM   1330 C CG1 . VAL B 1 75 ? 14.989  -1.476  -6.215  1.00 15.12 ? 175 VAL B CG1 1 
ATOM   1331 C CG2 . VAL B 1 75 ? 14.219  -2.297  -8.447  1.00 15.03 ? 175 VAL B CG2 1 
ATOM   1332 N N   . LEU B 1 76 ? 14.091  1.627   -6.008  1.00 13.24 ? 176 LEU B N   1 
ATOM   1333 C CA  . LEU B 1 76 ? 14.599  2.667   -5.126  1.00 13.02 ? 176 LEU B CA  1 
ATOM   1334 C C   . LEU B 1 76 ? 15.170  1.997   -3.889  1.00 13.65 ? 176 LEU B C   1 
ATOM   1335 O O   . LEU B 1 76 ? 14.676  0.955   -3.454  1.00 13.25 ? 176 LEU B O   1 
ATOM   1336 C CB  . LEU B 1 76 ? 13.464  3.614   -4.729  1.00 12.64 ? 176 LEU B CB  1 
ATOM   1337 C CG  . LEU B 1 76 ? 12.715  4.234   -5.912  1.00 12.75 ? 176 LEU B CG  1 
ATOM   1338 C CD1 . LEU B 1 76 ? 11.579  5.105   -5.393  1.00 11.59 ? 176 LEU B CD1 1 
ATOM   1339 C CD2 . LEU B 1 76 ? 13.689  5.064   -6.757  1.00 11.97 ? 176 LEU B CD2 1 
ATOM   1340 N N   . VAL B 1 77 ? 16.223  2.586   -3.330  1.00 13.94 ? 177 VAL B N   1 
ATOM   1341 C CA  . VAL B 1 77 ? 16.850  2.038   -2.133  1.00 14.53 ? 177 VAL B CA  1 
ATOM   1342 C C   . VAL B 1 77 ? 16.956  3.144   -1.093  1.00 14.71 ? 177 VAL B C   1 
ATOM   1343 O O   . VAL B 1 77 ? 17.444  4.240   -1.377  1.00 14.07 ? 177 VAL B O   1 
ATOM   1344 C CB  . VAL B 1 77 ? 18.265  1.477   -2.437  1.00 14.51 ? 177 VAL B CB  1 
ATOM   1345 C CG1 . VAL B 1 77 ? 18.889  0.906   -1.168  1.00 14.58 ? 177 VAL B CG1 1 
ATOM   1346 C CG2 . VAL B 1 77 ? 18.171  0.405   -3.513  1.00 14.77 ? 177 VAL B CG2 1 
ATOM   1347 N N   . GLY B 1 78 ? 16.479  2.861   0.111   1.00 14.92 ? 178 GLY B N   1 
ATOM   1348 C CA  . GLY B 1 78 ? 16.534  3.863   1.154   1.00 15.64 ? 178 GLY B CA  1 
ATOM   1349 C C   . GLY B 1 78 ? 16.059  3.333   2.489   1.00 16.02 ? 178 GLY B C   1 
ATOM   1350 O O   . GLY B 1 78 ? 15.799  2.136   2.629   1.00 15.41 ? 178 GLY B O   1 
ATOM   1351 N N   . PRO B 1 79 ? 15.916  4.215   3.487   1.00 16.59 ? 179 PRO B N   1 
ATOM   1352 C CA  . PRO B 1 79 ? 15.470  3.817   4.825   1.00 16.86 ? 179 PRO B CA  1 
ATOM   1353 C C   . PRO B 1 79 ? 13.993  3.452   4.940   1.00 16.61 ? 179 PRO B C   1 
ATOM   1354 O O   . PRO B 1 79 ? 13.265  4.032   5.741   1.00 17.77 ? 179 PRO B O   1 
ATOM   1355 C CB  . PRO B 1 79 ? 15.838  5.032   5.672   1.00 17.35 ? 179 PRO B CB  1 
ATOM   1356 C CG  . PRO B 1 79 ? 15.581  6.165   4.721   1.00 17.44 ? 179 PRO B CG  1 
ATOM   1357 C CD  . PRO B 1 79 ? 16.234  5.656   3.449   1.00 16.69 ? 179 PRO B CD  1 
ATOM   1358 N N   . THR B 1 80 ? 13.548  2.488   4.142   1.00 16.46 ? 180 THR B N   1 
ATOM   1359 C CA  . THR B 1 80 ? 12.159  2.057   4.210   1.00 15.42 ? 180 THR B CA  1 
ATOM   1360 C C   . THR B 1 80 ? 12.024  1.014   5.309   1.00 15.44 ? 180 THR B C   1 
ATOM   1361 O O   . THR B 1 80 ? 12.943  0.235   5.550   1.00 15.45 ? 180 THR B O   1 
ATOM   1362 C CB  . THR B 1 80 ? 11.682  1.425   2.891   1.00 15.03 ? 180 THR B CB  1 
ATOM   1363 O OG1 . THR B 1 80 ? 10.347  0.929   3.060   1.00 15.04 ? 180 THR B OG1 1 
ATOM   1364 C CG2 . THR B 1 80 ? 12.591  0.279   2.483   1.00 14.69 ? 180 THR B CG2 1 
ATOM   1365 N N   . PRO B 1 81 ? 10.870  0.986   5.994   1.00 15.35 ? 181 PRO B N   1 
ATOM   1366 C CA  . PRO B 1 81 ? 10.604  0.033   7.078   1.00 15.37 ? 181 PRO B CA  1 
ATOM   1367 C C   . PRO B 1 81 ? 10.523  -1.421  6.608   1.00 15.82 ? 181 PRO B C   1 
ATOM   1368 O O   . PRO B 1 81 ? 10.819  -2.349  7.368   1.00 15.94 ? 181 PRO B O   1 
ATOM   1369 C CB  . PRO B 1 81 ? 9.267   0.512   7.642   1.00 15.19 ? 181 PRO B CB  1 
ATOM   1370 C CG  . PRO B 1 81 ? 9.259   1.971   7.334   1.00 15.95 ? 181 PRO B CG  1 
ATOM   1371 C CD  . PRO B 1 81 ? 9.814   2.012   5.931   1.00 15.19 ? 181 PRO B CD  1 
ATOM   1372 N N   . VAL B 1 82 ? 10.106  -1.615  5.359   1.00 14.99 ? 182 VAL B N   1 
ATOM   1373 C CA  . VAL B 1 82 ? 9.965   -2.950  4.780   1.00 14.16 ? 182 VAL B CA  1 
ATOM   1374 C C   . VAL B 1 82 ? 10.186  -2.875  3.276   1.00 13.61 ? 182 VAL B C   1 
ATOM   1375 O O   . VAL B 1 82 ? 10.052  -1.805  2.682   1.00 13.03 ? 182 VAL B O   1 
ATOM   1376 C CB  . VAL B 1 82 ? 8.542   -3.535  5.003   1.00 15.03 ? 182 VAL B CB  1 
ATOM   1377 C CG1 . VAL B 1 82 ? 8.262   -3.720  6.487   1.00 15.90 ? 182 VAL B CG1 1 
ATOM   1378 C CG2 . VAL B 1 82 ? 7.505   -2.620  4.382   1.00 14.76 ? 182 VAL B CG2 1 
ATOM   1379 N N   . ASN B 1 83 ? 10.525  -4.003  2.659   1.00 12.65 ? 183 ASN B N   1 
ATOM   1380 C CA  . ASN B 1 83 ? 10.724  -4.020  1.216   1.00 11.96 ? 183 ASN B CA  1 
ATOM   1381 C C   . ASN B 1 83 ? 9.347   -3.891  0.579   1.00 11.96 ? 183 ASN B C   1 
ATOM   1382 O O   . ASN B 1 83 ? 8.422   -4.624  0.932   1.00 11.84 ? 183 ASN B O   1 
ATOM   1383 C CB  . ASN B 1 83 ? 11.414  -5.316  0.776   1.00 11.79 ? 183 ASN B CB  1 
ATOM   1384 C CG  . ASN B 1 83 ? 12.849  -5.404  1.264   1.00 11.43 ? 183 ASN B CG  1 
ATOM   1385 O OD1 . ASN B 1 83 ? 13.607  -4.441  1.170   1.00 11.70 ? 183 ASN B OD1 1 
ATOM   1386 N ND2 . ASN B 1 83 ? 13.236  -6.568  1.777   1.00 12.13 ? 183 ASN B ND2 1 
ATOM   1387 N N   . ILE B 1 84 ? 9.217   -2.953  -0.354  1.00 11.16 ? 184 ILE B N   1 
ATOM   1388 C CA  . ILE B 1 84 ? 7.940   -2.679  -1.010  1.00 11.39 ? 184 ILE B CA  1 
ATOM   1389 C C   . ILE B 1 84 ? 7.961   -2.850  -2.525  1.00 11.28 ? 184 ILE B C   1 
ATOM   1390 O O   . ILE B 1 84 ? 8.785   -2.249  -3.209  1.00 10.72 ? 184 ILE B O   1 
ATOM   1391 C CB  . ILE B 1 84 ? 7.484   -1.221  -0.696  1.00 11.23 ? 184 ILE B CB  1 
ATOM   1392 C CG1 . ILE B 1 84 ? 7.237   -1.076  0.806   1.00 11.80 ? 184 ILE B CG1 1 
ATOM   1393 C CG2 . ILE B 1 84 ? 6.233   -0.864  -1.494  1.00 10.68 ? 184 ILE B CG2 1 
ATOM   1394 C CD1 . ILE B 1 84 ? 7.094   0.367   1.268   1.00 12.84 ? 184 ILE B CD1 1 
ATOM   1395 N N   . ILE B 1 85 ? 7.053   -3.672  -3.042  1.00 10.99 ? 185 ILE B N   1 
ATOM   1396 C CA  . ILE B 1 85 ? 6.948   -3.870  -4.483  1.00 10.72 ? 185 ILE B CA  1 
ATOM   1397 C C   . ILE B 1 85 ? 5.772   -2.996  -4.903  1.00 11.22 ? 185 ILE B C   1 
ATOM   1398 O O   . ILE B 1 85 ? 4.624   -3.302  -4.588  1.00 10.36 ? 185 ILE B O   1 
ATOM   1399 C CB  . ILE B 1 85 ? 6.649   -5.339  -4.847  1.00 11.11 ? 185 ILE B CB  1 
ATOM   1400 C CG1 . ILE B 1 85 ? 7.763   -6.253  -4.318  1.00 11.57 ? 185 ILE B CG1 1 
ATOM   1401 C CG2 . ILE B 1 85 ? 6.505   -5.480  -6.355  1.00 11.78 ? 185 ILE B CG2 1 
ATOM   1402 C CD1 . ILE B 1 85 ? 9.151   -5.921  -4.822  1.00 12.45 ? 185 ILE B CD1 1 
ATOM   1403 N N   . GLY B 1 86 ? 6.073   -1.900  -5.594  1.00 10.58 ? 186 GLY B N   1 
ATOM   1404 C CA  . GLY B 1 86 ? 5.036   -0.977  -6.021  1.00 11.08 ? 186 GLY B CA  1 
ATOM   1405 C C   . GLY B 1 86 ? 4.432   -1.239  -7.384  1.00 10.87 ? 186 GLY B C   1 
ATOM   1406 O O   . GLY B 1 86 ? 4.808   -2.183  -8.077  1.00 11.11 ? 186 GLY B O   1 
ATOM   1407 N N   . ARG B 1 87 ? 3.494   -0.382  -7.772  1.00 11.05 ? 187 ARG B N   1 
ATOM   1408 C CA  . ARG B 1 87 ? 2.797   -0.523  -9.044  1.00 11.13 ? 187 ARG B CA  1 
ATOM   1409 C C   . ARG B 1 87 ? 3.685   -0.590  -10.283 1.00 11.55 ? 187 ARG B C   1 
ATOM   1410 O O   . ARG B 1 87 ? 3.314   -1.235  -11.262 1.00 11.59 ? 187 ARG B O   1 
ATOM   1411 C CB  . ARG B 1 87 ? 1.754   0.597   -9.207  1.00 11.57 ? 187 ARG B CB  1 
ATOM   1412 C CG  . ARG B 1 87 ? 0.551   0.447   -8.264  1.00 11.00 ? 187 ARG B CG  1 
ATOM   1413 C CD  . ARG B 1 87 ? -0.582  1.447   -8.555  1.00 11.10 ? 187 ARG B CD  1 
ATOM   1414 N NE  . ARG B 1 87 ? -0.124  2.835   -8.545  1.00 11.65 ? 187 ARG B NE  1 
ATOM   1415 C CZ  . ARG B 1 87 ? 0.161   3.543   -9.636  1.00 11.39 ? 187 ARG B CZ  1 
ATOM   1416 N NH1 . ARG B 1 87 ? 0.026   3.004   -10.839 1.00 10.68 ? 187 ARG B NH1 1 
ATOM   1417 N NH2 . ARG B 1 87 ? 0.609   4.785   -9.519  1.00 11.53 ? 187 ARG B NH2 1 
ATOM   1418 N N   . ASN B 1 88 ? 4.853   0.048   -10.259 1.00 11.85 ? 188 ASN B N   1 
ATOM   1419 C CA  . ASN B 1 88 ? 5.717   0.000   -11.441 1.00 12.75 ? 188 ASN B CA  1 
ATOM   1420 C C   . ASN B 1 88 ? 6.122   -1.434  -11.794 1.00 13.33 ? 188 ASN B C   1 
ATOM   1421 O O   . ASN B 1 88 ? 6.322   -1.757  -12.964 1.00 13.74 ? 188 ASN B O   1 
ATOM   1422 C CB  . ASN B 1 88 ? 6.965   0.889   -11.262 1.00 12.68 ? 188 ASN B CB  1 
ATOM   1423 C CG  . ASN B 1 88 ? 7.932   0.355   -10.221 1.00 13.26 ? 188 ASN B CG  1 
ATOM   1424 O OD1 . ASN B 1 88 ? 7.543   0.057   -9.095  1.00 13.42 ? 188 ASN B OD1 1 
ATOM   1425 N ND2 . ASN B 1 88 ? 9.201   0.248   -10.593 1.00 13.22 ? 188 ASN B ND2 1 
ATOM   1426 N N   . LEU B 1 89 ? 6.225   -2.303  -10.791 1.00 13.59 ? 189 LEU B N   1 
ATOM   1427 C CA  . LEU B 1 89 ? 6.594   -3.693  -11.046 1.00 13.73 ? 189 LEU B CA  1 
ATOM   1428 C C   . LEU B 1 89 ? 5.389   -4.628  -11.003 1.00 14.15 ? 189 LEU B C   1 
ATOM   1429 O O   . LEU B 1 89 ? 5.381   -5.669  -11.659 1.00 14.89 ? 189 LEU B O   1 
ATOM   1430 C CB  . LEU B 1 89 ? 7.652   -4.167  -10.041 1.00 13.40 ? 189 LEU B CB  1 
ATOM   1431 C CG  . LEU B 1 89 ? 8.976   -3.392  -10.074 1.00 13.64 ? 189 LEU B CG  1 
ATOM   1432 C CD1 . LEU B 1 89 ? 10.007  -4.095  -9.201  1.00 13.78 ? 189 LEU B CD1 1 
ATOM   1433 C CD2 . LEU B 1 89 ? 9.483   -3.283  -11.515 1.00 12.61 ? 189 LEU B CD2 1 
ATOM   1434 N N   . LEU B 1 90 ? 4.374   -4.268  -10.227 1.00 13.84 ? 190 LEU B N   1 
ATOM   1435 C CA  . LEU B 1 90 ? 3.176   -5.096  -10.141 1.00 14.10 ? 190 LEU B CA  1 
ATOM   1436 C C   . LEU B 1 90 ? 2.523   -5.220  -11.524 1.00 14.40 ? 190 LEU B C   1 
ATOM   1437 O O   . LEU B 1 90 ? 1.956   -6.261  -11.857 1.00 14.60 ? 190 LEU B O   1 
ATOM   1438 C CB  . LEU B 1 90 ? 2.185   -4.497  -9.136  1.00 13.92 ? 190 LEU B CB  1 
ATOM   1439 C CG  . LEU B 1 90 ? 2.643   -4.493  -7.669  1.00 14.16 ? 190 LEU B CG  1 
ATOM   1440 C CD1 . LEU B 1 90 ? 1.630   -3.747  -6.813  1.00 13.61 ? 190 LEU B CD1 1 
ATOM   1441 C CD2 . LEU B 1 90 ? 2.814   -5.925  -7.172  1.00 13.76 ? 190 LEU B CD2 1 
ATOM   1442 N N   . THR B 1 91 ? 2.611   -4.159  -12.324 1.00 14.78 ? 191 THR B N   1 
ATOM   1443 C CA  . THR B 1 91 ? 2.040   -4.173  -13.667 1.00 15.15 ? 191 THR B CA  1 
ATOM   1444 C C   . THR B 1 91 ? 2.851   -5.077  -14.591 1.00 16.03 ? 191 THR B C   1 
ATOM   1445 O O   . THR B 1 91 ? 2.307   -5.672  -15.519 1.00 15.79 ? 191 THR B O   1 
ATOM   1446 C CB  . THR B 1 91 ? 1.979   -2.755  -14.286 1.00 15.37 ? 191 THR B CB  1 
ATOM   1447 O OG1 . THR B 1 91 ? 3.268   -2.137  -14.216 1.00 14.68 ? 191 THR B OG1 1 
ATOM   1448 C CG2 . THR B 1 91 ? 0.958   -1.899  -13.549 1.00 15.07 ? 191 THR B CG2 1 
ATOM   1449 N N   . GLN B 1 92 ? 4.151   -5.186  -14.332 1.00 16.29 ? 192 GLN B N   1 
ATOM   1450 C CA  . GLN B 1 92 ? 5.003   -6.035  -15.152 1.00 16.80 ? 192 GLN B CA  1 
ATOM   1451 C C   . GLN B 1 92 ? 4.683   -7.517  -14.988 1.00 17.30 ? 192 GLN B C   1 
ATOM   1452 O O   . GLN B 1 92 ? 4.832   -8.292  -15.937 1.00 17.85 ? 192 GLN B O   1 
ATOM   1453 C CB  . GLN B 1 92 ? 6.484   -5.783  -14.838 1.00 16.66 ? 192 GLN B CB  1 
ATOM   1454 C CG  . GLN B 1 92 ? 7.041   -4.558  -15.537 1.00 16.10 ? 192 GLN B CG  1 
ATOM   1455 C CD  . GLN B 1 92 ? 8.551   -4.518  -15.531 1.00 16.16 ? 192 GLN B CD  1 
ATOM   1456 O OE1 . GLN B 1 92 ? 9.215   -5.556  -15.622 1.00 15.68 ? 192 GLN B OE1 1 
ATOM   1457 N NE2 . GLN B 1 92 ? 9.110   -3.315  -15.448 1.00 15.69 ? 192 GLN B NE2 1 
ATOM   1458 N N   . ILE B 1 93 ? 4.233   -7.914  -13.800 1.00 17.15 ? 193 ILE B N   1 
ATOM   1459 C CA  . ILE B 1 93 ? 3.898   -9.312  -13.559 1.00 17.29 ? 193 ILE B CA  1 
ATOM   1460 C C   . ILE B 1 93 ? 2.410   -9.605  -13.772 1.00 17.02 ? 193 ILE B C   1 
ATOM   1461 O O   . ILE B 1 93 ? 1.955   -10.722 -13.536 1.00 17.52 ? 193 ILE B O   1 
ATOM   1462 C CB  . ILE B 1 93 ? 4.314   -9.765  -12.137 1.00 16.95 ? 193 ILE B CB  1 
ATOM   1463 C CG1 . ILE B 1 93 ? 3.572   -8.947  -11.082 1.00 17.35 ? 193 ILE B CG1 1 
ATOM   1464 C CG2 . ILE B 1 93 ? 5.816   -9.618  -11.969 1.00 17.22 ? 193 ILE B CG2 1 
ATOM   1465 C CD1 . ILE B 1 93 ? 3.802   -9.438  -9.671  1.00 17.37 ? 193 ILE B CD1 1 
ATOM   1466 N N   . GLY B 1 94 ? 1.663   -8.594  -14.210 1.00 17.24 ? 194 GLY B N   1 
ATOM   1467 C CA  . GLY B 1 94 ? 0.243   -8.757  -14.486 1.00 17.21 ? 194 GLY B CA  1 
ATOM   1468 C C   . GLY B 1 94 ? -0.692  -8.831  -13.293 1.00 17.18 ? 194 GLY B C   1 
ATOM   1469 O O   . GLY B 1 94 ? -1.748  -9.457  -13.358 1.00 16.88 ? 194 GLY B O   1 
ATOM   1470 N N   . CYS B 1 95 ? -0.313  -8.178  -12.205 1.00 16.99 ? 195 CYS B N   1 
ATOM   1471 C CA  . CYS B 1 95 ? -1.111  -8.182  -10.986 1.00 16.78 ? 195 CYS B CA  1 
ATOM   1472 C C   . CYS B 1 95 ? -2.329  -7.253  -11.059 1.00 16.36 ? 195 CYS B C   1 
ATOM   1473 O O   . CYS B 1 95 ? -2.241  -6.126  -11.552 1.00 15.94 ? 195 CYS B O   1 
ATOM   1474 C CB  . CYS B 1 95 ? -0.208  -7.781  -9.814  1.00 17.18 ? 195 CYS B CB  1 
ATOM   1475 S SG  . CYS B 1 95 ? -0.923  -8.011  -8.199  1.00 19.52 ? 195 CYS B SG  1 
ATOM   1476 N N   . THR B 1 96 ? -3.472  -7.738  -10.582 1.00 15.96 ? 196 THR B N   1 
ATOM   1477 C CA  . THR B 1 96 ? -4.688  -6.934  -10.570 1.00 15.88 ? 196 THR B CA  1 
ATOM   1478 C C   . THR B 1 96 ? -5.407  -7.132  -9.239  1.00 16.00 ? 196 THR B C   1 
ATOM   1479 O O   . THR B 1 96 ? -5.139  -8.095  -8.521  1.00 16.02 ? 196 THR B O   1 
ATOM   1480 C CB  . THR B 1 96 ? -5.666  -7.338  -11.703 1.00 15.92 ? 196 THR B CB  1 
ATOM   1481 O OG1 . THR B 1 96 ? -6.116  -8.683  -11.492 1.00 15.85 ? 196 THR B OG1 1 
ATOM   1482 C CG2 . THR B 1 96 ? -4.981  -7.244  -13.063 1.00 16.12 ? 196 THR B CG2 1 
ATOM   1483 N N   . LEU B 1 97 ? -6.297  -6.204  -8.905  1.00 16.34 ? 197 LEU B N   1 
ATOM   1484 C CA  . LEU B 1 97 ? -7.099  -6.299  -7.686  1.00 16.82 ? 197 LEU B CA  1 
ATOM   1485 C C   . LEU B 1 97 ? -8.455  -6.802  -8.146  1.00 17.23 ? 197 LEU B C   1 
ATOM   1486 O O   . LEU B 1 97 ? -8.947  -6.375  -9.191  1.00 17.65 ? 197 LEU B O   1 
ATOM   1487 C CB  . LEU B 1 97 ? -7.260  -4.929  -7.021  1.00 16.39 ? 197 LEU B CB  1 
ATOM   1488 C CG  . LEU B 1 97 ? -6.091  -4.465  -6.156  1.00 16.17 ? 197 LEU B CG  1 
ATOM   1489 C CD1 . LEU B 1 97 ? -6.330  -3.041  -5.690  1.00 15.68 ? 197 LEU B CD1 1 
ATOM   1490 C CD2 . LEU B 1 97 ? -5.951  -5.402  -4.959  1.00 15.84 ? 197 LEU B CD2 1 
ATOM   1491 N N   . ASN B 1 98 ? -9.060  -7.699  -7.373  1.00 18.11 ? 198 ASN B N   1 
ATOM   1492 C CA  . ASN B 1 98 ? -10.353 -8.269  -7.747  1.00 19.23 ? 198 ASN B CA  1 
ATOM   1493 C C   . ASN B 1 98 ? -11.312 -8.458  -6.572  1.00 19.94 ? 198 ASN B C   1 
ATOM   1494 O O   . ASN B 1 98 ? -10.902 -8.839  -5.479  1.00 19.37 ? 198 ASN B O   1 
ATOM   1495 C CB  . ASN B 1 98 ? -10.136 -9.632  -8.421  1.00 19.72 ? 198 ASN B CB  1 
ATOM   1496 C CG  . ASN B 1 98 ? -9.304  -9.533  -9.689  1.00 20.97 ? 198 ASN B CG  1 
ATOM   1497 O OD1 . ASN B 1 98 ? -9.839  -9.360  -10.783 1.00 21.98 ? 198 ASN B OD1 1 
ATOM   1498 N ND2 . ASN B 1 98 ? -7.987  -9.629  -9.544  1.00 20.83 ? 198 ASN B ND2 1 
ATOM   1499 N N   . PHE B 1 99 ? -12.592 -8.189  -6.813  1.00 20.91 ? 199 PHE B N   1 
ATOM   1500 C CA  . PHE B 1 99 ? -13.636 -8.374  -5.806  1.00 22.33 ? 199 PHE B CA  1 
ATOM   1501 C C   . PHE B 1 99 ? -15.024 -8.305  -6.442  1.00 22.73 ? 199 PHE B C   1 
ATOM   1502 O O   . PHE B 1 99 ? -16.017 -8.553  -5.730  1.00 20.54 ? 199 PHE B O   1 
ATOM   1503 C CB  . PHE B 1 99 ? -13.524 -7.346  -4.668  1.00 22.82 ? 199 PHE B CB  1 
ATOM   1504 C CG  . PHE B 1 99 ? -13.643 -5.914  -5.106  1.00 24.20 ? 199 PHE B CG  1 
ATOM   1505 C CD1 . PHE B 1 99 ? -12.534 -5.225  -5.580  1.00 24.70 ? 199 PHE B CD1 1 
ATOM   1506 C CD2 . PHE B 1 99 ? -14.858 -5.242  -5.009  1.00 24.92 ? 199 PHE B CD2 1 
ATOM   1507 C CE1 . PHE B 1 99 ? -12.629 -3.882  -5.949  1.00 25.31 ? 199 PHE B CE1 1 
ATOM   1508 C CE2 . PHE B 1 99 ? -14.965 -3.901  -5.375  1.00 25.31 ? 199 PHE B CE2 1 
ATOM   1509 C CZ  . PHE B 1 99 ? -13.848 -3.221  -5.844  1.00 25.53 ? 199 PHE B CZ  1 
ATOM   1510 O OXT . PHE B 1 99 ? -15.098 -8.011  -7.653  1.00 20.54 ? 199 PHE B OXT 1 
HETATM 1511 C C34 . BEI C 2 .  ? 4.624   -0.300  4.812   1.00 17.28 ? 501 BEI A C34 1 
HETATM 1512 C C35 . BEI C 2 .  ? 4.211   -1.441  5.532   1.00 17.49 ? 501 BEI A C35 1 
HETATM 1513 C C36 . BEI C 2 .  ? 4.524   -1.586  6.908   1.00 18.02 ? 501 BEI A C36 1 
HETATM 1514 C C37 . BEI C 2 .  ? 5.255   -0.574  7.568   1.00 17.77 ? 501 BEI A C37 1 
HETATM 1515 C C38 . BEI C 2 .  ? 5.678   0.584   6.863   1.00 17.87 ? 501 BEI A C38 1 
HETATM 1516 C C39 . BEI C 2 .  ? 5.359   0.718   5.480   1.00 17.72 ? 501 BEI A C39 1 
HETATM 1517 C C40 . BEI C 2 .  ? -0.085  6.704   0.415   1.00 17.67 ? 501 BEI A C40 1 
HETATM 1518 C C41 . BEI C 2 .  ? 0.470   7.756   1.228   1.00 18.52 ? 501 BEI A C41 1 
HETATM 1519 C C42 . BEI C 2 .  ? 0.796   9.029   0.653   1.00 18.23 ? 501 BEI A C42 1 
HETATM 1520 C C43 . BEI C 2 .  ? 0.564   9.241   -0.725  1.00 18.82 ? 501 BEI A C43 1 
HETATM 1521 C C44 . BEI C 2 .  ? 0.008   8.192   -1.543  1.00 18.15 ? 501 BEI A C44 1 
HETATM 1522 C C45 . BEI C 2 .  ? -0.316  6.921   -0.971  1.00 18.44 ? 501 BEI A C45 1 
HETATM 1523 C C30 . BEI C 2 .  ? -0.408  5.362   1.036   1.00 17.48 ? 501 BEI A C30 1 
HETATM 1524 O O29 . BEI C 2 .  ? 0.763   4.792   1.712   1.00 17.05 ? 501 BEI A O29 1 
HETATM 1525 C C5  . BEI C 2 .  ? 1.732   4.138   0.815   1.00 16.68 ? 501 BEI A C5  1 
HETATM 1526 C C4  . BEI C 2 .  ? 2.425   2.999   1.554   1.00 16.78 ? 501 BEI A C4  1 
HETATM 1527 C C3  . BEI C 2 .  ? 1.466   2.046   2.204   1.00 16.65 ? 501 BEI A C3  1 
HETATM 1528 C C2  . BEI C 2 .  ? 2.210   1.230   3.315   1.00 16.06 ? 501 BEI A C2  1 
HETATM 1529 C C1  . BEI C 2 .  ? 2.003   1.791   4.722   1.00 14.97 ? 501 BEI A C1  1 
HETATM 1530 O O17 . BEI C 2 .  ? 2.489   2.889   5.009   1.00 15.16 ? 501 BEI A O17 1 
HETATM 1531 N N18 . BEI C 2 .  ? 1.303   1.027   5.608   1.00 14.07 ? 501 BEI A N18 1 
HETATM 1532 C C19 . BEI C 2 .  ? 1.041   1.417   7.015   1.00 14.88 ? 501 BEI A C19 1 
HETATM 1533 C C20 . BEI C 2 .  ? -0.406  2.014   7.228   1.00 15.36 ? 501 BEI A C20 1 
HETATM 1534 C C21 . BEI C 2 .  ? -0.666  2.338   8.737   1.00 16.34 ? 501 BEI A C21 1 
HETATM 1535 C C22 . BEI C 2 .  ? -0.661  3.300   6.354   1.00 16.24 ? 501 BEI A C22 1 
HETATM 1536 C C46 . BEI C 2 .  ? -2.193  3.571   6.212   1.00 17.11 ? 501 BEI A C46 1 
HETATM 1537 C C23 . BEI C 2 .  ? 1.173   0.137   7.829   1.00 14.90 ? 501 BEI A C23 1 
HETATM 1538 O O24 . BEI C 2 .  ? 0.533   -0.867  7.470   1.00 14.10 ? 501 BEI A O24 1 
HETATM 1539 N N25 . BEI C 2 .  ? 2.004   0.195   8.928   1.00 14.73 ? 501 BEI A N25 1 
HETATM 1540 C C26 . BEI C 2 .  ? 2.138   -1.015  9.723   1.00 15.48 ? 501 BEI A C26 1 
HETATM 1541 O O32 . BEI C 2 .  ? 3.671   1.135   3.031   1.00 16.93 ? 501 BEI A O32 1 
HETATM 1542 C C33 . BEI C 2 .  ? 4.273   -0.156  3.337   1.00 17.07 ? 501 BEI A C33 1 
HETATM 1543 O O27 . BEI C 2 .  ? 0.951   1.232   1.101   1.00 15.29 ? 501 BEI A O27 1 
HETATM 1544 O O28 . BEI C 2 .  ? 3.260   2.231   0.612   1.00 17.11 ? 501 BEI A O28 1 
HETATM 1545 C C6  . BEI C 2 .  ? 2.808   5.026   0.346   1.00 16.22 ? 501 BEI A C6  1 
HETATM 1546 O O7  . BEI C 2 .  ? 3.448   5.615   1.233   1.00 16.47 ? 501 BEI A O7  1 
HETATM 1547 N N8  . BEI C 2 .  ? 3.027   5.138   -0.991  1.00 15.07 ? 501 BEI A N8  1 
HETATM 1548 C C9  . BEI C 2 .  ? 4.071   5.995   -1.535  1.00 15.04 ? 501 BEI A C9  1 
HETATM 1549 C C10 . BEI C 2 .  ? 5.330   5.160   -2.018  1.00 15.51 ? 501 BEI A C10 1 
HETATM 1550 C C11 . BEI C 2 .  ? 6.378   6.074   -2.765  1.00 15.74 ? 501 BEI A C11 1 
HETATM 1551 C C12 . BEI C 2 .  ? 6.037   4.461   -0.828  1.00 16.14 ? 501 BEI A C12 1 
HETATM 1552 C C47 . BEI C 2 .  ? 6.937   3.307   -1.317  1.00 17.78 ? 501 BEI A C47 1 
HETATM 1553 C C13 . BEI C 2 .  ? 3.445   6.723   -2.692  1.00 14.75 ? 501 BEI A C13 1 
HETATM 1554 O O14 . BEI C 2 .  ? 2.903   6.066   -3.606  1.00 14.46 ? 501 BEI A O14 1 
HETATM 1555 N N15 . BEI C 2 .  ? 3.530   8.096   -2.639  1.00 15.46 ? 501 BEI A N15 1 
HETATM 1556 C C16 . BEI C 2 .  ? 2.933   8.820   -3.755  1.00 15.85 ? 501 BEI A C16 1 
HETATM 1557 O O   . HOH D 3 .  ? -19.724 3.467   -2.463  1.00 38.35 ? 302 HOH A O   1 
HETATM 1558 O O   . HOH D 3 .  ? -3.406  -8.792  9.671   1.00 40.59 ? 303 HOH A O   1 
HETATM 1559 O O   . HOH D 3 .  ? -19.039 -7.283  4.632   1.00 18.95 ? 309 HOH A O   1 
HETATM 1560 O O   . HOH D 3 .  ? -17.865 -6.441  7.278   1.00 17.67 ? 310 HOH A O   1 
HETATM 1561 O O   . HOH D 3 .  ? -20.968 3.706   11.180  1.00 33.22 ? 311 HOH A O   1 
HETATM 1562 O O   . HOH D 3 .  ? -8.225  0.853   10.583  1.00 19.64 ? 312 HOH A O   1 
HETATM 1563 O O   . HOH D 3 .  ? 1.406   -3.658  5.961   1.00 12.98 ? 313 HOH A O   1 
HETATM 1564 O O   . HOH D 3 .  ? -6.604  -7.776  8.032   1.00 42.00 ? 314 HOH A O   1 
HETATM 1565 O O   . HOH D 3 .  ? -0.234  -5.188  4.226   1.00 12.46 ? 315 HOH A O   1 
HETATM 1566 O O   . HOH D 3 .  ? -6.767  15.840  7.348   1.00 26.45 ? 316 HOH A O   1 
HETATM 1567 O O   . HOH D 3 .  ? -8.830  -10.878 1.132   1.00 15.25 ? 317 HOH A O   1 
HETATM 1568 O O   . HOH D 3 .  ? -11.417 -11.665 1.745   1.00 19.90 ? 318 HOH A O   1 
HETATM 1569 O O   . HOH D 3 .  ? 3.664   5.180   4.010   1.00 16.21 ? 319 HOH A O   1 
HETATM 1570 O O   . HOH D 3 .  ? 1.795   1.341   12.535  1.00 18.11 ? 322 HOH A O   1 
HETATM 1571 O O   . HOH D 3 .  ? -8.158  10.407  -1.341  1.00 23.41 ? 324 HOH A O   1 
HETATM 1572 O O   . HOH D 3 .  ? -6.181  1.399   -11.104 1.00 28.25 ? 329 HOH A O   1 
HETATM 1573 O O   . HOH D 3 .  ? 10.115  12.030  7.328   1.00 44.32 ? 331 HOH A O   1 
HETATM 1574 O O   . HOH D 3 .  ? 0.198   -6.777  10.751  1.00 47.50 ? 333 HOH A O   1 
HETATM 1575 O O   . HOH D 3 .  ? 0.853   13.478  13.831  1.00 24.11 ? 334 HOH A O   1 
HETATM 1576 O O   . HOH D 3 .  ? -0.472  0.003   12.272  1.00 26.32 ? 335 HOH A O   1 
HETATM 1577 O O   . HOH D 3 .  ? 1.281   11.873  -4.142  1.00 41.86 ? 338 HOH A O   1 
HETATM 1578 O O   . HOH D 3 .  ? -5.399  -5.715  9.204   1.00 31.68 ? 340 HOH A O   1 
HETATM 1579 O O   . HOH D 3 .  ? -5.341  1.122   -14.188 1.00 24.96 ? 341 HOH A O   1 
HETATM 1580 O O   . HOH D 3 .  ? -0.172  3.077   18.669  1.00 20.51 ? 345 HOH A O   1 
HETATM 1581 O O   . HOH D 3 .  ? -11.297 -3.774  11.731  1.00 10.18 ? 346 HOH A O   1 
HETATM 1582 O O   . HOH D 3 .  ? -12.013 12.592  -1.097  1.00 34.06 ? 351 HOH A O   1 
HETATM 1583 O O   . HOH D 3 .  ? -11.651 -11.708 -5.194  1.00 25.71 ? 352 HOH A O   1 
HETATM 1584 O O   . HOH D 3 .  ? -14.054 -2.424  14.730  1.00 29.25 ? 353 HOH A O   1 
HETATM 1585 O O   . HOH D 3 .  ? -2.265  7.322   -11.106 1.00 22.41 ? 357 HOH A O   1 
HETATM 1586 O O   . HOH D 3 .  ? 1.711   1.172   15.363  1.00 48.85 ? 359 HOH A O   1 
HETATM 1587 O O   . HOH D 3 .  ? -11.905 3.199   19.640  1.00 27.45 ? 360 HOH A O   1 
HETATM 1588 O O   . HOH D 3 .  ? -0.353  -2.635  12.488  1.00 26.13 ? 361 HOH A O   1 
HETATM 1589 O O   . HOH D 3 .  ? -9.262  -8.424  8.195   1.00 20.98 ? 366 HOH A O   1 
HETATM 1590 O O   . HOH D 3 .  ? 0.872   -12.922 -14.322 1.00 43.60 ? 376 HOH A O   1 
HETATM 1591 O O   . HOH D 3 .  ? -6.376  6.753   -10.316 1.00 33.64 ? 377 HOH A O   1 
HETATM 1592 O O   . HOH D 3 .  ? -15.392 3.938   18.372  1.00 32.02 ? 378 HOH A O   1 
HETATM 1593 O O   . HOH D 3 .  ? -8.817  -5.906  -16.740 1.00 40.76 ? 379 HOH A O   1 
HETATM 1594 O O   . HOH D 3 .  ? -16.806 15.762  8.710   1.00 38.35 ? 382 HOH A O   1 
HETATM 1595 O O   . HOH D 3 .  ? 10.180  5.810   6.075   1.00 26.60 ? 387 HOH A O   1 
HETATM 1596 O O   . HOH D 3 .  ? -7.068  13.148  14.173  1.00 33.42 ? 392 HOH A O   1 
HETATM 1597 O O   . HOH D 3 .  ? -25.158 0.835   -3.244  1.00 39.02 ? 394 HOH A O   1 
HETATM 1598 O O   . HOH D 3 .  ? 0.245   12.672  -6.343  1.00 41.62 ? 396 HOH A O   1 
HETATM 1599 O O   . HOH D 3 .  ? -9.933  9.760   23.233  1.00 40.05 ? 397 HOH A O   1 
HETATM 1600 O O   . HOH D 3 .  ? -25.612 4.090   0.223   1.00 42.39 ? 399 HOH A O   1 
HETATM 1601 O O   . HOH D 3 .  ? -16.489 11.520  18.393  1.00 39.95 ? 401 HOH A O   1 
HETATM 1602 O O   . HOH D 3 .  ? -10.651 16.720  1.369   1.00 37.87 ? 403 HOH A O   1 
HETATM 1603 O O   . HOH D 3 .  ? 5.753   0.931   11.073  1.00 40.15 ? 404 HOH A O   1 
HETATM 1604 O O   . HOH D 3 .  ? -0.236  11.691  22.495  1.00 41.63 ? 406 HOH A O   1 
HETATM 1605 O O   . HOH D 3 .  ? 6.959   3.025   9.625   1.00 34.95 ? 407 HOH A O   1 
HETATM 1606 O O   . HOH D 3 .  ? -8.499  -3.457  12.659  1.00 30.11 ? 408 HOH A O   1 
HETATM 1607 O O   . HOH D 3 .  ? 0.231   12.613  -1.662  1.00 45.62 ? 409 HOH A O   1 
HETATM 1608 O O   . HOH D 3 .  ? 1.978   -14.483 -16.616 1.00 39.99 ? 410 HOH A O   1 
HETATM 1609 O O   . HOH D 3 .  ? -13.844 -5.302  -14.092 1.00 36.76 ? 411 HOH A O   1 
HETATM 1610 O O   . HOH D 3 .  ? -10.033 -3.925  -15.776 1.00 39.47 ? 414 HOH A O   1 
HETATM 1611 O O   . HOH D 3 .  ? -7.126  -1.284  12.369  1.00 42.95 ? 415 HOH A O   1 
HETATM 1612 O O   . HOH D 3 .  ? -9.673  -10.195 10.164  1.00 37.89 ? 420 HOH A O   1 
HETATM 1613 O O   . HOH D 3 .  ? -22.887 -5.267  0.509   1.00 38.94 ? 421 HOH A O   1 
HETATM 1614 O O   . HOH E 3 .  ? 2.704   12.756  -0.053  1.00 44.62 ? 301 HOH B O   1 
HETATM 1615 O O   . HOH E 3 .  ? 3.795   0.306   -15.236 1.00 28.46 ? 304 HOH B O   1 
HETATM 1616 O O   . HOH E 3 .  ? 22.834  -16.804 -5.058  1.00 27.94 ? 305 HOH B O   1 
HETATM 1617 O O   . HOH E 3 .  ? 19.585  -15.403 -0.291  1.00 34.51 ? 306 HOH B O   1 
HETATM 1618 O O   . HOH E 3 .  ? 6.017   -7.544  7.279   1.00 32.30 ? 307 HOH B O   1 
HETATM 1619 O O   . HOH E 3 .  ? 0.338   -10.289 8.625   1.00 21.15 ? 308 HOH B O   1 
HETATM 1620 O O   . HOH E 3 .  ? 20.195  -5.979  -12.376 1.00 28.51 ? 320 HOH B O   1 
HETATM 1621 O O   . HOH E 3 .  ? 10.649  2.190   -8.123  1.00 14.76 ? 321 HOH B O   1 
HETATM 1622 O O   . HOH E 3 .  ? 0.047   5.683   -4.453  1.00 17.15 ? 323 HOH B O   1 
HETATM 1623 O O   . HOH E 3 .  ? 6.252   10.259  -3.323  1.00 22.56 ? 325 HOH B O   1 
HETATM 1624 O O   . HOH E 3 .  ? -0.976  3.467   -5.971  1.00 15.61 ? 326 HOH B O   1 
HETATM 1625 O O   . HOH E 3 .  ? 14.289  1.033   -15.362 1.00 22.34 ? 327 HOH B O   1 
HETATM 1626 O O   . HOH E 3 .  ? 7.811   -0.764  -15.107 1.00 21.05 ? 328 HOH B O   1 
HETATM 1627 O O   . HOH E 3 .  ? 10.513  -6.847  3.941   1.00 22.33 ? 330 HOH B O   1 
HETATM 1628 O O   . HOH E 3 .  ? 8.822   14.737  5.737   1.00 42.31 ? 332 HOH B O   1 
HETATM 1629 O O   . HOH E 3 .  ? 8.742   -7.954  5.931   1.00 29.71 ? 336 HOH B O   1 
HETATM 1630 O O   . HOH E 3 .  ? 1.921   -12.900 5.327   1.00 26.02 ? 337 HOH B O   1 
HETATM 1631 O O   . HOH E 3 .  ? 4.253   11.511  -6.611  1.00 47.03 ? 339 HOH B O   1 
HETATM 1632 O O   . HOH E 3 .  ? 19.349  -12.532 -8.997  1.00 36.21 ? 342 HOH B O   1 
HETATM 1633 O O   . HOH E 3 .  ? 19.241  -8.552  -9.772  1.00 24.55 ? 343 HOH B O   1 
HETATM 1634 O O   . HOH E 3 .  ? 15.760  -6.986  2.965   1.00 26.15 ? 344 HOH B O   1 
HETATM 1635 O O   . HOH E 3 .  ? 3.954   3.352   -11.028 1.00 28.24 ? 347 HOH B O   1 
HETATM 1636 O O   . HOH E 3 .  ? 17.018  -4.647  0.542   1.00 28.88 ? 348 HOH B O   1 
HETATM 1637 O O   . HOH E 3 .  ? -4.079  -13.927 3.761   1.00 20.33 ? 349 HOH B O   1 
HETATM 1638 O O   . HOH E 3 .  ? 21.086  2.769   -12.594 1.00 34.37 ? 350 HOH B O   1 
HETATM 1639 O O   . HOH E 3 .  ? -11.753 -14.974 1.878   1.00 19.79 ? 354 HOH B O   1 
HETATM 1640 O O   . HOH E 3 .  ? 6.812   -16.182 -2.614  1.00 28.72 ? 355 HOH B O   1 
HETATM 1641 O O   . HOH E 3 .  ? -4.499  -10.496 -12.975 1.00 28.63 ? 356 HOH B O   1 
HETATM 1642 O O   . HOH E 3 .  ? 12.474  13.790  -6.091  1.00 30.47 ? 358 HOH B O   1 
HETATM 1643 O O   . HOH E 3 .  ? 15.422  0.040   6.511   1.00 37.31 ? 362 HOH B O   1 
HETATM 1644 O O   . HOH E 3 .  ? 17.681  0.340   5.092   1.00 29.33 ? 363 HOH B O   1 
HETATM 1645 O O   . HOH E 3 .  ? 13.977  -9.722  3.622   1.00 26.37 ? 364 HOH B O   1 
HETATM 1646 O O   . HOH E 3 .  ? 6.603   8.590   -5.733  1.00 28.04 ? 365 HOH B O   1 
HETATM 1647 O O   . HOH E 3 .  ? -1.805  -12.011 2.114   1.00 23.60 ? 367 HOH B O   1 
HETATM 1648 O O   . HOH E 3 .  ? 11.065  -14.879 -7.018  1.00 32.91 ? 368 HOH B O   1 
HETATM 1649 O O   . HOH E 3 .  ? 9.607   4.181   -9.788  1.00 32.23 ? 369 HOH B O   1 
HETATM 1650 O O   . HOH E 3 .  ? 11.113  6.296   -9.968  1.00 35.49 ? 370 HOH B O   1 
HETATM 1651 O O   . HOH E 3 .  ? 4.992   9.055   -7.602  1.00 26.38 ? 371 HOH B O   1 
HETATM 1652 O O   . HOH E 3 .  ? -16.507 -9.661  -3.469  1.00 37.73 ? 372 HOH B O   1 
HETATM 1653 O O   . HOH E 3 .  ? 9.905   0.724   -13.612 1.00 12.67 ? 373 HOH B O   1 
HETATM 1654 O O   . HOH E 3 .  ? -2.350  -4.243  -13.524 1.00 22.04 ? 374 HOH B O   1 
HETATM 1655 O O   . HOH E 3 .  ? 3.079   -8.139  -18.426 1.00 44.62 ? 375 HOH B O   1 
HETATM 1656 O O   . HOH E 3 .  ? 3.723   12.436  2.317   1.00 40.40 ? 380 HOH B O   1 
HETATM 1657 O O   . HOH E 3 .  ? -3.603  -15.805 0.031   1.00 45.48 ? 381 HOH B O   1 
HETATM 1658 O O   . HOH E 3 .  ? 21.479  -6.391  -9.715  1.00 41.12 ? 383 HOH B O   1 
HETATM 1659 O O   . HOH E 3 .  ? 16.890  -11.498 -9.849  1.00 36.62 ? 384 HOH B O   1 
HETATM 1660 O O   . HOH E 3 .  ? 6.385   -4.045  10.074  1.00 42.78 ? 385 HOH B O   1 
HETATM 1661 O O   . HOH E 3 .  ? 3.986   11.929  -2.529  1.00 42.49 ? 386 HOH B O   1 
HETATM 1662 O O   . HOH E 3 .  ? 4.442   -2.808  11.595  1.00 41.31 ? 388 HOH B O   1 
HETATM 1663 O O   . HOH E 3 .  ? 2.351   13.079  6.813   1.00 34.68 ? 389 HOH B O   1 
HETATM 1664 O O   . HOH E 3 .  ? 15.668  10.333  4.378   1.00 25.97 ? 390 HOH B O   1 
HETATM 1665 O O   . HOH E 3 .  ? 25.783  2.396   -6.217  1.00 31.71 ? 391 HOH B O   1 
HETATM 1666 O O   . HOH E 3 .  ? 1.678   -13.785 0.104   1.00 34.59 ? 393 HOH B O   1 
HETATM 1667 O O   . HOH E 3 .  ? 19.486  5.827   -11.982 1.00 21.69 ? 395 HOH B O   1 
HETATM 1668 O O   . HOH E 3 .  ? -0.101  -13.960 1.990   1.00 35.97 ? 398 HOH B O   1 
HETATM 1669 O O   . HOH E 3 .  ? 26.460  2.662   -14.825 1.00 44.32 ? 400 HOH B O   1 
HETATM 1670 O O   . HOH E 3 .  ? 12.963  6.094   7.893   1.00 35.86 ? 402 HOH B O   1 
HETATM 1671 O O   . HOH E 3 .  ? 14.557  10.741  -9.869  1.00 43.15 ? 405 HOH B O   1 
HETATM 1672 O O   . HOH E 3 .  ? -2.145  -11.587 -15.196 1.00 42.42 ? 412 HOH B O   1 
HETATM 1673 O O   . HOH E 3 .  ? 19.616  3.785   3.347   1.00 40.03 ? 413 HOH B O   1 
HETATM 1674 O O   . HOH E 3 .  ? 16.033  -14.341 -11.262 1.00 31.70 ? 416 HOH B O   1 
HETATM 1675 O O   . HOH E 3 .  ? 15.497  8.015   7.492   1.00 37.81 ? 417 HOH B O   1 
HETATM 1676 O O   . HOH E 3 .  ? 6.479   7.127   -9.740  1.00 33.40 ? 418 HOH B O   1 
HETATM 1677 O O   . HOH E 3 .  ? -9.728  -17.366 2.111   1.00 35.21 ? 419 HOH B O   1 
# 
